data_1YNF
#
_entry.id   1YNF
#
_cell.length_a   55.834
_cell.length_b   94.172
_cell.length_c   139.660
_cell.angle_alpha   75.41
_cell.angle_beta   78.38
_cell.angle_gamma   89.74
#
_symmetry.space_group_name_H-M   'P 1'
#
loop_
_entity.id
_entity.type
_entity.pdbx_description
1 polymer 'Succinylarginine dihydrolase'
2 non-polymer 'POTASSIUM ION'
3 water water
#
_entity_poly.entity_id   1
_entity_poly.type   'polypeptide(L)'
_entity_poly.pdbx_seq_one_letter_code
;MGSSHHHHHHGSNAWEVNFDGLVGLTHHYAGLSFGNEASTRHRFQVSNPRLAAKQGLLK(MSE)KALADAGFPQAVIPPH
ERPFIPVLRQLGFSGSDEQVLEKVARQAPHWLSSVSSASP(MSE)WVANAATIAPSADTLDGKVHLTVANLNNKFHRSLE
APVTESLLKAIFNDEEKFSVHSALPQVALLGDEGAANHNRLGGHYGEPG(MSE)QLFVYGREEGNDTRPSRYPARQTREA
SEAVARLNQVNPQQVIFAQQNPDVIDQGVFHNDVIAVSNRQVLFCHQQAFARQSQLLANLRARVNGF(MSE)AIEVPATQ
VSVSDTVSTYLFNSQLLSRDDGS(MSE)(MSE)LVLPQECREHAGVWGYLNELLAADNPISELKVFDLRES(MSE)ANGG
GPACLRLRVVLTEEERRAVNPAV(MSE)(MSE)NDTLFNALNDWVDRYYRDRLTAADLADPQLLREGREALDVLSQLLNL
GSVYPFQREGGGNG
;
_entity_poly.pdbx_strand_id   A,B,C,D,E,F
#
# COMPACT_ATOMS: atom_id res chain seq x y z
N ASN A 13 34.91 -37.52 32.94
CA ASN A 13 34.23 -36.95 34.14
C ASN A 13 33.12 -35.97 33.74
N ALA A 14 31.90 -36.46 33.79
CA ALA A 14 30.75 -35.65 33.41
C ALA A 14 30.37 -34.59 34.45
N TRP A 15 29.91 -33.45 33.96
CA TRP A 15 29.47 -32.36 34.81
C TRP A 15 28.07 -31.99 34.37
N GLU A 16 27.30 -31.40 35.28
CA GLU A 16 25.97 -30.99 34.94
C GLU A 16 26.11 -29.56 34.44
N VAL A 17 25.65 -29.29 33.22
CA VAL A 17 25.73 -27.94 32.67
C VAL A 17 24.33 -27.33 32.59
N ASN A 18 24.19 -26.13 33.14
CA ASN A 18 22.90 -25.44 33.11
C ASN A 18 22.77 -24.58 31.85
N PHE A 19 21.68 -24.79 31.12
CA PHE A 19 21.39 -24.01 29.91
C PHE A 19 20.19 -23.14 30.28
N ASP A 20 20.40 -21.83 30.33
CA ASP A 20 19.34 -20.89 30.68
C ASP A 20 18.74 -20.20 29.46
N GLY A 21 17.48 -19.80 29.61
CA GLY A 21 16.79 -19.13 28.52
C GLY A 21 16.94 -17.62 28.56
N LEU A 22 17.44 -17.04 27.47
CA LEU A 22 17.61 -15.60 27.38
C LEU A 22 16.25 -15.00 27.08
N VAL A 23 15.71 -14.23 28.02
CA VAL A 23 14.39 -13.61 27.84
C VAL A 23 14.20 -12.85 26.53
N GLY A 24 13.10 -13.12 25.84
CA GLY A 24 12.83 -12.46 24.58
C GLY A 24 12.35 -11.02 24.71
N LEU A 25 12.38 -10.30 23.59
CA LEU A 25 11.97 -8.89 23.51
C LEU A 25 10.48 -8.61 23.76
N THR A 26 9.61 -9.59 23.58
CA THR A 26 8.19 -9.35 23.79
C THR A 26 7.67 -9.74 25.17
N HIS A 27 8.58 -10.00 26.11
CA HIS A 27 8.20 -10.36 27.48
C HIS A 27 7.10 -9.38 27.93
N HIS A 28 5.94 -9.92 28.28
CA HIS A 28 4.84 -9.07 28.72
C HIS A 28 3.81 -9.80 29.60
N TYR A 29 2.90 -9.03 30.18
CA TYR A 29 1.86 -9.58 31.05
C TYR A 29 0.52 -9.60 30.33
N ALA A 30 -0.11 -10.77 30.30
CA ALA A 30 -1.42 -10.93 29.67
C ALA A 30 -2.37 -11.68 30.58
N HIS A 42 -1.14 -10.85 40.30
CA HIS A 42 -0.85 -9.42 40.29
C HIS A 42 -1.58 -8.71 39.14
N ARG A 43 -1.60 -7.38 39.19
CA ARG A 43 -2.28 -6.59 38.17
C ARG A 43 -1.37 -5.73 37.29
N PHE A 44 -0.06 -5.86 37.41
CA PHE A 44 0.81 -5.05 36.56
C PHE A 44 0.56 -5.34 35.08
N GLN A 45 0.59 -4.29 34.28
CA GLN A 45 0.37 -4.41 32.83
C GLN A 45 1.61 -3.98 32.08
N VAL A 46 2.51 -3.28 32.77
CA VAL A 46 3.73 -2.80 32.14
C VAL A 46 4.92 -3.68 32.49
N SER A 47 5.53 -4.28 31.48
CA SER A 47 6.69 -5.14 31.71
C SER A 47 7.95 -4.44 31.27
N ASN A 48 9.10 -4.97 31.70
CA ASN A 48 10.40 -4.43 31.35
C ASN A 48 11.24 -5.54 30.73
N PRO A 49 11.10 -5.76 29.42
CA PRO A 49 11.85 -6.81 28.70
C PRO A 49 13.34 -6.74 28.95
N ARG A 50 13.92 -5.55 28.79
CA ARG A 50 15.35 -5.36 28.99
C ARG A 50 15.80 -5.82 30.38
N LEU A 51 15.10 -5.38 31.42
CA LEU A 51 15.46 -5.77 32.77
C LEU A 51 15.27 -7.27 32.98
N ALA A 52 14.25 -7.83 32.35
CA ALA A 52 13.98 -9.25 32.48
C ALA A 52 15.17 -10.05 31.96
N ALA A 53 15.70 -9.63 30.82
CA ALA A 53 16.84 -10.31 30.22
C ALA A 53 18.10 -10.15 31.06
N LYS A 54 18.35 -8.92 31.51
CA LYS A 54 19.53 -8.65 32.32
C LYS A 54 19.51 -9.41 33.65
N GLN A 55 18.34 -9.53 34.28
CA GLN A 55 18.25 -10.26 35.54
C GLN A 55 18.63 -11.72 35.28
N GLY A 56 18.19 -12.25 34.15
CA GLY A 56 18.49 -13.61 33.81
C GLY A 56 19.97 -13.82 33.50
N LEU A 57 20.55 -12.86 32.78
CA LEU A 57 21.96 -12.93 32.44
C LEU A 57 22.81 -12.86 33.69
N LEU A 58 22.41 -12.03 34.63
CA LEU A 58 23.13 -11.89 35.89
C LEU A 58 23.22 -13.21 36.62
N LYS A 59 22.11 -13.93 36.70
CA LYS A 59 22.11 -15.21 37.39
C LYS A 59 23.04 -16.17 36.66
N LYS A 61 25.65 -15.53 34.73
CA LYS A 61 27.04 -15.13 34.93
C LYS A 61 27.55 -15.45 36.34
N ALA A 62 26.76 -15.13 37.35
CA ALA A 62 27.15 -15.39 38.74
C ALA A 62 27.47 -16.87 38.97
N LEU A 63 26.58 -17.75 38.50
CA LEU A 63 26.82 -19.17 38.68
C LEU A 63 28.04 -19.61 37.88
N ALA A 64 28.19 -19.10 36.66
CA ALA A 64 29.34 -19.44 35.84
C ALA A 64 30.61 -19.04 36.58
N ASP A 65 30.64 -17.80 37.07
CA ASP A 65 31.82 -17.31 37.79
C ASP A 65 32.12 -18.15 39.01
N ALA A 66 31.09 -18.63 39.69
CA ALA A 66 31.28 -19.45 40.89
C ALA A 66 31.75 -20.87 40.56
N GLY A 67 31.89 -21.18 39.29
CA GLY A 67 32.36 -22.50 38.91
C GLY A 67 31.36 -23.53 38.42
N PHE A 68 30.10 -23.12 38.29
CA PHE A 68 29.07 -24.04 37.81
C PHE A 68 28.88 -23.89 36.29
N PRO A 69 29.23 -24.92 35.50
CA PRO A 69 29.10 -24.89 34.04
C PRO A 69 27.77 -24.26 33.61
N GLN A 70 27.85 -23.24 32.76
CA GLN A 70 26.67 -22.51 32.32
C GLN A 70 26.67 -22.22 30.82
N ALA A 71 25.48 -22.25 30.22
CA ALA A 71 25.30 -21.99 28.80
C ALA A 71 23.97 -21.25 28.61
N VAL A 72 23.65 -20.89 27.36
CA VAL A 72 22.43 -20.15 27.08
C VAL A 72 21.65 -20.65 25.86
N ILE A 73 20.33 -20.43 25.90
CA ILE A 73 19.41 -20.80 24.82
C ILE A 73 18.66 -19.51 24.46
N PRO A 74 18.67 -19.11 23.19
CA PRO A 74 18.01 -17.90 22.68
C PRO A 74 16.49 -17.87 22.69
N PRO A 75 15.90 -16.66 22.63
CA PRO A 75 14.44 -16.48 22.62
C PRO A 75 13.90 -16.86 21.25
N HIS A 76 12.58 -16.80 21.06
CA HIS A 76 11.98 -17.16 19.78
C HIS A 76 11.44 -15.97 18.99
N GLU A 77 11.00 -16.27 17.77
CA GLU A 77 10.42 -15.29 16.85
C GLU A 77 9.08 -14.83 17.40
N ARG A 78 9.02 -13.58 17.86
CA ARG A 78 7.80 -13.02 18.44
C ARG A 78 7.59 -11.57 18.02
N PRO A 79 6.38 -11.19 17.58
CA PRO A 79 5.18 -12.04 17.43
C PRO A 79 5.44 -13.13 16.42
N PHE A 80 4.73 -14.25 16.55
CA PHE A 80 4.89 -15.37 15.62
C PHE A 80 3.77 -15.30 14.58
N ILE A 81 4.02 -14.57 13.50
CA ILE A 81 3.04 -14.39 12.43
C ILE A 81 2.55 -15.67 11.74
N PRO A 82 3.43 -16.65 11.52
CA PRO A 82 2.97 -17.88 10.86
C PRO A 82 1.71 -18.54 11.45
N VAL A 83 1.55 -18.51 12.77
CA VAL A 83 0.37 -19.11 13.38
C VAL A 83 -0.85 -18.24 13.14
N LEU A 84 -0.64 -16.93 12.98
CA LEU A 84 -1.75 -16.01 12.72
C LEU A 84 -2.29 -16.32 11.34
N ARG A 85 -1.41 -16.69 10.41
CA ARG A 85 -1.83 -17.05 9.06
C ARG A 85 -2.61 -18.36 9.12
N GLN A 86 -2.18 -19.25 10.00
CA GLN A 86 -2.83 -20.55 10.16
C GLN A 86 -4.25 -20.30 10.70
N LEU A 87 -4.41 -19.18 11.40
CA LEU A 87 -5.71 -18.83 11.98
C LEU A 87 -6.63 -18.08 11.01
N GLY A 88 -6.17 -17.90 9.78
CA GLY A 88 -7.01 -17.25 8.79
C GLY A 88 -6.70 -15.81 8.38
N PHE A 89 -5.68 -15.21 8.95
CA PHE A 89 -5.33 -13.84 8.58
C PHE A 89 -4.25 -13.85 7.51
N SER A 90 -4.58 -13.26 6.36
CA SER A 90 -3.64 -13.23 5.25
C SER A 90 -3.07 -11.86 4.95
N GLY A 91 -2.09 -11.83 4.04
CA GLY A 91 -1.46 -10.59 3.66
C GLY A 91 0.01 -10.64 4.01
N SER A 92 0.63 -9.47 4.14
CA SER A 92 2.05 -9.41 4.49
C SER A 92 2.12 -9.47 6.01
N ASP A 93 3.32 -9.68 6.55
CA ASP A 93 3.49 -9.76 8.01
C ASP A 93 2.84 -8.57 8.69
N GLU A 94 3.03 -7.40 8.11
CA GLU A 94 2.46 -6.17 8.69
C GLU A 94 0.95 -6.11 8.57
N GLN A 95 0.42 -6.54 7.43
CA GLN A 95 -1.02 -6.52 7.23
C GLN A 95 -1.71 -7.52 8.15
N VAL A 96 -1.10 -8.70 8.29
CA VAL A 96 -1.65 -9.73 9.16
C VAL A 96 -1.72 -9.15 10.56
N LEU A 97 -0.62 -8.55 10.98
CA LEU A 97 -0.49 -7.94 12.30
C LEU A 97 -1.60 -6.89 12.50
N GLU A 98 -1.80 -6.08 11.46
CA GLU A 98 -2.81 -5.02 11.47
C GLU A 98 -4.23 -5.61 11.53
N LYS A 99 -4.47 -6.62 10.71
CA LYS A 99 -5.79 -7.25 10.70
C LYS A 99 -6.12 -7.86 12.05
N VAL A 100 -5.15 -8.54 12.66
CA VAL A 100 -5.36 -9.15 13.96
C VAL A 100 -5.60 -8.08 15.03
N ALA A 101 -4.79 -7.03 14.99
CA ALA A 101 -4.92 -5.95 15.96
C ALA A 101 -6.33 -5.36 15.87
N ARG A 102 -6.82 -5.18 14.65
CA ARG A 102 -8.16 -4.62 14.45
C ARG A 102 -9.29 -5.61 14.72
N GLN A 103 -9.19 -6.79 14.12
CA GLN A 103 -10.21 -7.82 14.23
C GLN A 103 -10.24 -8.70 15.46
N ALA A 104 -9.09 -9.24 15.85
CA ALA A 104 -9.04 -10.12 17.02
C ALA A 104 -7.72 -9.93 17.75
N PRO A 105 -7.53 -8.75 18.35
CA PRO A 105 -6.33 -8.37 19.10
C PRO A 105 -5.87 -9.33 20.20
N HIS A 106 -6.78 -10.15 20.73
CA HIS A 106 -6.39 -11.06 21.79
C HIS A 106 -5.38 -12.11 21.33
N TRP A 107 -5.33 -12.39 20.03
CA TRP A 107 -4.37 -13.36 19.51
C TRP A 107 -2.95 -12.82 19.58
N LEU A 108 -2.80 -11.50 19.47
CA LEU A 108 -1.48 -10.88 19.53
C LEU A 108 -0.68 -11.34 20.74
N SER A 109 -1.31 -11.29 21.91
CA SER A 109 -0.66 -11.70 23.13
C SER A 109 -0.29 -13.17 23.11
N SER A 110 -1.20 -14.01 22.62
CA SER A 110 -0.94 -15.44 22.60
C SER A 110 0.17 -15.87 21.64
N VAL A 111 0.52 -15.00 20.68
CA VAL A 111 1.58 -15.34 19.75
C VAL A 111 2.80 -14.46 19.99
N SER A 112 2.82 -13.75 21.11
CA SER A 112 3.95 -12.88 21.44
C SER A 112 4.53 -13.12 22.82
N SER A 113 4.25 -14.29 23.38
CA SER A 113 4.76 -14.64 24.71
C SER A 113 6.25 -14.95 24.70
N ALA A 114 6.95 -14.51 25.75
CA ALA A 114 8.38 -14.78 25.86
C ALA A 114 8.55 -16.07 26.68
N SER A 115 7.48 -16.86 26.76
CA SER A 115 7.48 -18.12 27.51
C SER A 115 8.62 -19.10 27.22
N PRO A 116 9.20 -19.06 26.00
CA PRO A 116 10.30 -20.00 25.70
C PRO A 116 11.47 -19.85 26.69
N TRP A 118 11.48 -20.16 29.72
CA TRP A 118 11.45 -21.22 30.72
C TRP A 118 11.83 -22.53 30.05
N VAL A 119 13.13 -22.67 29.78
CA VAL A 119 13.67 -23.86 29.12
C VAL A 119 13.59 -25.14 29.94
N ALA A 120 13.14 -25.04 31.18
CA ALA A 120 12.99 -26.23 32.00
C ALA A 120 11.91 -27.07 31.31
N ASN A 121 11.08 -26.41 30.50
CA ASN A 121 10.01 -27.08 29.77
C ASN A 121 10.36 -27.36 28.31
N ALA A 122 11.56 -26.98 27.90
CA ALA A 122 12.00 -27.17 26.53
C ALA A 122 12.05 -28.63 26.10
N ALA A 123 12.59 -29.48 26.97
CA ALA A 123 12.72 -30.89 26.67
C ALA A 123 13.09 -31.73 27.89
N THR A 124 13.23 -33.04 27.66
CA THR A 124 13.61 -33.99 28.70
C THR A 124 14.99 -34.53 28.31
N ILE A 125 15.92 -34.53 29.25
CA ILE A 125 17.29 -34.97 29.00
C ILE A 125 17.67 -36.34 29.55
N ALA A 126 18.45 -37.09 28.78
CA ALA A 126 18.93 -38.40 29.20
C ALA A 126 20.45 -38.41 28.98
N PRO A 127 21.24 -38.29 30.06
CA PRO A 127 22.71 -38.28 29.95
C PRO A 127 23.17 -39.59 29.30
N SER A 128 24.30 -39.56 28.60
CA SER A 128 24.82 -40.76 27.94
C SER A 128 25.05 -41.94 28.89
N ALA A 129 25.21 -41.64 30.17
CA ALA A 129 25.42 -42.69 31.16
C ALA A 129 24.16 -43.53 31.41
N ASP A 130 23.01 -43.05 30.94
CA ASP A 130 21.74 -43.78 31.14
C ASP A 130 21.15 -44.35 29.86
N THR A 131 21.74 -44.01 28.73
CA THR A 131 21.23 -44.44 27.42
C THR A 131 21.74 -45.78 26.89
N LEU A 132 20.88 -46.48 26.16
CA LEU A 132 21.22 -47.76 25.59
C LEU A 132 22.20 -47.67 24.44
N ASP A 133 22.24 -46.54 23.76
CA ASP A 133 23.17 -46.37 22.65
C ASP A 133 24.34 -45.45 23.00
N GLY A 134 24.51 -45.18 24.29
CA GLY A 134 25.60 -44.34 24.77
C GLY A 134 25.65 -42.88 24.35
N LYS A 135 24.57 -42.36 23.76
CA LYS A 135 24.53 -40.97 23.33
C LYS A 135 23.64 -40.13 24.25
N VAL A 136 23.77 -38.81 24.15
CA VAL A 136 22.93 -37.92 24.95
C VAL A 136 21.62 -37.73 24.18
N HIS A 137 20.49 -37.97 24.83
CA HIS A 137 19.20 -37.82 24.17
C HIS A 137 18.40 -36.65 24.73
N LEU A 138 17.76 -35.91 23.83
CA LEU A 138 16.93 -34.77 24.22
C LEU A 138 15.63 -34.85 23.42
N THR A 139 14.50 -34.96 24.12
CA THR A 139 13.20 -35.03 23.49
C THR A 139 12.44 -33.73 23.78
N VAL A 140 12.12 -33.00 22.72
CA VAL A 140 11.38 -31.74 22.84
C VAL A 140 10.00 -31.97 23.45
N ALA A 141 9.60 -31.10 24.36
CA ALA A 141 8.27 -31.22 25.00
C ALA A 141 7.22 -30.54 24.12
N ASN A 142 6.08 -31.18 23.90
CA ASN A 142 5.04 -30.57 23.09
C ASN A 142 4.37 -29.37 23.77
N LEU A 143 4.33 -29.39 25.10
CA LEU A 143 3.71 -28.33 25.88
C LEU A 143 2.31 -28.06 25.33
N ASN A 144 1.60 -29.15 25.04
CA ASN A 144 0.26 -29.11 24.47
C ASN A 144 -0.83 -28.41 25.29
N ASN A 145 -0.73 -28.44 26.61
CA ASN A 145 -1.76 -27.83 27.46
C ASN A 145 -2.05 -26.35 27.20
N LYS A 146 -1.02 -25.54 27.03
CA LYS A 146 -1.19 -24.10 26.80
C LYS A 146 -0.88 -23.72 25.36
N PHE A 147 -1.87 -23.18 24.66
CA PHE A 147 -1.69 -22.78 23.27
C PHE A 147 -0.41 -21.97 23.02
N HIS A 148 -0.19 -20.90 23.79
CA HIS A 148 1.00 -20.07 23.57
C HIS A 148 2.32 -20.81 23.74
N ARG A 149 2.35 -21.84 24.58
CA ARG A 149 3.58 -22.60 24.76
C ARG A 149 3.69 -23.74 23.74
N SER A 150 2.55 -24.22 23.22
CA SER A 150 2.55 -25.30 22.24
C SER A 150 3.22 -24.86 20.94
N LEU A 151 3.30 -23.55 20.75
CA LEU A 151 3.92 -22.96 19.56
C LEU A 151 5.42 -23.10 19.57
N GLU A 152 5.97 -23.36 20.75
CA GLU A 152 7.42 -23.46 20.91
C GLU A 152 8.13 -24.66 20.29
N ALA A 153 7.60 -25.86 20.48
CA ALA A 153 8.23 -27.10 20.00
C ALA A 153 9.04 -27.05 18.69
N PRO A 154 8.43 -26.65 17.57
CA PRO A 154 9.18 -26.61 16.32
C PRO A 154 10.46 -25.78 16.36
N VAL A 155 10.36 -24.58 16.91
CA VAL A 155 11.52 -23.70 16.99
C VAL A 155 12.51 -24.21 18.04
N THR A 156 11.97 -24.74 19.15
CA THR A 156 12.83 -25.27 20.20
C THR A 156 13.65 -26.43 19.63
N GLU A 157 13.04 -27.21 18.73
CA GLU A 157 13.76 -28.32 18.14
C GLU A 157 14.94 -27.82 17.29
N SER A 158 14.69 -26.79 16.48
CA SER A 158 15.73 -26.22 15.64
C SER A 158 16.88 -25.68 16.49
N LEU A 159 16.55 -24.99 17.58
CA LEU A 159 17.58 -24.44 18.46
C LEU A 159 18.43 -25.55 19.10
N LEU A 160 17.78 -26.60 19.59
CA LEU A 160 18.53 -27.68 20.22
C LEU A 160 19.44 -28.37 19.21
N LYS A 161 18.97 -28.54 17.98
CA LYS A 161 19.77 -29.18 16.95
C LYS A 161 20.95 -28.29 16.53
N ALA A 162 20.81 -26.99 16.70
CA ALA A 162 21.89 -26.06 16.32
C ALA A 162 22.89 -25.93 17.47
N ILE A 163 22.45 -26.24 18.69
CA ILE A 163 23.34 -26.15 19.85
C ILE A 163 24.01 -27.52 20.09
N PHE A 164 23.22 -28.59 20.02
CA PHE A 164 23.74 -29.95 20.20
C PHE A 164 23.74 -30.54 18.80
N ASN A 165 24.58 -29.96 17.95
CA ASN A 165 24.66 -30.35 16.55
C ASN A 165 25.39 -31.64 16.18
N ASP A 166 26.39 -32.03 16.96
CA ASP A 166 27.16 -33.25 16.69
C ASP A 166 26.28 -34.49 16.90
N GLU A 167 25.81 -35.08 15.81
CA GLU A 167 24.94 -36.25 15.92
C GLU A 167 25.57 -37.53 16.45
N GLU A 168 26.90 -37.57 16.54
CA GLU A 168 27.58 -38.75 17.07
C GLU A 168 27.51 -38.72 18.60
N LYS A 169 27.27 -37.52 19.14
CA LYS A 169 27.18 -37.31 20.58
C LYS A 169 25.77 -37.01 21.07
N PHE A 170 24.97 -36.33 20.23
CA PHE A 170 23.61 -35.95 20.63
C PHE A 170 22.50 -36.42 19.70
N SER A 171 21.37 -36.78 20.30
CA SER A 171 20.19 -37.23 19.54
C SER A 171 18.95 -36.46 19.99
N VAL A 172 18.47 -35.57 19.13
CA VAL A 172 17.29 -34.76 19.42
C VAL A 172 16.07 -35.39 18.77
N HIS A 173 15.06 -35.67 19.59
CA HIS A 173 13.83 -36.27 19.09
C HIS A 173 12.71 -35.22 19.10
N SER A 174 11.85 -35.29 18.09
CA SER A 174 10.75 -34.34 17.98
C SER A 174 9.73 -34.58 19.08
N ALA A 175 8.96 -33.53 19.36
CA ALA A 175 7.94 -33.59 20.40
C ALA A 175 6.84 -34.61 20.09
N LEU A 176 6.24 -35.12 21.15
CA LEU A 176 5.15 -36.08 21.07
C LEU A 176 3.95 -35.43 20.38
N PRO A 177 3.02 -36.24 19.86
CA PRO A 177 1.83 -35.71 19.19
C PRO A 177 1.16 -34.68 20.09
N GLN A 178 0.64 -33.62 19.48
CA GLN A 178 -0.03 -32.55 20.21
C GLN A 178 -1.50 -32.88 20.54
N VAL A 179 -1.70 -33.66 21.60
CA VAL A 179 -3.03 -34.04 22.08
C VAL A 179 -2.98 -34.11 23.60
N ALA A 180 -4.11 -33.85 24.25
CA ALA A 180 -4.17 -33.87 25.71
C ALA A 180 -3.70 -35.20 26.30
N LEU A 181 -3.93 -36.29 25.58
CA LEU A 181 -3.53 -37.62 26.03
C LEU A 181 -2.03 -37.74 26.23
N LEU A 182 -1.27 -36.94 25.47
CA LEU A 182 0.17 -37.00 25.55
C LEU A 182 0.80 -35.69 25.99
N GLY A 183 0.10 -34.97 26.88
CA GLY A 183 0.62 -33.71 27.37
C GLY A 183 1.97 -33.92 28.01
N ASP A 184 2.96 -33.17 27.54
CA ASP A 184 4.32 -33.29 28.05
C ASP A 184 4.89 -31.89 28.33
N GLU A 185 5.39 -31.70 29.55
CA GLU A 185 5.96 -30.42 29.96
C GLU A 185 7.48 -30.49 30.17
N GLY A 186 8.09 -31.60 29.75
CA GLY A 186 9.54 -31.76 29.83
C GLY A 186 10.24 -31.92 31.16
N ALA A 187 11.48 -31.45 31.20
CA ALA A 187 12.34 -31.54 32.37
C ALA A 187 11.72 -31.03 33.65
N ALA A 188 10.83 -30.04 33.56
CA ALA A 188 10.18 -29.51 34.75
C ALA A 188 9.55 -30.61 35.60
N ASN A 189 9.26 -31.75 34.98
CA ASN A 189 8.66 -32.88 35.69
C ASN A 189 9.62 -34.06 35.78
N HIS A 190 10.89 -33.81 35.46
CA HIS A 190 11.91 -34.85 35.46
C HIS A 190 12.86 -34.69 36.65
N ASN A 191 13.53 -35.78 37.01
CA ASN A 191 14.48 -35.82 38.12
C ASN A 191 15.55 -36.88 37.85
N ARG A 192 16.75 -36.68 38.38
CA ARG A 192 17.82 -37.65 38.20
C ARG A 192 18.61 -37.78 39.49
N LEU A 193 18.60 -38.98 40.06
CA LEU A 193 19.29 -39.26 41.31
C LEU A 193 20.40 -40.29 41.13
N GLY A 194 21.49 -40.12 41.87
CA GLY A 194 22.59 -41.05 41.79
C GLY A 194 23.86 -40.53 42.45
N GLY A 195 24.96 -41.24 42.27
CA GLY A 195 26.21 -40.81 42.85
C GLY A 195 26.74 -39.65 42.03
N HIS A 196 27.84 -39.87 41.34
CA HIS A 196 28.40 -38.83 40.51
C HIS A 196 27.59 -38.71 39.23
N TYR A 197 27.48 -37.48 38.72
CA TYR A 197 26.73 -37.19 37.51
C TYR A 197 27.04 -38.15 36.37
N GLY A 198 28.32 -38.43 36.14
CA GLY A 198 28.75 -39.30 35.06
C GLY A 198 28.39 -40.77 35.19
N GLU A 199 27.98 -41.20 36.38
CA GLU A 199 27.59 -42.58 36.60
C GLU A 199 26.13 -42.79 36.24
N PRO A 200 25.74 -44.04 35.94
CA PRO A 200 24.34 -44.31 35.59
C PRO A 200 23.46 -43.83 36.73
N GLY A 201 22.44 -43.04 36.39
CA GLY A 201 21.57 -42.52 37.43
C GLY A 201 20.16 -43.06 37.38
N GLN A 203 16.35 -42.22 37.03
CA GLN A 203 15.47 -41.18 36.50
C GLN A 203 14.07 -41.30 37.06
N LEU A 204 13.56 -40.18 37.54
CA LEU A 204 12.22 -40.13 38.13
C LEU A 204 11.31 -39.21 37.32
N PHE A 205 10.31 -39.79 36.68
CA PHE A 205 9.35 -39.05 35.87
C PHE A 205 8.08 -38.83 36.69
N VAL A 206 7.72 -37.56 36.88
CA VAL A 206 6.52 -37.23 37.64
C VAL A 206 5.43 -36.75 36.68
N TYR A 207 4.23 -37.32 36.83
CA TYR A 207 3.09 -36.96 36.00
C TYR A 207 1.91 -36.56 36.88
N GLY A 208 0.93 -35.90 36.28
CA GLY A 208 -0.24 -35.46 37.02
C GLY A 208 -1.47 -36.31 36.78
N ARG A 209 -1.52 -37.01 35.66
CA ARG A 209 -2.65 -37.87 35.36
C ARG A 209 -2.30 -39.00 34.42
N GLU A 210 -3.14 -40.03 34.42
CA GLU A 210 -2.96 -41.18 33.56
C GLU A 210 -4.33 -41.75 33.26
N GLU A 211 -4.48 -42.33 32.07
CA GLU A 211 -5.75 -42.91 31.68
C GLU A 211 -6.17 -44.07 32.58
N GLY A 212 -7.45 -44.11 32.93
CA GLY A 212 -7.95 -45.16 33.79
C GLY A 212 -7.83 -44.84 35.27
N ASN A 213 -6.91 -43.95 35.61
CA ASN A 213 -6.72 -43.56 37.01
C ASN A 213 -7.63 -42.38 37.35
N ASP A 214 -8.62 -42.65 38.18
CA ASP A 214 -9.59 -41.64 38.62
C ASP A 214 -8.95 -40.56 39.49
N THR A 215 -7.74 -40.83 39.95
CA THR A 215 -7.02 -39.89 40.79
C THR A 215 -6.31 -38.85 39.92
N ARG A 216 -6.83 -37.62 39.93
CA ARG A 216 -6.24 -36.54 39.14
C ARG A 216 -6.80 -35.19 39.60
N PRO A 217 -6.07 -34.09 39.29
CA PRO A 217 -6.50 -32.74 39.66
C PRO A 217 -7.95 -32.48 39.25
N SER A 218 -8.67 -31.68 40.05
CA SER A 218 -10.07 -31.38 39.74
C SER A 218 -10.35 -29.89 39.61
N ARG A 219 -9.31 -29.07 39.70
CA ARG A 219 -9.45 -27.63 39.62
C ARG A 219 -8.47 -27.06 38.58
N TYR A 220 -7.30 -27.67 38.51
CA TYR A 220 -6.24 -27.28 37.59
C TYR A 220 -5.84 -28.52 36.80
N PRO A 221 -6.30 -28.66 35.55
CA PRO A 221 -5.97 -29.82 34.72
C PRO A 221 -4.47 -30.17 34.75
N ALA A 222 -4.17 -31.46 34.75
CA ALA A 222 -2.78 -31.92 34.78
C ALA A 222 -2.18 -31.79 33.39
N ARG A 223 -1.08 -31.05 33.28
CA ARG A 223 -0.45 -30.86 31.98
C ARG A 223 0.39 -32.06 31.54
N GLN A 224 0.84 -32.87 32.52
CA GLN A 224 1.68 -34.04 32.25
C GLN A 224 0.92 -35.34 32.42
N THR A 225 0.95 -36.19 31.41
CA THR A 225 0.26 -37.49 31.50
C THR A 225 1.34 -38.57 31.58
N ARG A 226 1.01 -39.67 32.23
CA ARG A 226 1.96 -40.76 32.38
C ARG A 226 2.30 -41.32 31.00
N GLU A 227 1.30 -41.38 30.12
CA GLU A 227 1.50 -41.89 28.78
C GLU A 227 2.60 -41.10 28.08
N ALA A 228 2.64 -39.79 28.27
CA ALA A 228 3.68 -38.96 27.66
C ALA A 228 5.04 -39.27 28.28
N SER A 229 5.07 -39.32 29.61
CA SER A 229 6.32 -39.59 30.33
C SER A 229 6.94 -40.90 29.87
N GLU A 230 6.12 -41.94 29.75
CA GLU A 230 6.60 -43.24 29.32
C GLU A 230 7.13 -43.21 27.88
N ALA A 231 6.50 -42.39 27.04
CA ALA A 231 6.93 -42.29 25.64
C ALA A 231 8.28 -41.59 25.56
N VAL A 232 8.47 -40.55 26.36
CA VAL A 232 9.73 -39.84 26.37
C VAL A 232 10.82 -40.78 26.88
N ALA A 233 10.49 -41.57 27.91
CA ALA A 233 11.47 -42.51 28.47
C ALA A 233 11.94 -43.44 27.35
N ARG A 234 11.00 -43.87 26.50
CA ARG A 234 11.33 -44.74 25.37
C ARG A 234 12.18 -44.01 24.35
N LEU A 235 11.73 -42.82 23.95
CA LEU A 235 12.48 -42.03 22.96
C LEU A 235 13.91 -41.77 23.42
N ASN A 236 14.09 -41.49 24.71
CA ASN A 236 15.42 -41.20 25.23
C ASN A 236 16.26 -42.44 25.53
N GLN A 237 15.81 -43.60 25.08
CA GLN A 237 16.53 -44.86 25.25
C GLN A 237 16.99 -45.08 26.69
N VAL A 238 16.12 -44.77 27.64
CA VAL A 238 16.42 -44.91 29.06
C VAL A 238 16.37 -46.37 29.49
N ASN A 239 17.41 -46.82 30.18
CA ASN A 239 17.44 -48.19 30.67
C ASN A 239 16.25 -48.39 31.59
N PRO A 240 15.38 -49.38 31.27
CA PRO A 240 14.18 -49.71 32.03
C PRO A 240 14.36 -49.82 33.54
N GLN A 241 15.55 -50.25 33.97
CA GLN A 241 15.81 -50.39 35.40
C GLN A 241 16.27 -49.09 36.05
N GLN A 242 16.50 -48.07 35.22
CA GLN A 242 16.93 -46.77 35.72
C GLN A 242 15.83 -45.72 35.60
N VAL A 243 14.58 -46.15 35.61
CA VAL A 243 13.46 -45.23 35.51
C VAL A 243 12.31 -45.58 36.46
N ILE A 244 11.71 -44.54 37.04
CA ILE A 244 10.58 -44.70 37.95
C ILE A 244 9.55 -43.63 37.61
N PHE A 245 8.29 -44.04 37.50
CA PHE A 245 7.21 -43.11 37.22
C PHE A 245 6.41 -42.92 38.50
N ALA A 246 6.27 -41.68 38.94
CA ALA A 246 5.52 -41.38 40.15
C ALA A 246 4.49 -40.30 39.86
N GLN A 247 3.31 -40.44 40.46
CA GLN A 247 2.24 -39.48 40.26
C GLN A 247 2.33 -38.35 41.28
N GLN A 248 2.14 -37.12 40.80
CA GLN A 248 2.17 -35.96 41.66
C GLN A 248 0.92 -36.02 42.54
N ASN A 249 1.00 -35.47 43.74
CA ASN A 249 -0.16 -35.45 44.63
C ASN A 249 -1.17 -34.51 43.97
N PRO A 250 -2.37 -35.01 43.64
CA PRO A 250 -3.42 -34.22 42.99
C PRO A 250 -3.88 -32.99 43.78
N ASP A 251 -3.81 -33.08 45.11
CA ASP A 251 -4.24 -31.97 45.95
C ASP A 251 -3.27 -30.79 45.87
N VAL A 252 -1.99 -31.09 45.61
CA VAL A 252 -0.99 -30.03 45.52
C VAL A 252 -1.12 -29.32 44.18
N ILE A 253 -1.52 -30.07 43.16
CA ILE A 253 -1.69 -29.51 41.82
C ILE A 253 -2.84 -28.50 41.85
N ASP A 254 -3.92 -28.86 42.52
CA ASP A 254 -5.07 -27.97 42.62
C ASP A 254 -4.75 -26.71 43.42
N GLN A 255 -3.58 -26.69 44.06
CA GLN A 255 -3.18 -25.52 44.86
C GLN A 255 -2.17 -24.63 44.15
N GLY A 256 -1.79 -24.98 42.93
CA GLY A 256 -0.85 -24.16 42.20
C GLY A 256 0.42 -24.84 41.71
N VAL A 257 0.60 -26.10 42.06
CA VAL A 257 1.78 -26.85 41.64
C VAL A 257 1.52 -27.47 40.27
N PHE A 258 1.73 -26.69 39.21
CA PHE A 258 1.48 -27.17 37.85
C PHE A 258 2.59 -28.02 37.25
N HIS A 259 3.74 -28.05 37.92
CA HIS A 259 4.89 -28.85 37.50
C HIS A 259 5.59 -29.34 38.76
N ASN A 260 6.29 -30.47 38.68
CA ASN A 260 6.98 -31.03 39.82
C ASN A 260 8.05 -30.08 40.38
N ASP A 261 8.65 -29.26 39.52
CA ASP A 261 9.70 -28.35 39.95
C ASP A 261 9.20 -27.14 40.75
N VAL A 262 7.98 -27.25 41.27
CA VAL A 262 7.40 -26.18 42.09
C VAL A 262 7.15 -26.77 43.49
N ILE A 263 7.37 -28.08 43.62
CA ILE A 263 7.15 -28.76 44.89
C ILE A 263 8.30 -29.71 45.28
N ALA A 264 9.25 -29.90 44.36
CA ALA A 264 10.38 -30.79 44.59
C ALA A 264 11.52 -30.60 43.59
N VAL A 265 12.74 -30.86 44.04
CA VAL A 265 13.91 -30.76 43.19
C VAL A 265 14.99 -31.76 43.61
N SER A 266 15.66 -32.35 42.63
CA SER A 266 16.69 -33.33 42.94
C SER A 266 18.08 -32.91 42.48
N ASN A 267 19.08 -33.59 43.04
CA ASN A 267 20.47 -33.36 42.69
C ASN A 267 21.36 -34.40 43.35
N ARG A 268 22.04 -35.20 42.54
CA ARG A 268 22.92 -36.24 43.03
C ARG A 268 22.10 -37.22 43.85
N GLN A 269 22.45 -37.37 45.12
CA GLN A 269 21.75 -38.31 45.99
C GLN A 269 20.63 -37.67 46.81
N VAL A 270 20.44 -36.36 46.64
CA VAL A 270 19.42 -35.63 47.40
C VAL A 270 18.14 -35.29 46.65
N LEU A 271 17.02 -35.46 47.34
CA LEU A 271 15.71 -35.11 46.81
C LEU A 271 15.07 -34.18 47.83
N PHE A 272 15.08 -32.88 47.51
CA PHE A 272 14.51 -31.86 48.36
C PHE A 272 13.03 -31.69 47.94
N CYS A 273 12.12 -32.12 48.79
CA CYS A 273 10.70 -32.04 48.46
C CYS A 273 9.80 -31.73 49.63
N HIS A 274 8.57 -31.33 49.32
CA HIS A 274 7.57 -31.03 50.33
C HIS A 274 6.91 -32.35 50.72
N GLN A 275 6.42 -32.45 51.95
CA GLN A 275 5.79 -33.68 52.39
C GLN A 275 4.55 -34.04 51.58
N GLN A 276 3.88 -33.04 51.03
CA GLN A 276 2.66 -33.27 50.24
C GLN A 276 2.94 -33.31 48.74
N ALA A 277 4.19 -33.56 48.38
CA ALA A 277 4.60 -33.60 46.98
C ALA A 277 4.08 -34.76 46.13
N PHE A 278 4.23 -35.99 46.60
CA PHE A 278 3.81 -37.14 45.81
C PHE A 278 2.65 -37.96 46.37
N ALA A 279 1.88 -38.54 45.46
CA ALA A 279 0.72 -39.36 45.80
C ALA A 279 1.05 -40.46 46.82
N ARG A 280 2.02 -41.31 46.51
CA ARG A 280 2.39 -42.37 47.46
C ARG A 280 3.82 -42.10 47.92
N GLN A 281 4.02 -40.89 48.46
CA GLN A 281 5.35 -40.47 48.89
C GLN A 281 6.15 -41.49 49.70
N SER A 282 5.58 -41.99 50.79
CA SER A 282 6.28 -42.97 51.62
C SER A 282 6.86 -44.11 50.78
N GLN A 283 6.05 -44.70 49.92
CA GLN A 283 6.50 -45.79 49.09
C GLN A 283 7.57 -45.36 48.09
N LEU A 284 7.40 -44.18 47.50
CA LEU A 284 8.36 -43.67 46.54
C LEU A 284 9.75 -43.49 47.17
N LEU A 285 9.79 -42.79 48.29
CA LEU A 285 11.07 -42.53 48.96
C LEU A 285 11.76 -43.82 49.41
N ALA A 286 10.99 -44.77 49.94
CA ALA A 286 11.56 -46.04 50.36
C ALA A 286 12.19 -46.74 49.15
N ASN A 287 11.50 -46.67 48.02
CA ASN A 287 12.02 -47.30 46.81
C ASN A 287 13.31 -46.62 46.34
N LEU A 288 13.36 -45.30 46.43
CA LEU A 288 14.57 -44.59 46.04
C LEU A 288 15.72 -44.96 46.97
N ARG A 289 15.41 -45.13 48.26
CA ARG A 289 16.42 -45.52 49.23
C ARG A 289 17.02 -46.87 48.87
N ALA A 290 16.17 -47.77 48.39
CA ALA A 290 16.62 -49.10 48.01
C ALA A 290 17.39 -49.12 46.69
N ARG A 291 17.11 -48.18 45.79
CA ARG A 291 17.78 -48.16 44.48
C ARG A 291 18.90 -47.14 44.32
N VAL A 292 18.91 -46.11 45.16
CA VAL A 292 19.95 -45.10 45.03
C VAL A 292 20.87 -45.08 46.25
N ASN A 293 22.12 -45.45 46.02
CA ASN A 293 23.10 -45.49 47.10
C ASN A 293 23.31 -44.13 47.74
N GLY A 294 23.20 -44.10 49.07
CA GLY A 294 23.39 -42.85 49.79
C GLY A 294 22.23 -41.89 49.64
N PHE A 295 21.16 -42.33 48.99
CA PHE A 295 19.99 -41.49 48.79
C PHE A 295 19.53 -40.84 50.09
N ALA A 297 16.45 -38.12 51.44
CA ALA A 297 15.25 -37.33 51.17
C ALA A 297 15.08 -36.26 52.24
N ILE A 298 15.02 -35.01 51.81
CA ILE A 298 14.82 -33.91 52.74
C ILE A 298 13.38 -33.43 52.52
N GLU A 299 12.48 -33.89 53.39
CA GLU A 299 11.07 -33.53 53.30
C GLU A 299 10.73 -32.34 54.18
N VAL A 300 10.07 -31.34 53.60
CA VAL A 300 9.68 -30.16 54.34
C VAL A 300 8.25 -30.38 54.83
N PRO A 301 8.07 -30.55 56.15
CA PRO A 301 6.73 -30.75 56.72
C PRO A 301 5.83 -29.53 56.54
N ALA A 302 4.55 -29.78 56.32
CA ALA A 302 3.57 -28.70 56.12
C ALA A 302 3.54 -27.73 57.30
N THR A 303 3.78 -28.26 58.49
CA THR A 303 3.79 -27.45 59.70
C THR A 303 4.75 -26.28 59.54
N GLN A 304 5.95 -26.58 59.02
CA GLN A 304 6.94 -25.55 58.82
C GLN A 304 6.67 -24.66 57.61
N VAL A 305 6.31 -25.27 56.49
CA VAL A 305 6.02 -24.52 55.27
C VAL A 305 4.80 -25.11 54.57
N SER A 306 3.76 -24.31 54.43
CA SER A 306 2.54 -24.76 53.78
C SER A 306 2.70 -24.79 52.27
N VAL A 307 1.76 -25.42 51.60
CA VAL A 307 1.78 -25.50 50.15
C VAL A 307 1.62 -24.09 49.59
N SER A 308 0.76 -23.31 50.24
CA SER A 308 0.51 -21.92 49.85
C SER A 308 1.83 -21.15 49.85
N ASP A 309 2.57 -21.27 50.96
CA ASP A 309 3.88 -20.62 51.10
C ASP A 309 4.81 -21.07 49.98
N THR A 310 4.76 -22.37 49.70
CA THR A 310 5.57 -22.99 48.66
C THR A 310 5.31 -22.35 47.31
N VAL A 311 4.04 -22.22 46.96
CA VAL A 311 3.63 -21.64 45.70
C VAL A 311 3.97 -20.15 45.56
N SER A 312 3.83 -19.40 46.65
CA SER A 312 4.12 -17.98 46.60
C SER A 312 5.60 -17.62 46.61
N THR A 313 6.41 -18.42 47.29
CA THR A 313 7.84 -18.16 47.38
C THR A 313 8.67 -18.89 46.33
N TYR A 314 8.12 -20.00 45.82
CA TYR A 314 8.82 -20.82 44.83
C TYR A 314 10.06 -21.43 45.45
N LEU A 315 9.92 -21.82 46.72
CA LEU A 315 10.98 -22.45 47.47
C LEU A 315 11.55 -23.67 46.74
N PHE A 316 10.68 -24.44 46.11
CA PHE A 316 11.11 -25.63 45.40
C PHE A 316 11.48 -25.45 43.94
N ASN A 317 11.33 -24.24 43.42
CA ASN A 317 11.72 -23.97 42.05
C ASN A 317 13.13 -23.43 42.10
N SER A 318 13.88 -23.89 43.10
CA SER A 318 15.25 -23.47 43.30
C SER A 318 16.18 -24.47 42.62
N GLN A 319 17.42 -24.05 42.38
CA GLN A 319 18.42 -24.92 41.78
C GLN A 319 19.28 -25.49 42.91
N LEU A 320 19.44 -26.81 42.94
CA LEU A 320 20.26 -27.47 43.95
C LEU A 320 21.55 -27.88 43.24
N LEU A 321 22.60 -27.10 43.46
CA LEU A 321 23.91 -27.33 42.83
C LEU A 321 24.94 -28.06 43.69
N SER A 322 25.93 -28.66 43.01
CA SER A 322 27.00 -29.40 43.66
C SER A 322 28.36 -28.75 43.46
N ARG A 323 29.15 -28.71 44.51
CA ARG A 323 30.51 -28.18 44.39
C ARG A 323 31.42 -29.42 44.29
N ASP A 324 32.71 -29.22 44.06
CA ASP A 324 33.61 -30.37 43.92
C ASP A 324 33.79 -31.21 45.16
N ASP A 325 33.70 -30.58 46.33
CA ASP A 325 33.89 -31.29 47.59
C ASP A 325 32.65 -32.09 47.99
N GLY A 326 31.60 -32.03 47.18
CA GLY A 326 30.38 -32.75 47.50
C GLY A 326 29.33 -31.92 48.20
N SER A 327 29.70 -30.71 48.61
CA SER A 327 28.76 -29.82 49.29
C SER A 327 27.78 -29.28 48.22
N LEU A 330 21.91 -23.90 47.35
CA LEU A 330 20.54 -23.69 46.92
C LEU A 330 20.41 -22.30 46.31
N VAL A 331 20.01 -22.24 45.04
CA VAL A 331 19.82 -20.97 44.38
C VAL A 331 18.33 -20.67 44.44
N LEU A 332 17.98 -19.59 45.14
CA LEU A 332 16.58 -19.22 45.33
C LEU A 332 16.18 -17.84 44.83
N PRO A 333 14.87 -17.65 44.58
CA PRO A 333 14.38 -16.34 44.13
C PRO A 333 14.21 -15.46 45.37
N GLN A 334 14.26 -14.15 45.18
CA GLN A 334 14.13 -13.18 46.26
C GLN A 334 12.96 -13.44 47.21
N GLU A 335 11.84 -13.93 46.67
CA GLU A 335 10.64 -14.20 47.44
C GLU A 335 10.89 -15.11 48.65
N CYS A 336 11.90 -15.97 48.56
CA CYS A 336 12.21 -16.88 49.65
C CYS A 336 12.87 -16.16 50.83
N ARG A 337 13.61 -15.10 50.53
CA ARG A 337 14.28 -14.33 51.57
C ARG A 337 13.29 -13.37 52.21
N GLU A 338 12.32 -12.92 51.43
CA GLU A 338 11.32 -11.97 51.89
C GLU A 338 10.22 -12.63 52.73
N HIS A 339 10.21 -13.95 52.75
CA HIS A 339 9.22 -14.70 53.51
C HIS A 339 9.88 -15.24 54.78
N ALA A 340 9.60 -14.58 55.91
CA ALA A 340 10.19 -14.96 57.20
C ALA A 340 10.11 -16.45 57.49
N GLY A 341 8.94 -17.03 57.27
CA GLY A 341 8.76 -18.46 57.51
C GLY A 341 9.66 -19.36 56.69
N VAL A 342 9.75 -19.09 55.39
CA VAL A 342 10.57 -19.89 54.50
C VAL A 342 12.06 -19.64 54.76
N TRP A 343 12.42 -18.37 54.89
CA TRP A 343 13.80 -18.01 55.14
C TRP A 343 14.28 -18.66 56.44
N GLY A 344 13.38 -18.67 57.44
CA GLY A 344 13.72 -19.28 58.72
C GLY A 344 14.03 -20.75 58.54
N TYR A 345 13.17 -21.43 57.80
CA TYR A 345 13.36 -22.86 57.54
C TYR A 345 14.68 -23.12 56.81
N LEU A 346 14.98 -22.29 55.83
CA LEU A 346 16.20 -22.43 55.05
C LEU A 346 17.45 -22.31 55.92
N ASN A 347 17.45 -21.35 56.83
CA ASN A 347 18.59 -21.16 57.73
C ASN A 347 18.75 -22.40 58.62
N GLU A 348 17.63 -23.02 58.98
CA GLU A 348 17.68 -24.21 59.82
C GLU A 348 18.24 -25.37 58.98
N LEU A 349 17.78 -25.44 57.74
CA LEU A 349 18.22 -26.48 56.81
C LEU A 349 19.72 -26.37 56.58
N LEU A 350 20.20 -25.13 56.49
CA LEU A 350 21.62 -24.87 56.24
C LEU A 350 22.49 -25.40 57.38
N ALA A 351 21.98 -25.34 58.62
CA ALA A 351 22.73 -25.80 59.78
C ALA A 351 22.52 -27.27 60.09
N ALA A 352 21.47 -27.87 59.52
CA ALA A 352 21.15 -29.27 59.75
C ALA A 352 22.16 -30.19 59.07
N ASP A 353 22.10 -31.48 59.40
CA ASP A 353 23.03 -32.47 58.87
C ASP A 353 22.67 -32.92 57.45
N ASN A 354 23.14 -32.16 56.46
CA ASN A 354 22.89 -32.46 55.06
C ASN A 354 23.93 -31.73 54.21
N PRO A 355 24.03 -32.06 52.91
CA PRO A 355 24.99 -31.44 51.99
C PRO A 355 24.85 -29.94 51.71
N ILE A 356 23.66 -29.38 51.91
CA ILE A 356 23.46 -27.96 51.63
C ILE A 356 24.22 -27.06 52.58
N SER A 357 25.25 -26.40 52.04
CA SER A 357 26.11 -25.53 52.83
C SER A 357 26.04 -24.06 52.48
N GLU A 358 25.28 -23.70 51.46
CA GLU A 358 25.17 -22.30 51.07
C GLU A 358 23.84 -21.96 50.42
N LEU A 359 23.37 -20.74 50.67
CA LEU A 359 22.13 -20.25 50.11
C LEU A 359 22.47 -19.05 49.24
N LYS A 360 21.96 -19.05 48.00
CA LYS A 360 22.22 -17.93 47.12
C LYS A 360 20.91 -17.41 46.54
N VAL A 361 20.66 -16.12 46.72
CA VAL A 361 19.43 -15.49 46.27
C VAL A 361 19.62 -14.55 45.08
N PHE A 362 18.68 -14.59 44.14
CA PHE A 362 18.72 -13.72 42.97
C PHE A 362 17.40 -12.98 42.77
N ASP A 363 17.48 -11.76 42.25
CA ASP A 363 16.31 -10.97 41.96
C ASP A 363 15.83 -11.34 40.57
N LEU A 364 14.69 -12.03 40.50
CA LEU A 364 14.12 -12.45 39.22
C LEU A 364 12.65 -12.05 39.17
N ARG A 365 12.36 -10.82 39.60
CA ARG A 365 10.99 -10.33 39.62
C ARG A 365 10.25 -10.40 38.30
N GLU A 366 10.91 -10.05 37.19
CA GLU A 366 10.25 -10.10 35.89
C GLU A 366 9.73 -11.49 35.56
N SER A 367 10.60 -12.49 35.67
CA SER A 367 10.21 -13.86 35.39
C SER A 367 9.21 -14.37 36.41
N ALA A 369 7.05 -12.74 37.92
CA ALA A 369 5.77 -12.09 37.68
C ALA A 369 4.90 -12.97 36.78
N ASN A 370 5.55 -13.75 35.92
CA ASN A 370 4.82 -14.63 35.01
C ASN A 370 4.86 -16.09 35.45
N GLY A 371 5.34 -16.34 36.65
CA GLY A 371 5.37 -17.69 37.18
C GLY A 371 6.64 -18.51 36.98
N GLY A 372 7.78 -17.84 36.82
CA GLY A 372 9.03 -18.57 36.63
C GLY A 372 10.13 -18.22 37.59
N GLY A 373 10.67 -19.23 38.27
CA GLY A 373 11.74 -19.03 39.22
C GLY A 373 13.08 -19.45 38.62
N PRO A 374 14.16 -19.54 39.43
CA PRO A 374 15.50 -19.91 38.98
C PRO A 374 15.56 -21.20 38.18
N ALA A 375 14.84 -22.22 38.65
CA ALA A 375 14.83 -23.53 37.98
C ALA A 375 14.05 -23.50 36.67
N CYS A 376 12.96 -22.75 36.63
CA CYS A 376 12.15 -22.67 35.41
C CYS A 376 12.96 -22.12 34.26
N LEU A 377 13.89 -21.24 34.57
CA LEU A 377 14.75 -20.62 33.55
C LEU A 377 15.94 -21.46 33.13
N ARG A 378 16.08 -22.68 33.66
CA ARG A 378 17.23 -23.49 33.30
C ARG A 378 16.95 -24.95 32.96
N LEU A 379 17.77 -25.50 32.08
CA LEU A 379 17.66 -26.89 31.67
C LEU A 379 18.97 -27.59 31.98
N ARG A 380 18.91 -28.61 32.83
CA ARG A 380 20.10 -29.35 33.24
C ARG A 380 20.51 -30.44 32.26
N VAL A 381 21.75 -30.35 31.78
CA VAL A 381 22.29 -31.31 30.83
C VAL A 381 23.65 -31.84 31.29
N VAL A 382 23.65 -33.08 31.78
CA VAL A 382 24.89 -33.72 32.22
C VAL A 382 25.69 -34.12 30.99
N LEU A 383 26.91 -33.61 30.89
CA LEU A 383 27.77 -33.90 29.74
C LEU A 383 29.18 -34.34 30.13
N THR A 384 29.71 -35.31 29.39
CA THR A 384 31.07 -35.77 29.63
C THR A 384 31.98 -34.69 29.08
N GLU A 385 33.27 -34.81 29.35
CA GLU A 385 34.23 -33.82 28.85
C GLU A 385 34.22 -33.75 27.33
N GLU A 386 34.12 -34.90 26.68
CA GLU A 386 34.10 -34.97 25.22
C GLU A 386 32.80 -34.38 24.67
N GLU A 387 31.69 -34.62 25.36
CA GLU A 387 30.40 -34.09 24.94
C GLU A 387 30.37 -32.59 25.14
N ARG A 388 30.99 -32.11 26.22
CA ARG A 388 31.02 -30.68 26.47
C ARG A 388 31.76 -29.99 25.33
N ARG A 389 32.81 -30.63 24.83
CA ARG A 389 33.59 -30.09 23.73
C ARG A 389 32.79 -30.09 22.42
N ALA A 390 31.87 -31.04 22.28
CA ALA A 390 31.05 -31.16 21.08
C ALA A 390 29.92 -30.13 21.00
N VAL A 391 29.57 -29.51 22.12
CA VAL A 391 28.50 -28.52 22.13
C VAL A 391 28.95 -27.22 21.44
N ASN A 392 28.03 -26.58 20.73
CA ASN A 392 28.32 -25.32 20.03
C ASN A 392 28.98 -24.38 21.05
N PRO A 393 30.29 -24.10 20.88
CA PRO A 393 31.04 -23.23 21.79
C PRO A 393 30.46 -21.84 21.95
N ALA A 394 29.74 -21.38 20.93
CA ALA A 394 29.20 -20.02 20.94
C ALA A 394 28.09 -19.77 21.98
N VAL A 395 27.57 -20.82 22.61
CA VAL A 395 26.53 -20.60 23.61
C VAL A 395 27.01 -20.87 25.03
N ASN A 398 30.73 -17.13 29.39
CA ASN A 398 32.06 -16.61 29.72
C ASN A 398 31.98 -15.09 29.61
N ASP A 399 33.04 -14.39 30.00
CA ASP A 399 33.02 -12.93 29.94
C ASP A 399 32.65 -12.37 28.57
N THR A 400 33.20 -12.95 27.52
CA THR A 400 32.94 -12.47 26.17
C THR A 400 31.47 -12.59 25.78
N LEU A 401 30.87 -13.77 26.00
CA LEU A 401 29.47 -13.95 25.66
C LEU A 401 28.60 -13.05 26.52
N PHE A 402 28.92 -12.99 27.81
CA PHE A 402 28.17 -12.17 28.75
C PHE A 402 28.13 -10.72 28.31
N ASN A 403 29.29 -10.16 27.95
CA ASN A 403 29.34 -8.77 27.51
C ASN A 403 28.64 -8.56 26.17
N ALA A 404 28.77 -9.53 25.28
CA ALA A 404 28.14 -9.45 23.97
C ALA A 404 26.61 -9.46 24.11
N LEU A 405 26.09 -10.35 24.94
CA LEU A 405 24.65 -10.44 25.16
C LEU A 405 24.10 -9.19 25.85
N ASN A 406 24.83 -8.68 26.85
CA ASN A 406 24.37 -7.48 27.54
C ASN A 406 24.29 -6.31 26.57
N ASP A 407 25.26 -6.22 25.67
CA ASP A 407 25.25 -5.12 24.70
C ASP A 407 24.09 -5.28 23.73
N TRP A 408 23.86 -6.52 23.29
CA TRP A 408 22.77 -6.83 22.36
C TRP A 408 21.44 -6.43 23.01
N VAL A 409 21.27 -6.76 24.29
CA VAL A 409 20.06 -6.44 25.03
C VAL A 409 19.85 -4.92 25.11
N ASP A 410 20.91 -4.20 25.46
CA ASP A 410 20.86 -2.75 25.56
C ASP A 410 20.48 -2.10 24.24
N ARG A 411 20.86 -2.73 23.15
CA ARG A 411 20.57 -2.19 21.82
C ARG A 411 19.14 -2.40 21.37
N TYR A 412 18.61 -3.59 21.57
CA TYR A 412 17.26 -3.91 21.10
C TYR A 412 16.10 -3.99 22.08
N TYR A 413 16.37 -4.20 23.36
CA TYR A 413 15.28 -4.31 24.32
C TYR A 413 14.73 -3.00 24.87
N ARG A 414 13.41 -2.94 24.97
CA ARG A 414 12.71 -1.78 25.50
C ARG A 414 12.60 -1.91 27.01
N ASP A 415 12.51 -0.78 27.70
CA ASP A 415 12.40 -0.73 29.16
C ASP A 415 10.93 -0.82 29.59
N ARG A 416 10.04 -0.60 28.64
CA ARG A 416 8.62 -0.60 28.93
C ARG A 416 7.85 -1.26 27.80
N LEU A 417 6.85 -2.06 28.14
CA LEU A 417 6.06 -2.75 27.13
C LEU A 417 4.70 -3.16 27.69
N THR A 418 3.68 -3.13 26.84
CA THR A 418 2.33 -3.52 27.21
C THR A 418 1.77 -4.33 26.05
N ALA A 419 0.68 -5.05 26.29
CA ALA A 419 0.06 -5.86 25.23
C ALA A 419 -0.29 -5.02 24.02
N ALA A 420 -0.61 -3.75 24.25
CA ALA A 420 -0.99 -2.84 23.18
C ALA A 420 0.14 -2.58 22.19
N ASP A 421 1.39 -2.72 22.65
CA ASP A 421 2.54 -2.48 21.78
C ASP A 421 2.83 -3.64 20.83
N LEU A 422 2.19 -4.77 21.07
CA LEU A 422 2.41 -5.95 20.24
C LEU A 422 1.89 -5.77 18.80
N ALA A 423 1.06 -4.77 18.57
CA ALA A 423 0.53 -4.51 17.23
C ALA A 423 1.44 -3.60 16.42
N ASP A 424 2.42 -3.01 17.08
CA ASP A 424 3.37 -2.10 16.44
C ASP A 424 4.32 -2.80 15.48
N PRO A 425 4.25 -2.45 14.18
CA PRO A 425 5.08 -3.02 13.12
C PRO A 425 6.56 -2.81 13.40
N GLN A 426 6.86 -1.71 14.09
CA GLN A 426 8.25 -1.42 14.40
C GLN A 426 8.81 -2.39 15.45
N LEU A 427 8.00 -2.80 16.41
CA LEU A 427 8.46 -3.76 17.42
C LEU A 427 8.78 -5.06 16.65
N LEU A 428 7.92 -5.41 15.69
CA LEU A 428 8.12 -6.62 14.89
C LEU A 428 9.48 -6.57 14.18
N ARG A 429 9.73 -5.46 13.50
CA ARG A 429 10.98 -5.28 12.76
C ARG A 429 12.21 -5.27 13.65
N GLU A 430 12.10 -4.66 14.83
CA GLU A 430 13.20 -4.64 15.79
C GLU A 430 13.54 -6.05 16.23
N GLY A 431 12.51 -6.83 16.52
CA GLY A 431 12.70 -8.21 16.97
C GLY A 431 13.34 -9.09 15.91
N ARG A 432 12.97 -8.87 14.64
CA ARG A 432 13.53 -9.66 13.55
C ARG A 432 15.02 -9.39 13.40
N GLU A 433 15.40 -8.11 13.37
CA GLU A 433 16.80 -7.77 13.24
C GLU A 433 17.57 -8.31 14.44
N ALA A 434 17.03 -8.10 15.64
CA ALA A 434 17.67 -8.59 16.85
C ALA A 434 17.95 -10.09 16.77
N LEU A 435 16.94 -10.89 16.41
CA LEU A 435 17.13 -12.33 16.34
C LEU A 435 18.11 -12.72 15.24
N ASP A 436 18.12 -11.96 14.15
CA ASP A 436 19.02 -12.28 13.06
C ASP A 436 20.47 -12.04 13.52
N VAL A 437 20.69 -10.95 14.24
CA VAL A 437 22.01 -10.62 14.74
C VAL A 437 22.42 -11.63 15.81
N LEU A 438 21.48 -12.01 16.68
CA LEU A 438 21.79 -12.98 17.73
C LEU A 438 22.15 -14.34 17.14
N SER A 439 21.49 -14.72 16.05
CA SER A 439 21.77 -16.00 15.42
C SER A 439 23.20 -16.05 14.88
N GLN A 440 23.73 -14.87 14.56
CA GLN A 440 25.10 -14.77 14.08
C GLN A 440 26.03 -14.88 15.28
N LEU A 441 25.70 -14.13 16.33
CA LEU A 441 26.49 -14.11 17.56
C LEU A 441 26.60 -15.50 18.19
N LEU A 442 25.50 -16.24 18.21
CA LEU A 442 25.50 -17.57 18.80
C LEU A 442 25.85 -18.65 17.80
N ASN A 443 26.22 -18.24 16.59
CA ASN A 443 26.63 -19.17 15.54
C ASN A 443 25.58 -20.27 15.36
N LEU A 444 24.33 -19.87 15.14
CA LEU A 444 23.22 -20.80 14.98
C LEU A 444 22.72 -20.89 13.54
N GLY A 445 23.14 -19.95 12.70
CA GLY A 445 22.70 -19.97 11.31
C GLY A 445 21.25 -19.54 11.20
N SER A 446 20.62 -19.84 10.07
CA SER A 446 19.22 -19.49 9.85
C SER A 446 18.35 -20.50 10.58
N VAL A 447 18.26 -20.31 11.89
CA VAL A 447 17.52 -21.22 12.76
C VAL A 447 16.04 -20.90 12.93
N TYR A 448 15.66 -19.66 12.65
CA TYR A 448 14.27 -19.23 12.81
C TYR A 448 13.45 -19.26 11.53
N PRO A 449 12.14 -19.50 11.65
CA PRO A 449 11.25 -19.53 10.48
C PRO A 449 11.37 -18.31 9.57
N PHE A 450 11.41 -17.12 10.15
CA PHE A 450 11.49 -15.91 9.34
C PHE A 450 12.77 -15.84 8.51
N GLN A 451 13.80 -16.56 8.94
CA GLN A 451 15.07 -16.57 8.23
C GLN A 451 15.08 -17.61 7.11
N ARG A 452 14.02 -18.41 7.02
CA ARG A 452 13.96 -19.46 6.00
C ARG A 452 13.01 -19.10 4.86
N ASN B 13 16.18 34.70 -17.22
CA ASN B 13 15.06 34.06 -16.47
C ASN B 13 15.62 33.03 -15.48
N ALA B 14 15.59 33.39 -14.21
CA ALA B 14 16.10 32.53 -13.16
C ALA B 14 15.19 31.36 -12.82
N TRP B 15 15.81 30.23 -12.47
CA TRP B 15 15.08 29.04 -12.08
C TRP B 15 15.64 28.61 -10.73
N GLU B 16 14.85 27.88 -9.97
CA GLU B 16 15.32 27.39 -8.70
C GLU B 16 15.93 26.02 -9.00
N VAL B 17 17.19 25.83 -8.65
CA VAL B 17 17.83 24.55 -8.87
C VAL B 17 18.06 23.84 -7.54
N ASN B 18 17.64 22.59 -7.46
CA ASN B 18 17.82 21.81 -6.24
C ASN B 18 19.14 21.04 -6.27
N PHE B 19 19.96 21.24 -5.24
CA PHE B 19 21.22 20.52 -5.09
C PHE B 19 21.01 19.54 -3.94
N ASP B 20 21.05 18.25 -4.25
CA ASP B 20 20.85 17.21 -3.25
C ASP B 20 22.15 16.58 -2.79
N GLY B 21 22.14 16.08 -1.55
CA GLY B 21 23.32 15.44 -0.99
C GLY B 21 23.37 13.96 -1.27
N LEU B 22 24.46 13.52 -1.89
CA LEU B 22 24.65 12.11 -2.20
C LEU B 22 25.13 11.42 -0.91
N VAL B 23 24.30 10.53 -0.37
CA VAL B 23 24.62 9.84 0.88
C VAL B 23 25.99 9.18 0.90
N GLY B 24 26.73 9.41 1.98
CA GLY B 24 28.06 8.85 2.12
C GLY B 24 28.07 7.37 2.48
N LEU B 25 29.24 6.74 2.32
CA LEU B 25 29.44 5.33 2.58
C LEU B 25 29.33 4.90 4.06
N THR B 26 29.49 5.83 4.99
CA THR B 26 29.43 5.44 6.39
C THR B 26 28.07 5.69 7.05
N HIS B 27 27.04 5.94 6.23
CA HIS B 27 25.69 6.14 6.73
C HIS B 27 25.40 5.06 7.78
N HIS B 28 25.09 5.47 9.00
CA HIS B 28 24.81 4.51 10.06
C HIS B 28 23.95 5.07 11.19
N TYR B 29 23.52 4.19 12.08
CA TYR B 29 22.69 4.57 13.20
C TYR B 29 23.49 4.55 14.50
N ALA B 30 23.49 5.67 15.22
CA ALA B 30 24.21 5.79 16.49
C ALA B 30 23.30 6.39 17.55
N HIS B 42 13.67 4.94 16.82
CA HIS B 42 13.72 3.52 16.48
C HIS B 42 14.90 2.81 17.14
N ARG B 43 14.98 1.49 16.92
CA ARG B 43 16.03 0.70 17.53
C ARG B 43 16.92 -0.08 16.54
N PHE B 44 16.79 0.21 15.25
CA PHE B 44 17.64 -0.48 14.27
C PHE B 44 19.11 -0.09 14.45
N GLN B 45 19.99 -1.06 14.26
CA GLN B 45 21.43 -0.86 14.41
C GLN B 45 22.12 -1.10 13.08
N VAL B 46 21.43 -1.78 12.17
CA VAL B 46 21.98 -2.10 10.87
C VAL B 46 21.47 -1.16 9.79
N SER B 47 22.37 -0.44 9.15
CA SER B 47 21.99 0.48 8.10
C SER B 47 22.39 -0.08 6.75
N ASN B 48 21.84 0.51 5.69
CA ASN B 48 22.14 0.09 4.32
C ASN B 48 22.59 1.31 3.53
N PRO B 49 23.89 1.64 3.60
CA PRO B 49 24.46 2.78 2.90
C PRO B 49 24.11 2.82 1.41
N ARG B 50 24.31 1.68 0.75
CA ARG B 50 24.02 1.58 -0.69
C ARG B 50 22.58 1.97 -1.01
N LEU B 51 21.64 1.40 -0.27
CA LEU B 51 20.23 1.70 -0.50
C LEU B 51 19.91 3.16 -0.17
N ALA B 52 20.58 3.69 0.85
CA ALA B 52 20.37 5.07 1.24
C ALA B 52 20.73 6.01 0.09
N ALA B 53 21.86 5.75 -0.55
CA ALA B 53 22.31 6.56 -1.66
C ALA B 53 21.39 6.43 -2.88
N LYS B 54 21.02 5.18 -3.20
CA LYS B 54 20.14 4.93 -4.33
C LYS B 54 18.78 5.57 -4.17
N GLN B 55 18.22 5.53 -2.96
CA GLN B 55 16.92 6.15 -2.71
C GLN B 55 17.02 7.65 -2.97
N GLY B 56 18.15 8.24 -2.57
CA GLY B 56 18.35 9.66 -2.79
C GLY B 56 18.53 9.99 -4.25
N LEU B 57 19.27 9.15 -4.96
CA LEU B 57 19.51 9.37 -6.39
C LEU B 57 18.20 9.25 -7.16
N LEU B 58 17.36 8.31 -6.76
CA LEU B 58 16.09 8.13 -7.44
C LEU B 58 15.24 9.39 -7.34
N LYS B 59 15.19 10.00 -6.16
CA LYS B 59 14.39 11.21 -6.00
C LYS B 59 14.98 12.31 -6.88
N LYS B 61 16.75 12.04 -9.66
CA LYS B 61 16.47 11.73 -11.07
C LYS B 61 15.02 11.96 -11.46
N ALA B 62 14.09 11.50 -10.63
CA ALA B 62 12.66 11.68 -10.91
C ALA B 62 12.31 13.15 -11.08
N LEU B 63 12.78 14.00 -10.16
CA LEU B 63 12.48 15.42 -10.26
C LEU B 63 13.13 16.01 -11.51
N ALA B 64 14.37 15.60 -11.78
CA ALA B 64 15.06 16.12 -12.96
C ALA B 64 14.27 15.74 -14.20
N ASP B 65 13.88 14.48 -14.30
CA ASP B 65 13.12 14.01 -15.45
C ASP B 65 11.80 14.76 -15.60
N ALA B 66 11.17 15.11 -14.48
CA ALA B 66 9.90 15.83 -14.53
C ALA B 66 10.07 17.31 -14.89
N GLY B 67 11.30 17.75 -15.10
CA GLY B 67 11.53 19.13 -15.49
C GLY B 67 12.02 20.11 -14.43
N PHE B 68 12.29 19.64 -13.22
CA PHE B 68 12.78 20.52 -12.16
C PHE B 68 14.31 20.47 -12.10
N PRO B 69 15.00 21.59 -12.41
CA PRO B 69 16.46 21.65 -12.39
C PRO B 69 17.03 20.97 -11.14
N GLN B 70 17.94 20.02 -11.36
CA GLN B 70 18.53 19.26 -10.28
C GLN B 70 20.05 19.10 -10.41
N ALA B 71 20.72 19.09 -9.27
CA ALA B 71 22.16 18.94 -9.20
C ALA B 71 22.53 18.11 -7.96
N VAL B 72 23.81 17.84 -7.76
CA VAL B 72 24.24 17.02 -6.62
C VAL B 72 25.48 17.55 -5.90
N ILE B 73 25.54 17.22 -4.60
CA ILE B 73 26.65 17.61 -3.73
C ILE B 73 27.17 16.29 -3.12
N PRO B 74 28.48 16.02 -3.24
CA PRO B 74 29.10 14.79 -2.73
C PRO B 74 29.22 14.66 -1.21
N PRO B 75 29.42 13.42 -0.72
CA PRO B 75 29.57 13.13 0.70
C PRO B 75 30.94 13.58 1.18
N HIS B 76 31.22 13.41 2.46
CA HIS B 76 32.50 13.83 3.02
C HIS B 76 33.44 12.69 3.40
N GLU B 77 34.67 13.05 3.77
CA GLU B 77 35.70 12.11 4.19
C GLU B 77 35.28 11.50 5.52
N ARG B 78 34.95 10.21 5.51
CA ARG B 78 34.50 9.52 6.71
C ARG B 78 35.06 8.08 6.76
N PRO B 79 35.62 7.66 7.92
CA PRO B 79 35.79 8.42 9.17
C PRO B 79 36.69 9.62 8.93
N PHE B 80 36.52 10.67 9.74
CA PHE B 80 37.35 11.87 9.59
C PHE B 80 38.46 11.79 10.62
N ILE B 81 39.58 11.18 10.25
CA ILE B 81 40.71 11.01 11.16
C ILE B 81 41.36 12.30 11.70
N PRO B 82 41.43 13.37 10.89
CA PRO B 82 42.05 14.60 11.40
C PRO B 82 41.49 15.10 12.75
N VAL B 83 40.20 14.95 12.98
CA VAL B 83 39.63 15.41 14.25
C VAL B 83 40.03 14.46 15.38
N LEU B 84 40.27 13.20 15.06
CA LEU B 84 40.67 12.24 16.08
C LEU B 84 42.07 12.61 16.55
N ARG B 85 42.89 13.11 15.63
CA ARG B 85 44.23 13.55 15.97
C ARG B 85 44.13 14.78 16.87
N GLN B 86 43.17 15.64 16.56
CA GLN B 86 42.95 16.87 17.33
C GLN B 86 42.55 16.47 18.76
N LEU B 87 41.94 15.29 18.89
CA LEU B 87 41.49 14.79 20.18
C LEU B 87 42.58 14.05 20.97
N GLY B 88 43.79 14.00 20.42
CA GLY B 88 44.89 13.37 21.13
C GLY B 88 45.39 12.01 20.67
N PHE B 89 44.77 11.44 19.65
CA PHE B 89 45.20 10.14 19.15
C PHE B 89 46.21 10.33 18.01
N SER B 90 47.41 9.79 18.20
CA SER B 90 48.50 9.93 17.24
C SER B 90 48.84 8.64 16.50
N GLY B 91 49.68 8.77 15.47
CA GLY B 91 50.08 7.62 14.69
C GLY B 91 49.62 7.76 13.25
N SER B 92 49.53 6.64 12.55
CA SER B 92 49.07 6.64 11.16
C SER B 92 47.54 6.59 11.20
N ASP B 93 46.91 6.86 10.06
CA ASP B 93 45.46 6.83 10.01
C ASP B 93 44.91 5.53 10.60
N GLU B 94 45.56 4.42 10.26
CA GLU B 94 45.14 3.12 10.77
C GLU B 94 45.37 2.94 12.26
N GLN B 95 46.51 3.43 12.75
CA GLN B 95 46.82 3.32 14.16
C GLN B 95 45.88 4.18 14.98
N VAL B 96 45.61 5.38 14.51
CA VAL B 96 44.70 6.29 15.21
C VAL B 96 43.36 5.59 15.31
N LEU B 97 42.90 5.05 14.19
CA LEU B 97 41.64 4.34 14.12
C LEU B 97 41.61 3.20 15.14
N GLU B 98 42.72 2.47 15.21
CA GLU B 98 42.83 1.34 16.12
C GLU B 98 42.85 1.81 17.58
N LYS B 99 43.60 2.87 17.85
CA LYS B 99 43.68 3.40 19.21
C LYS B 99 42.31 3.85 19.69
N VAL B 100 41.57 4.55 18.82
CA VAL B 100 40.25 5.03 19.19
C VAL B 100 39.29 3.86 19.39
N ALA B 101 39.35 2.88 18.50
CA ALA B 101 38.48 1.72 18.61
C ALA B 101 38.72 1.03 19.94
N ARG B 102 39.98 0.91 20.34
CA ARG B 102 40.32 0.27 21.60
C ARG B 102 40.07 1.15 22.82
N GLN B 103 40.58 2.38 22.79
CA GLN B 103 40.47 3.30 23.91
C GLN B 103 39.17 4.07 24.09
N ALA B 104 38.66 4.67 23.03
CA ALA B 104 37.42 5.44 23.12
C ALA B 104 36.60 5.30 21.84
N PRO B 105 36.09 4.09 21.60
CA PRO B 105 35.28 3.74 20.43
C PRO B 105 34.08 4.63 20.13
N HIS B 106 33.57 5.33 21.13
CA HIS B 106 32.40 6.19 20.90
C HIS B 106 32.69 7.35 19.95
N TRP B 107 33.96 7.73 19.83
CA TRP B 107 34.33 8.82 18.93
C TRP B 107 34.20 8.39 17.46
N LEU B 108 34.38 7.10 17.21
CA LEU B 108 34.29 6.56 15.86
C LEU B 108 32.99 7.00 15.18
N SER B 109 31.88 6.80 15.88
CA SER B 109 30.57 7.15 15.35
C SER B 109 30.46 8.65 15.09
N SER B 110 30.98 9.44 16.03
CA SER B 110 30.90 10.90 15.93
C SER B 110 31.68 11.47 14.76
N VAL B 111 32.69 10.75 14.28
CA VAL B 111 33.48 11.25 13.15
C VAL B 111 33.23 10.44 11.90
N SER B 112 32.17 9.64 11.90
CA SER B 112 31.84 8.82 10.74
C SER B 112 30.39 8.99 10.29
N SER B 113 29.77 10.09 10.71
CA SER B 113 28.38 10.35 10.33
C SER B 113 28.25 10.79 8.86
N ALA B 114 27.20 10.32 8.20
CA ALA B 114 26.92 10.68 6.82
C ALA B 114 26.02 11.92 6.79
N SER B 115 25.94 12.61 7.93
CA SER B 115 25.09 13.80 8.08
C SER B 115 25.23 14.90 7.00
N PRO B 116 26.40 15.00 6.36
CA PRO B 116 26.55 16.03 5.32
C PRO B 116 25.50 15.89 4.21
N TRP B 118 22.47 15.94 4.44
CA TRP B 118 21.40 16.90 4.63
C TRP B 118 21.93 18.30 4.32
N VAL B 119 22.07 18.57 3.01
CA VAL B 119 22.60 19.84 2.52
C VAL B 119 21.69 21.04 2.77
N ALA B 120 20.50 20.81 3.29
CA ALA B 120 19.60 21.93 3.59
C ALA B 120 20.31 22.73 4.70
N ASN B 121 21.22 22.07 5.40
CA ASN B 121 21.98 22.70 6.48
C ASN B 121 23.39 23.13 6.06
N ALA B 122 23.73 22.89 4.79
CA ALA B 122 25.05 23.23 4.30
C ALA B 122 25.35 24.73 4.33
N ALA B 123 24.38 25.52 3.91
CA ALA B 123 24.56 26.96 3.87
C ALA B 123 23.26 27.72 3.67
N THR B 124 23.37 29.05 3.61
CA THR B 124 22.23 29.93 3.39
C THR B 124 22.47 30.60 2.04
N ILE B 125 21.46 30.62 1.19
CA ILE B 125 21.58 31.18 -0.15
C ILE B 125 20.89 32.54 -0.37
N ALA B 126 21.56 33.40 -1.14
CA ALA B 126 21.00 34.70 -1.50
C ALA B 126 21.10 34.82 -3.02
N PRO B 127 19.97 34.69 -3.72
CA PRO B 127 19.99 34.80 -5.20
C PRO B 127 20.48 36.19 -5.58
N SER B 128 21.08 36.32 -6.77
CA SER B 128 21.61 37.61 -7.22
C SER B 128 20.56 38.71 -7.31
N ALA B 129 19.29 38.33 -7.38
CA ALA B 129 18.23 39.32 -7.45
C ALA B 129 18.01 40.01 -6.11
N ASP B 130 18.61 39.49 -5.04
CA ASP B 130 18.45 40.09 -3.71
C ASP B 130 19.71 40.73 -3.17
N THR B 131 20.84 40.54 -3.84
CA THR B 131 22.08 41.08 -3.32
C THR B 131 22.49 42.46 -3.80
N LEU B 132 23.23 43.13 -2.95
CA LEU B 132 23.69 44.48 -3.22
C LEU B 132 24.76 44.55 -4.31
N ASP B 133 25.53 43.48 -4.48
CA ASP B 133 26.56 43.49 -5.50
C ASP B 133 26.18 42.64 -6.71
N GLY B 134 24.91 42.26 -6.81
CA GLY B 134 24.43 41.48 -7.93
C GLY B 134 24.96 40.07 -8.14
N LYS B 135 25.65 39.52 -7.14
CA LYS B 135 26.20 38.17 -7.26
C LYS B 135 25.42 37.20 -6.36
N VAL B 136 25.61 35.90 -6.60
CA VAL B 136 24.95 34.89 -5.79
C VAL B 136 25.84 34.67 -4.57
N HIS B 137 25.27 34.77 -3.38
CA HIS B 137 26.03 34.57 -2.15
C HIS B 137 25.61 33.30 -1.41
N LEU B 138 26.61 32.58 -0.91
CA LEU B 138 26.38 31.37 -0.14
C LEU B 138 27.26 31.42 1.11
N THR B 139 26.63 31.37 2.28
CA THR B 139 27.37 31.38 3.53
C THR B 139 27.24 30.02 4.20
N VAL B 140 28.37 29.34 4.38
CA VAL B 140 28.41 28.02 5.02
C VAL B 140 27.87 28.09 6.45
N ALA B 141 27.09 27.10 6.86
CA ALA B 141 26.54 27.07 8.21
C ALA B 141 27.54 26.40 9.15
N ASN B 142 27.78 26.97 10.32
CA ASN B 142 28.72 26.36 11.25
C ASN B 142 28.20 25.05 11.86
N LEU B 143 26.87 24.94 11.98
CA LEU B 143 26.24 23.78 12.57
C LEU B 143 26.91 23.46 13.90
N ASN B 144 27.15 24.51 14.68
CA ASN B 144 27.83 24.39 15.96
C ASN B 144 27.15 23.55 17.05
N ASN B 145 25.83 23.48 17.05
CA ASN B 145 25.11 22.72 18.07
C ASN B 145 25.51 21.24 18.23
N LYS B 146 25.65 20.53 17.11
CA LYS B 146 26.03 19.11 17.16
C LYS B 146 27.47 18.90 16.72
N PHE B 147 28.27 18.31 17.60
CA PHE B 147 29.67 18.06 17.31
C PHE B 147 29.88 17.38 15.95
N HIS B 148 29.19 16.26 15.70
CA HIS B 148 29.38 15.56 14.43
C HIS B 148 29.05 16.39 13.19
N ARG B 149 28.14 17.35 13.32
CA ARG B 149 27.82 18.17 12.16
C ARG B 149 28.71 19.41 12.07
N SER B 150 29.28 19.83 13.20
CA SER B 150 30.17 20.99 13.23
C SER B 150 31.44 20.71 12.43
N LEU B 151 31.74 19.43 12.24
CA LEU B 151 32.92 18.98 11.49
C LEU B 151 32.78 19.26 10.00
N GLU B 152 31.54 19.45 9.57
CA GLU B 152 31.26 19.66 8.14
C GLU B 152 31.73 20.95 7.48
N ALA B 153 31.51 22.08 8.13
CA ALA B 153 31.83 23.40 7.58
C ALA B 153 33.06 23.55 6.68
N PRO B 154 34.26 23.18 7.17
CA PRO B 154 35.46 23.31 6.34
C PRO B 154 35.38 22.58 5.00
N VAL B 155 34.93 21.33 5.03
CA VAL B 155 34.83 20.55 3.81
C VAL B 155 33.67 21.04 2.95
N THR B 156 32.58 21.43 3.59
CA THR B 156 31.42 21.94 2.88
C THR B 156 31.83 23.19 2.10
N GLU B 157 32.69 24.00 2.71
CA GLU B 157 33.15 25.22 2.04
C GLU B 157 33.95 24.87 0.77
N SER B 158 34.85 23.89 0.87
CA SER B 158 35.65 23.48 -0.28
C SER B 158 34.75 22.97 -1.40
N LEU B 159 33.75 22.17 -1.04
CA LEU B 159 32.84 21.63 -2.03
C LEU B 159 32.07 22.74 -2.75
N LEU B 160 31.52 23.69 -1.99
CA LEU B 160 30.77 24.78 -2.61
C LEU B 160 31.65 25.61 -3.53
N LYS B 161 32.90 25.84 -3.13
CA LYS B 161 33.80 26.62 -3.96
C LYS B 161 34.22 25.88 -5.22
N ALA B 162 34.15 24.55 -5.19
CA ALA B 162 34.51 23.75 -6.36
C ALA B 162 33.31 23.60 -7.29
N ILE B 163 32.11 23.79 -6.74
CA ILE B 163 30.88 23.69 -7.53
C ILE B 163 30.50 25.07 -8.07
N PHE B 164 30.53 26.07 -7.20
CA PHE B 164 30.21 27.44 -7.60
C PHE B 164 31.56 28.13 -7.65
N ASN B 165 32.40 27.69 -8.60
CA ASN B 165 33.74 28.20 -8.72
C ASN B 165 33.96 29.57 -9.37
N ASP B 166 33.06 29.97 -10.28
CA ASP B 166 33.19 31.26 -10.96
C ASP B 166 32.95 32.41 -9.98
N GLU B 167 34.03 33.05 -9.55
CA GLU B 167 33.92 34.14 -8.58
C GLU B 167 33.22 35.41 -9.06
N GLU B 168 33.04 35.56 -10.37
CA GLU B 168 32.35 36.75 -10.90
C GLU B 168 30.85 36.56 -10.72
N LYS B 169 30.42 35.32 -10.53
CA LYS B 169 29.01 35.02 -10.37
C LYS B 169 28.65 34.52 -8.96
N PHE B 170 29.59 33.87 -8.28
CA PHE B 170 29.33 33.35 -6.94
C PHE B 170 30.31 33.80 -5.86
N SER B 171 29.78 34.00 -4.65
CA SER B 171 30.59 34.43 -3.51
C SER B 171 30.30 33.55 -2.30
N VAL B 172 31.26 32.68 -1.98
CA VAL B 172 31.13 31.77 -0.85
C VAL B 172 31.81 32.36 0.38
N HIS B 173 31.05 32.48 1.46
CA HIS B 173 31.58 33.03 2.70
C HIS B 173 31.76 31.90 3.74
N SER B 174 32.82 31.99 4.53
CA SER B 174 33.11 31.00 5.55
C SER B 174 32.06 31.04 6.65
N ALA B 175 31.92 29.92 7.35
CA ALA B 175 30.95 29.79 8.43
C ALA B 175 31.26 30.76 9.57
N LEU B 176 30.22 31.11 10.31
CA LEU B 176 30.34 32.00 11.45
C LEU B 176 31.14 31.31 12.55
N PRO B 177 31.68 32.09 13.50
CA PRO B 177 32.46 31.51 14.59
C PRO B 177 31.70 30.36 15.24
N GLN B 178 32.42 29.32 15.64
CA GLN B 178 31.83 28.15 16.27
C GLN B 178 31.58 28.35 17.77
N VAL B 179 30.48 29.02 18.10
CA VAL B 179 30.09 29.27 19.48
C VAL B 179 28.56 29.22 19.55
N ALA B 180 28.01 28.80 20.69
CA ALA B 180 26.56 28.69 20.84
C ALA B 180 25.84 29.99 20.52
N LEU B 181 26.50 31.11 20.81
CA LEU B 181 25.91 32.43 20.57
C LEU B 181 25.60 32.66 19.09
N LEU B 182 26.35 32.01 18.22
CA LEU B 182 26.16 32.16 16.78
C LEU B 182 25.78 30.85 16.09
N GLY B 183 25.00 30.03 16.79
CA GLY B 183 24.57 28.77 16.20
C GLY B 183 23.82 29.03 14.91
N ASP B 184 24.28 28.42 13.83
CA ASP B 184 23.68 28.59 12.52
C ASP B 184 23.44 27.22 11.86
N GLU B 185 22.21 26.97 11.43
CA GLU B 185 21.85 25.71 10.80
C GLU B 185 21.51 25.88 9.30
N GLY B 186 21.81 27.05 8.77
CA GLY B 186 21.59 27.32 7.35
C GLY B 186 20.21 27.41 6.74
N ALA B 187 20.12 27.04 5.47
CA ALA B 187 18.88 27.10 4.71
C ALA B 187 17.68 26.44 5.38
N ALA B 188 17.92 25.42 6.18
CA ALA B 188 16.82 24.71 6.87
C ALA B 188 15.94 25.70 7.64
N ASN B 189 16.49 26.86 7.97
CA ASN B 189 15.74 27.87 8.71
C ASN B 189 15.49 29.12 7.86
N HIS B 190 15.74 28.99 6.57
CA HIS B 190 15.58 30.10 5.63
C HIS B 190 14.33 29.92 4.75
N ASN B 191 13.84 31.03 4.20
CA ASN B 191 12.67 31.02 3.33
C ASN B 191 12.78 32.18 2.34
N ARG B 192 12.16 32.04 1.18
CA ARG B 192 12.19 33.11 0.19
C ARG B 192 10.84 33.19 -0.51
N LEU B 193 10.16 34.32 -0.35
CA LEU B 193 8.86 34.54 -0.95
C LEU B 193 8.87 35.68 -1.97
N GLY B 194 8.06 35.54 -3.01
CA GLY B 194 7.98 36.57 -4.03
C GLY B 194 7.29 36.08 -5.28
N GLY B 195 7.31 36.90 -6.32
CA GLY B 195 6.68 36.51 -7.57
C GLY B 195 7.55 35.47 -8.24
N HIS B 196 8.13 35.84 -9.38
CA HIS B 196 8.99 34.93 -10.09
C HIS B 196 10.33 34.84 -9.37
N TYR B 197 10.94 33.66 -9.43
CA TYR B 197 12.22 33.41 -8.78
C TYR B 197 13.27 34.48 -9.07
N GLY B 198 13.37 34.87 -10.34
CA GLY B 198 14.35 35.86 -10.76
C GLY B 198 14.13 37.29 -10.28
N GLU B 199 12.96 37.57 -9.75
CA GLU B 199 12.66 38.90 -9.24
C GLU B 199 13.10 39.02 -7.78
N PRO B 200 13.35 40.25 -7.31
CA PRO B 200 13.76 40.46 -5.93
C PRO B 200 12.74 39.81 -5.00
N GLY B 201 13.21 38.98 -4.08
CA GLY B 201 12.30 38.31 -3.20
C GLY B 201 12.42 38.73 -1.75
N GLN B 203 13.11 37.63 1.95
CA GLN B 203 13.78 36.56 2.68
C GLN B 203 13.33 36.53 4.12
N LEU B 204 12.98 35.34 4.59
CA LEU B 204 12.50 35.14 5.95
C LEU B 204 13.45 34.22 6.72
N PHE B 205 14.12 34.78 7.73
CA PHE B 205 15.04 34.03 8.57
C PHE B 205 14.33 33.64 9.86
N VAL B 206 14.27 32.34 10.12
CA VAL B 206 13.62 31.85 11.33
C VAL B 206 14.69 31.38 12.33
N TYR B 207 14.59 31.82 13.57
CA TYR B 207 15.54 31.46 14.61
C TYR B 207 14.80 30.90 15.81
N GLY B 208 15.54 30.23 16.69
CA GLY B 208 14.91 29.63 17.86
C GLY B 208 15.16 30.39 19.15
N ARG B 209 16.23 31.18 19.18
CA ARG B 209 16.56 31.96 20.37
C ARG B 209 17.38 33.20 20.03
N GLU B 210 17.36 34.15 20.97
CA GLU B 210 18.10 35.39 20.81
C GLU B 210 18.47 35.87 22.21
N GLU B 211 19.60 36.54 22.32
CA GLU B 211 20.05 37.05 23.60
C GLU B 211 19.10 38.10 24.18
N GLY B 212 18.84 38.00 25.48
CA GLY B 212 17.95 38.94 26.13
C GLY B 212 16.49 38.51 26.08
N ASN B 213 16.15 37.66 25.12
CA ASN B 213 14.78 37.19 25.00
C ASN B 213 14.60 35.92 25.82
N ASP B 214 13.82 36.03 26.89
CA ASP B 214 13.56 34.91 27.78
C ASP B 214 12.71 33.82 27.14
N THR B 215 12.14 34.12 25.98
CA THR B 215 11.32 33.17 25.24
C THR B 215 12.21 32.28 24.40
N ARG B 216 12.34 31.02 24.81
CA ARG B 216 13.17 30.06 24.08
C ARG B 216 12.86 28.64 24.55
N PRO B 217 13.21 27.63 23.72
CA PRO B 217 12.96 26.23 24.06
C PRO B 217 13.50 25.89 25.45
N SER B 218 12.83 24.98 26.15
CA SER B 218 13.26 24.59 27.49
C SER B 218 13.52 23.10 27.65
N ARG B 219 13.41 22.36 26.55
CA ARG B 219 13.65 20.91 26.57
C ARG B 219 14.65 20.52 25.48
N TYR B 220 14.56 21.22 24.35
CA TYR B 220 15.44 20.98 23.20
C TYR B 220 16.09 22.31 22.84
N PRO B 221 17.35 22.54 23.25
CA PRO B 221 18.02 23.81 22.95
C PRO B 221 17.89 24.24 21.48
N ALA B 222 17.76 25.54 21.28
CA ALA B 222 17.61 26.11 19.95
C ALA B 222 18.95 26.15 19.24
N ARG B 223 19.04 25.50 18.08
CA ARG B 223 20.29 25.48 17.34
C ARG B 223 20.56 26.78 16.58
N GLN B 224 19.50 27.52 16.27
CA GLN B 224 19.62 28.77 15.51
C GLN B 224 19.39 29.99 16.39
N THR B 225 20.32 30.92 16.36
CA THR B 225 20.17 32.14 17.16
C THR B 225 19.94 33.28 16.19
N ARG B 226 19.23 34.31 16.63
CA ARG B 226 18.94 35.45 15.79
C ARG B 226 20.24 36.14 15.41
N GLU B 227 21.19 36.19 16.36
CA GLU B 227 22.48 36.83 16.11
C GLU B 227 23.15 36.19 14.89
N ALA B 228 23.05 34.87 14.77
CA ALA B 228 23.64 34.18 13.62
C ALA B 228 22.89 34.54 12.33
N SER B 229 21.56 34.49 12.39
CA SER B 229 20.74 34.81 11.22
C SER B 229 21.04 36.19 10.68
N GLU B 230 21.15 37.16 11.58
CA GLU B 230 21.44 38.52 11.19
C GLU B 230 22.81 38.65 10.56
N ALA B 231 23.77 37.86 11.05
CA ALA B 231 25.12 37.90 10.52
C ALA B 231 25.17 37.32 9.11
N VAL B 232 24.43 36.25 8.89
CA VAL B 232 24.39 35.64 7.57
C VAL B 232 23.72 36.62 6.60
N ALA B 233 22.67 37.30 7.07
CA ALA B 233 21.96 38.26 6.22
C ALA B 233 22.97 39.31 5.75
N ARG B 234 23.85 39.74 6.66
CA ARG B 234 24.88 40.72 6.32
C ARG B 234 25.89 40.14 5.35
N LEU B 235 26.42 38.96 5.66
CA LEU B 235 27.39 38.32 4.80
C LEU B 235 26.87 38.14 3.38
N ASN B 236 25.59 37.78 3.26
CA ASN B 236 24.98 37.55 1.95
C ASN B 236 24.54 38.81 1.23
N GLN B 237 24.92 39.96 1.77
CA GLN B 237 24.60 41.27 1.18
C GLN B 237 23.12 41.39 0.83
N VAL B 238 22.26 40.94 1.74
CA VAL B 238 20.83 40.99 1.52
C VAL B 238 20.28 42.39 1.74
N ASN B 239 19.48 42.87 0.80
CA ASN B 239 18.88 44.19 0.92
C ASN B 239 18.05 44.21 2.20
N PRO B 240 18.35 45.15 3.10
CA PRO B 240 17.66 45.32 4.38
C PRO B 240 16.14 45.31 4.31
N GLN B 241 15.58 45.80 3.21
CA GLN B 241 14.14 45.85 3.03
C GLN B 241 13.56 44.53 2.54
N GLN B 242 14.44 43.60 2.16
CA GLN B 242 14.01 42.30 1.65
C GLN B 242 14.29 41.18 2.65
N VAL B 243 14.35 41.52 3.93
CA VAL B 243 14.60 40.51 4.96
C VAL B 243 13.73 40.70 6.20
N ILE B 244 13.29 39.58 6.75
CA ILE B 244 12.44 39.56 7.94
C ILE B 244 12.94 38.45 8.86
N PHE B 245 13.12 38.77 10.13
CA PHE B 245 13.56 37.77 11.09
C PHE B 245 12.36 37.44 11.98
N ALA B 246 12.02 36.16 12.05
CA ALA B 246 10.90 35.71 12.86
C ALA B 246 11.34 34.57 13.78
N GLN B 247 10.83 34.57 15.00
CA GLN B 247 11.18 33.54 15.96
C GLN B 247 10.25 32.35 15.85
N GLN B 248 10.82 31.15 15.90
CA GLN B 248 10.05 29.93 15.83
C GLN B 248 9.29 29.80 17.14
N ASN B 249 8.11 29.16 17.11
CA ASN B 249 7.33 28.96 18.32
C ASN B 249 8.14 28.02 19.20
N PRO B 250 8.52 28.47 20.41
CA PRO B 250 9.31 27.66 21.34
C PRO B 250 8.66 26.34 21.76
N ASP B 251 7.32 26.31 21.79
CA ASP B 251 6.62 25.09 22.17
C ASP B 251 6.71 24.01 21.10
N VAL B 252 6.84 24.42 19.85
CA VAL B 252 6.93 23.46 18.77
C VAL B 252 8.33 22.85 18.74
N ILE B 253 9.33 23.66 19.12
CA ILE B 253 10.71 23.20 19.16
C ILE B 253 10.84 22.11 20.21
N ASP B 254 10.24 22.34 21.37
CA ASP B 254 10.29 21.35 22.45
C ASP B 254 9.58 20.05 22.07
N GLN B 255 8.84 20.06 20.97
CA GLN B 255 8.12 18.87 20.53
C GLN B 255 8.80 18.12 19.39
N GLY B 256 9.96 18.61 18.96
CA GLY B 256 10.67 17.92 17.90
C GLY B 256 11.01 18.74 16.67
N VAL B 257 10.54 19.98 16.60
CA VAL B 257 10.82 20.83 15.46
C VAL B 257 12.16 21.55 15.69
N PHE B 258 13.26 20.88 15.34
CA PHE B 258 14.59 21.45 15.54
C PHE B 258 15.04 22.43 14.46
N HIS B 259 14.28 22.51 13.36
CA HIS B 259 14.56 23.43 12.25
C HIS B 259 13.21 23.88 11.69
N ASN B 260 13.15 25.05 11.08
CA ASN B 260 11.91 25.54 10.50
C ASN B 260 11.35 24.63 9.41
N ASP B 261 12.24 23.95 8.69
CA ASP B 261 11.78 23.08 7.60
C ASP B 261 11.12 21.79 8.06
N VAL B 262 10.70 21.75 9.32
CA VAL B 262 9.99 20.59 9.86
C VAL B 262 8.58 21.04 10.26
N ILE B 263 8.33 22.33 10.15
CA ILE B 263 7.02 22.88 10.51
C ILE B 263 6.49 23.88 9.48
N ALA B 264 7.32 24.23 8.50
CA ALA B 264 6.94 25.19 7.47
C ALA B 264 7.86 25.17 6.24
N VAL B 265 7.29 25.47 5.08
CA VAL B 265 8.07 25.52 3.84
C VAL B 265 7.47 26.58 2.89
N SER B 266 8.34 27.29 2.19
CA SER B 266 7.88 28.33 1.28
C SER B 266 8.27 28.06 -0.17
N ASN B 267 7.58 28.74 -1.08
CA ASN B 267 7.85 28.67 -2.51
C ASN B 267 7.04 29.71 -3.26
N ARG B 268 7.74 30.63 -3.93
CA ARG B 268 7.11 31.71 -4.67
C ARG B 268 6.28 32.56 -3.72
N GLN B 269 4.97 32.61 -3.96
CA GLN B 269 4.08 33.41 -3.15
C GLN B 269 3.40 32.62 -2.02
N VAL B 270 3.69 31.31 -1.96
CA VAL B 270 3.07 30.46 -0.95
C VAL B 270 3.95 30.08 0.25
N LEU B 271 3.33 30.08 1.42
CA LEU B 271 3.99 29.69 2.66
C LEU B 271 3.10 28.62 3.29
N PHE B 272 3.51 27.37 3.16
CA PHE B 272 2.79 26.23 3.71
C PHE B 272 3.32 25.98 5.13
N CYS B 273 2.51 26.28 6.14
CA CYS B 273 2.96 26.13 7.51
C CYS B 273 1.89 25.64 8.49
N HIS B 274 2.33 25.17 9.64
CA HIS B 274 1.43 24.70 10.68
C HIS B 274 0.99 25.94 11.46
N GLN B 275 -0.20 25.90 12.05
CA GLN B 275 -0.70 27.04 12.80
C GLN B 275 0.18 27.37 14.02
N GLN B 276 0.85 26.37 14.57
CA GLN B 276 1.71 26.57 15.74
C GLN B 276 3.18 26.76 15.37
N ALA B 277 3.43 27.14 14.11
CA ALA B 277 4.78 27.32 13.61
C ALA B 277 5.58 28.50 14.16
N PHE B 278 5.02 29.70 14.14
CA PHE B 278 5.74 30.88 14.61
C PHE B 278 5.21 31.54 15.86
N ALA B 279 6.12 32.15 16.62
CA ALA B 279 5.80 32.84 17.86
C ALA B 279 4.68 33.88 17.69
N ARG B 280 4.85 34.82 16.78
CA ARG B 280 3.83 35.84 16.55
C ARG B 280 3.27 35.62 15.14
N GLN B 281 2.80 34.41 14.90
CA GLN B 281 2.29 34.05 13.58
C GLN B 281 1.35 35.06 12.91
N SER B 282 0.27 35.43 13.59
CA SER B 282 -0.69 36.38 13.04
C SER B 282 0.02 37.61 12.48
N GLN B 283 0.88 38.21 13.29
CA GLN B 283 1.58 39.41 12.87
C GLN B 283 2.55 39.14 11.70
N LEU B 284 3.22 38.00 11.73
CA LEU B 284 4.16 37.66 10.66
C LEU B 284 3.43 37.52 9.31
N LEU B 285 2.37 36.73 9.29
CA LEU B 285 1.61 36.53 8.05
C LEU B 285 1.04 37.83 7.50
N ALA B 286 0.49 38.67 8.37
CA ALA B 286 -0.07 39.95 7.93
C ALA B 286 1.03 40.78 7.29
N ASN B 287 2.21 40.75 7.90
CA ASN B 287 3.34 41.50 7.38
C ASN B 287 3.75 40.99 6.00
N LEU B 288 3.75 39.68 5.82
CA LEU B 288 4.11 39.09 4.54
C LEU B 288 3.06 39.49 3.50
N ARG B 289 1.79 39.50 3.90
CA ARG B 289 0.71 39.88 2.98
C ARG B 289 0.92 41.32 2.48
N ALA B 290 1.41 42.18 3.38
CA ALA B 290 1.64 43.57 3.02
C ALA B 290 2.89 43.76 2.15
N ARG B 291 3.87 42.88 2.30
CA ARG B 291 5.12 43.01 1.54
C ARG B 291 5.29 42.08 0.34
N VAL B 292 4.53 41.01 0.28
CA VAL B 292 4.65 40.09 -0.84
C VAL B 292 3.38 40.04 -1.66
N ASN B 293 3.48 40.51 -2.90
CA ASN B 293 2.35 40.56 -3.82
C ASN B 293 1.78 39.18 -4.08
N GLY B 294 0.48 39.03 -3.88
CA GLY B 294 -0.16 37.75 -4.10
C GLY B 294 0.16 36.71 -3.04
N PHE B 295 0.86 37.11 -1.99
CA PHE B 295 1.21 36.19 -0.92
C PHE B 295 0.00 35.41 -0.41
N ALA B 297 -0.91 32.35 2.50
CA ALA B 297 -0.48 31.50 3.60
C ALA B 297 -1.45 30.35 3.76
N ILE B 298 -0.93 29.13 3.70
CA ILE B 298 -1.73 27.93 3.86
C ILE B 298 -1.39 27.36 5.24
N GLU B 299 -2.22 27.68 6.23
CA GLU B 299 -1.99 27.21 7.60
C GLU B 299 -2.75 25.93 7.90
N VAL B 300 -2.04 24.94 8.44
CA VAL B 300 -2.66 23.67 8.78
C VAL B 300 -3.06 23.75 10.26
N PRO B 301 -4.37 23.78 10.55
CA PRO B 301 -4.85 23.85 11.93
C PRO B 301 -4.51 22.57 12.72
N ALA B 302 -4.20 22.73 14.00
CA ALA B 302 -3.84 21.61 14.84
C ALA B 302 -4.93 20.56 14.89
N THR B 303 -6.19 20.99 14.77
CA THR B 303 -7.32 20.07 14.79
C THR B 303 -7.15 19.01 13.72
N GLN B 304 -6.74 19.43 12.53
CA GLN B 304 -6.54 18.51 11.43
C GLN B 304 -5.24 17.71 11.54
N VAL B 305 -4.15 18.39 11.86
CA VAL B 305 -2.86 17.72 12.00
C VAL B 305 -2.12 18.26 13.22
N SER B 306 -1.85 17.39 14.19
CA SER B 306 -1.15 17.81 15.39
C SER B 306 0.35 17.98 15.12
N VAL B 307 1.05 18.59 16.07
CA VAL B 307 2.48 18.80 15.95
C VAL B 307 3.15 17.43 15.96
N SER B 308 2.62 16.54 16.79
CA SER B 308 3.14 15.18 16.89
C SER B 308 3.09 14.51 15.52
N ASP B 309 1.94 14.59 14.87
CA ASP B 309 1.75 14.01 13.53
C ASP B 309 2.76 14.64 12.57
N THR B 310 2.93 15.95 12.71
CA THR B 310 3.85 16.70 11.87
C THR B 310 5.26 16.16 11.98
N VAL B 311 5.71 15.95 13.21
CA VAL B 311 7.06 15.47 13.47
C VAL B 311 7.28 14.02 13.01
N SER B 312 6.27 13.18 13.16
CA SER B 312 6.41 11.79 12.76
C SER B 312 6.32 11.54 11.26
N THR B 313 5.51 12.34 10.56
CA THR B 313 5.34 12.17 9.12
C THR B 313 6.25 13.08 8.29
N TYR B 314 6.71 14.18 8.88
CA TYR B 314 7.58 15.13 8.21
C TYR B 314 6.82 15.79 7.07
N LEU B 315 5.55 16.07 7.34
CA LEU B 315 4.67 16.72 6.38
C LEU B 315 5.27 18.01 5.86
N PHE B 316 5.90 18.78 6.74
CA PHE B 316 6.47 20.05 6.34
C PHE B 316 7.92 20.03 5.86
N ASN B 317 8.53 18.85 5.88
CA ASN B 317 9.89 18.72 5.37
C ASN B 317 9.76 18.30 3.92
N SER B 318 8.66 18.72 3.31
CA SER B 318 8.38 18.43 1.91
C SER B 318 8.93 19.53 1.01
N GLN B 319 9.08 19.22 -0.27
CA GLN B 319 9.55 20.22 -1.23
C GLN B 319 8.32 20.75 -1.95
N LEU B 320 8.19 22.07 -2.00
CA LEU B 320 7.07 22.71 -2.68
C LEU B 320 7.65 23.27 -3.99
N LEU B 321 7.41 22.55 -5.09
CA LEU B 321 7.93 22.92 -6.41
C LEU B 321 6.94 23.69 -7.30
N SER B 322 7.50 24.38 -8.29
CA SER B 322 6.72 25.16 -9.24
C SER B 322 6.85 24.64 -10.67
N ARG B 323 5.73 24.58 -11.39
CA ARG B 323 5.79 24.18 -12.79
C ARG B 323 5.72 25.48 -13.59
N ASP B 324 5.88 25.38 -14.91
CA ASP B 324 5.85 26.58 -15.75
C ASP B 324 4.54 27.35 -15.74
N ASP B 325 3.43 26.63 -15.64
CA ASP B 325 2.10 27.25 -15.65
C ASP B 325 1.75 27.91 -14.33
N GLY B 326 2.65 27.84 -13.35
CA GLY B 326 2.37 28.44 -12.06
C GLY B 326 1.82 27.47 -11.04
N SER B 327 1.46 26.27 -11.49
CA SER B 327 0.93 25.26 -10.57
C SER B 327 2.10 24.72 -9.72
N LEU B 330 3.85 18.99 -4.40
CA LEU B 330 4.41 18.72 -3.08
C LEU B 330 5.12 17.37 -3.10
N VAL B 331 6.41 17.39 -2.82
CA VAL B 331 7.19 16.15 -2.77
C VAL B 331 7.25 15.75 -1.30
N LEU B 332 6.68 14.59 -0.99
CA LEU B 332 6.61 14.11 0.38
C LEU B 332 7.24 12.74 0.63
N PRO B 333 7.61 12.47 1.90
CA PRO B 333 8.20 11.19 2.26
C PRO B 333 7.05 10.18 2.43
N GLN B 334 7.35 8.91 2.25
CA GLN B 334 6.35 7.85 2.37
C GLN B 334 5.48 7.91 3.63
N GLU B 335 6.07 8.36 4.74
CA GLU B 335 5.33 8.43 5.99
C GLU B 335 4.06 9.29 5.92
N CYS B 336 4.02 10.23 4.97
CA CYS B 336 2.84 11.07 4.83
C CYS B 336 1.68 10.31 4.20
N ARG B 337 1.99 9.33 3.36
CA ARG B 337 0.97 8.53 2.70
C ARG B 337 0.48 7.45 3.65
N GLU B 338 1.38 6.99 4.51
CA GLU B 338 1.07 5.94 5.47
C GLU B 338 0.28 6.45 6.67
N HIS B 339 0.14 7.76 6.78
CA HIS B 339 -0.61 8.36 7.89
C HIS B 339 -1.96 8.84 7.36
N ALA B 340 -3.01 8.07 7.67
CA ALA B 340 -4.36 8.37 7.21
C ALA B 340 -4.75 9.82 7.42
N GLY B 341 -4.49 10.34 8.63
CA GLY B 341 -4.83 11.72 8.94
C GLY B 341 -4.15 12.76 8.05
N VAL B 342 -2.84 12.60 7.86
CA VAL B 342 -2.08 13.52 7.04
C VAL B 342 -2.44 13.37 5.57
N TRP B 343 -2.50 12.13 5.11
CA TRP B 343 -2.83 11.83 3.72
C TRP B 343 -4.21 12.42 3.40
N GLY B 344 -5.13 12.28 4.34
CA GLY B 344 -6.47 12.81 4.15
C GLY B 344 -6.43 14.31 3.97
N TYR B 345 -5.68 14.99 4.83
CA TYR B 345 -5.55 16.44 4.74
C TYR B 345 -4.96 16.86 3.40
N LEU B 346 -3.92 16.15 2.95
CA LEU B 346 -3.26 16.46 1.70
C LEU B 346 -4.21 16.35 0.50
N ASN B 347 -5.05 15.32 0.50
CA ASN B 347 -6.00 15.15 -0.59
C ASN B 347 -7.01 16.31 -0.59
N GLU B 348 -7.33 16.81 0.60
CA GLU B 348 -8.24 17.94 0.72
C GLU B 348 -7.55 19.20 0.19
N LEU B 349 -6.28 19.34 0.56
CA LEU B 349 -5.46 20.47 0.15
C LEU B 349 -5.34 20.51 -1.36
N LEU B 350 -5.19 19.32 -1.96
CA LEU B 350 -5.05 19.20 -3.40
C LEU B 350 -6.29 19.68 -4.15
N ALA B 351 -7.47 19.50 -3.57
CA ALA B 351 -8.71 19.92 -4.21
C ALA B 351 -9.13 21.34 -3.84
N ALA B 352 -8.52 21.88 -2.78
CA ALA B 352 -8.83 23.23 -2.31
C ALA B 352 -8.31 24.28 -3.30
N ASP B 353 -8.74 25.52 -3.11
CA ASP B 353 -8.35 26.63 -3.98
C ASP B 353 -6.95 27.17 -3.68
N ASN B 354 -5.94 26.54 -4.27
CA ASN B 354 -4.55 26.94 -4.11
C ASN B 354 -3.74 26.36 -5.26
N PRO B 355 -2.47 26.80 -5.42
CA PRO B 355 -1.58 26.34 -6.50
C PRO B 355 -1.18 24.86 -6.50
N ILE B 356 -1.23 24.20 -5.35
CA ILE B 356 -0.83 22.79 -5.29
C ILE B 356 -1.78 21.87 -6.06
N SER B 357 -1.27 21.36 -7.18
CA SER B 357 -2.06 20.49 -8.05
C SER B 357 -1.58 19.05 -8.13
N GLU B 358 -0.47 18.72 -7.47
CA GLU B 358 0.05 17.35 -7.52
C GLU B 358 0.81 16.97 -6.26
N LEU B 359 0.68 15.70 -5.87
CA LEU B 359 1.36 15.15 -4.70
C LEU B 359 2.29 14.07 -5.20
N LYS B 360 3.56 14.12 -4.78
CA LYS B 360 4.52 13.13 -5.20
C LYS B 360 5.23 12.54 -3.98
N VAL B 361 5.17 11.23 -3.84
CA VAL B 361 5.76 10.55 -2.70
C VAL B 361 7.01 9.72 -3.05
N PHE B 362 7.99 9.76 -2.17
CA PHE B 362 9.23 9.01 -2.37
C PHE B 362 9.59 8.19 -1.12
N ASP B 363 10.21 7.03 -1.35
CA ASP B 363 10.65 6.14 -0.30
C ASP B 363 12.03 6.62 0.14
N LEU B 364 12.12 7.22 1.31
CA LEU B 364 13.39 7.71 1.84
C LEU B 364 13.59 7.19 3.26
N ARG B 365 13.28 5.92 3.47
CA ARG B 365 13.40 5.32 4.79
C ARG B 365 14.77 5.43 5.45
N GLU B 366 15.85 5.23 4.69
CA GLU B 366 17.17 5.33 5.29
C GLU B 366 17.45 6.71 5.88
N SER B 367 17.20 7.76 5.10
CA SER B 367 17.41 9.11 5.57
C SER B 367 16.43 9.46 6.70
N ALA B 369 15.21 7.54 8.81
CA ALA B 369 15.59 6.82 10.02
C ALA B 369 16.49 7.70 10.89
N ASN B 370 17.25 8.59 10.24
CA ASN B 370 18.14 9.49 10.96
C ASN B 370 17.59 10.91 11.09
N GLY B 371 16.33 11.10 10.72
CA GLY B 371 15.70 12.41 10.83
C GLY B 371 15.74 13.33 9.63
N GLY B 372 15.86 12.77 8.42
CA GLY B 372 15.91 13.60 7.23
C GLY B 372 14.89 13.25 6.16
N GLY B 373 14.09 14.24 5.76
CA GLY B 373 13.08 14.05 4.73
C GLY B 373 13.54 14.63 3.40
N PRO B 374 12.64 14.72 2.39
CA PRO B 374 12.98 15.24 1.07
C PRO B 374 13.65 16.59 1.06
N ALA B 375 13.16 17.51 1.89
CA ALA B 375 13.74 18.85 1.93
C ALA B 375 15.09 18.89 2.64
N CYS B 376 15.27 18.06 3.66
CA CYS B 376 16.53 18.02 4.39
C CYS B 376 17.68 17.65 3.45
N LEU B 377 17.36 16.81 2.48
CA LEU B 377 18.35 16.34 1.51
C LEU B 377 18.62 17.30 0.35
N ARG B 378 17.99 18.48 0.35
CA ARG B 378 18.21 19.40 -0.75
C ARG B 378 18.43 20.87 -0.38
N LEU B 379 19.22 21.54 -1.21
CA LEU B 379 19.53 22.95 -1.01
C LEU B 379 19.06 23.73 -2.24
N ARG B 380 18.14 24.66 -2.04
CA ARG B 380 17.59 25.48 -3.10
C ARG B 380 18.45 26.65 -3.52
N VAL B 381 18.83 26.70 -4.79
CA VAL B 381 19.65 27.78 -5.31
C VAL B 381 19.03 28.37 -6.57
N VAL B 382 18.47 29.57 -6.45
CA VAL B 382 17.87 30.26 -7.59
C VAL B 382 19.01 30.82 -8.44
N LEU B 383 19.04 30.41 -9.70
CA LEU B 383 20.11 30.85 -10.61
C LEU B 383 19.60 31.38 -11.95
N THR B 384 20.23 32.45 -12.44
CA THR B 384 19.85 33.00 -13.73
C THR B 384 20.41 32.04 -14.78
N GLU B 385 20.02 32.22 -16.02
CA GLU B 385 20.52 31.36 -17.09
C GLU B 385 22.04 31.41 -17.21
N GLU B 386 22.61 32.60 -17.05
CA GLU B 386 24.07 32.74 -17.14
C GLU B 386 24.76 32.14 -15.94
N GLU B 387 24.12 32.24 -14.77
CA GLU B 387 24.69 31.67 -13.55
C GLU B 387 24.61 30.15 -13.63
N ARG B 388 23.52 29.64 -14.20
CA ARG B 388 23.38 28.20 -14.33
C ARG B 388 24.51 27.65 -15.20
N ARG B 389 24.89 28.42 -16.21
CA ARG B 389 25.98 28.02 -17.11
C ARG B 389 27.32 28.07 -16.42
N ALA B 390 27.45 28.96 -15.44
CA ALA B 390 28.70 29.13 -14.70
C ALA B 390 28.96 28.02 -13.66
N VAL B 391 27.91 27.29 -13.30
CA VAL B 391 28.05 26.21 -12.31
C VAL B 391 28.80 25.02 -12.92
N ASN B 392 29.64 24.38 -12.11
CA ASN B 392 30.40 23.20 -12.54
C ASN B 392 29.41 22.25 -13.21
N PRO B 393 29.49 22.11 -14.55
CA PRO B 393 28.56 21.22 -15.25
C PRO B 393 28.60 19.75 -14.83
N ALA B 394 29.70 19.33 -14.22
CA ALA B 394 29.85 17.94 -13.77
C ALA B 394 28.91 17.51 -12.65
N VAL B 395 28.26 18.46 -11.99
CA VAL B 395 27.35 18.11 -10.90
C VAL B 395 25.88 18.28 -11.27
N ASN B 398 21.54 14.47 -14.97
CA ASN B 398 21.15 14.03 -16.31
C ASN B 398 21.40 12.52 -16.36
N ASP B 399 20.98 11.87 -17.45
CA ASP B 399 21.15 10.42 -17.57
C ASP B 399 22.59 9.95 -17.34
N THR B 400 23.55 10.67 -17.91
CA THR B 400 24.94 10.29 -17.78
C THR B 400 25.44 10.32 -16.33
N LEU B 401 25.17 11.42 -15.61
CA LEU B 401 25.62 11.53 -14.22
C LEU B 401 24.88 10.48 -13.38
N PHE B 402 23.58 10.36 -13.61
CA PHE B 402 22.75 9.40 -12.89
C PHE B 402 23.31 7.98 -12.99
N ASN B 403 23.61 7.54 -14.21
CA ASN B 403 24.16 6.21 -14.40
C ASN B 403 25.56 6.06 -13.84
N ALA B 404 26.36 7.11 -13.95
CA ALA B 404 27.71 7.08 -13.42
C ALA B 404 27.70 6.97 -11.88
N LEU B 405 26.85 7.74 -11.23
CA LEU B 405 26.76 7.69 -9.77
C LEU B 405 26.19 6.35 -9.29
N ASN B 406 25.19 5.82 -9.99
CA ASN B 406 24.62 4.54 -9.60
C ASN B 406 25.69 3.44 -9.66
N ASP B 407 26.51 3.50 -10.70
CA ASP B 407 27.57 2.50 -10.85
C ASP B 407 28.61 2.66 -9.75
N TRP B 408 28.97 3.92 -9.45
CA TRP B 408 29.93 4.22 -8.41
C TRP B 408 29.42 3.66 -7.07
N VAL B 409 28.14 3.85 -6.79
CA VAL B 409 27.55 3.37 -5.55
C VAL B 409 27.58 1.85 -5.47
N ASP B 410 27.19 1.19 -6.56
CA ASP B 410 27.20 -0.27 -6.62
C ASP B 410 28.60 -0.84 -6.38
N ARG B 411 29.62 -0.10 -6.78
CA ARG B 411 30.99 -0.56 -6.62
C ARG B 411 31.54 -0.41 -5.21
N TYR B 412 31.30 0.74 -4.59
CA TYR B 412 31.85 1.02 -3.27
C TYR B 412 30.96 0.89 -2.03
N TYR B 413 29.64 1.01 -2.19
CA TYR B 413 28.77 0.94 -1.02
C TYR B 413 28.36 -0.44 -0.55
N ARG B 414 28.37 -0.62 0.78
CA ARG B 414 27.99 -1.86 1.41
C ARG B 414 26.47 -1.87 1.61
N ASP B 415 25.89 -3.06 1.68
CA ASP B 415 24.46 -3.21 1.87
C ASP B 415 24.13 -3.32 3.36
N ARG B 416 25.16 -3.52 4.16
CA ARG B 416 24.98 -3.66 5.59
C ARG B 416 26.11 -2.97 6.33
N LEU B 417 25.78 -2.27 7.42
CA LEU B 417 26.79 -1.57 8.20
C LEU B 417 26.30 -1.30 9.62
N THR B 418 27.22 -1.34 10.58
CA THR B 418 26.94 -1.07 11.97
C THR B 418 28.08 -0.23 12.51
N ALA B 419 27.87 0.39 13.68
CA ALA B 419 28.88 1.23 14.31
C ALA B 419 30.19 0.46 14.49
N ALA B 420 30.08 -0.84 14.72
CA ALA B 420 31.25 -1.68 14.93
C ALA B 420 32.16 -1.75 13.72
N ASP B 421 31.60 -1.57 12.53
CA ASP B 421 32.41 -1.65 11.30
C ASP B 421 33.23 -0.39 11.05
N LEU B 422 32.96 0.67 11.79
CA LEU B 422 33.68 1.92 11.62
C LEU B 422 35.16 1.83 12.01
N ALA B 423 35.53 0.79 12.74
CA ALA B 423 36.92 0.60 13.16
C ALA B 423 37.74 -0.18 12.12
N ASP B 424 37.04 -0.73 11.11
CA ASP B 424 37.67 -1.51 10.06
C ASP B 424 38.51 -0.66 9.12
N PRO B 425 39.83 -0.91 9.07
CA PRO B 425 40.77 -0.16 8.22
C PRO B 425 40.40 -0.30 6.75
N GLN B 426 39.77 -1.41 6.40
CA GLN B 426 39.38 -1.64 5.03
C GLN B 426 38.23 -0.72 4.62
N LEU B 427 37.31 -0.45 5.54
CA LEU B 427 36.20 0.46 5.22
C LEU B 427 36.82 1.84 4.95
N LEU B 428 37.81 2.21 5.76
CA LEU B 428 38.49 3.49 5.62
C LEU B 428 39.11 3.60 4.22
N ARG B 429 39.86 2.58 3.81
CA ARG B 429 40.51 2.57 2.50
C ARG B 429 39.51 2.58 1.35
N GLU B 430 38.42 1.86 1.49
CA GLU B 430 37.39 1.83 0.45
C GLU B 430 36.79 3.23 0.27
N GLY B 431 36.52 3.90 1.39
CA GLY B 431 35.96 5.23 1.34
C GLY B 431 36.90 6.25 0.73
N ARG B 432 38.21 6.11 0.97
CA ARG B 432 39.19 7.04 0.41
C ARG B 432 39.26 6.90 -1.10
N GLU B 433 39.35 5.66 -1.59
CA GLU B 433 39.40 5.44 -3.03
C GLU B 433 38.09 5.95 -3.66
N ALA B 434 36.97 5.59 -3.04
CA ALA B 434 35.67 6.02 -3.54
C ALA B 434 35.61 7.53 -3.72
N LEU B 435 35.98 8.28 -2.68
CA LEU B 435 35.94 9.73 -2.76
C LEU B 435 36.93 10.30 -3.77
N ASP B 436 38.07 9.64 -3.93
CA ASP B 436 39.05 10.13 -4.88
C ASP B 436 38.51 9.95 -6.30
N VAL B 437 37.86 8.81 -6.54
CA VAL B 437 37.29 8.55 -7.86
C VAL B 437 36.11 9.50 -8.11
N LEU B 438 35.29 9.74 -7.09
CA LEU B 438 34.15 10.62 -7.23
C LEU B 438 34.60 12.05 -7.53
N SER B 439 35.69 12.48 -6.91
CA SER B 439 36.20 13.83 -7.12
C SER B 439 36.62 14.02 -8.58
N GLN B 440 36.97 12.92 -9.23
CA GLN B 440 37.37 12.98 -10.63
C GLN B 440 36.09 13.02 -11.48
N LEU B 441 35.14 12.17 -11.13
CA LEU B 441 33.85 12.11 -11.83
C LEU B 441 33.11 13.46 -11.79
N LEU B 442 33.12 14.11 -10.63
CA LEU B 442 32.42 15.38 -10.50
C LEU B 442 33.32 16.59 -10.81
N ASN B 443 34.52 16.30 -11.30
CA ASN B 443 35.48 17.33 -11.66
C ASN B 443 35.65 18.36 -10.56
N LEU B 444 35.99 17.88 -9.37
CA LEU B 444 36.17 18.74 -8.20
C LEU B 444 37.63 18.92 -7.80
N GLY B 445 38.51 18.07 -8.34
CA GLY B 445 39.91 18.18 -8.00
C GLY B 445 40.17 17.64 -6.60
N SER B 446 41.32 18.00 -6.04
CA SER B 446 41.66 17.54 -4.70
C SER B 446 40.93 18.43 -3.70
N VAL B 447 39.64 18.14 -3.54
CA VAL B 447 38.78 18.91 -2.66
C VAL B 447 38.75 18.45 -1.20
N TYR B 448 39.13 17.20 -0.94
CA TYR B 448 39.11 16.68 0.43
C TYR B 448 40.46 16.73 1.15
N PRO B 449 40.43 16.88 2.48
CA PRO B 449 41.65 16.94 3.27
C PRO B 449 42.65 15.80 3.00
N PHE B 450 42.15 14.57 2.89
CA PHE B 450 43.04 13.44 2.65
C PHE B 450 43.78 13.54 1.32
N GLN B 451 43.22 14.29 0.39
CA GLN B 451 43.82 14.47 -0.93
C GLN B 451 44.86 15.59 -0.93
N ARG B 452 44.96 16.30 0.18
CA ARG B 452 45.91 17.40 0.24
C ARG B 452 47.13 17.14 1.12
N ASN C 13 5.54 -4.90 -21.65
CA ASN C 13 5.75 -3.50 -21.17
C ASN C 13 4.65 -2.57 -21.68
N ALA C 14 3.43 -3.10 -21.84
CA ALA C 14 2.32 -2.27 -22.33
C ALA C 14 1.82 -1.30 -21.27
N TRP C 15 1.44 -0.11 -21.70
CA TRP C 15 0.89 0.91 -20.81
C TRP C 15 -0.45 1.34 -21.36
N GLU C 16 -1.31 1.84 -20.49
CA GLU C 16 -2.61 2.32 -20.94
C GLU C 16 -2.39 3.79 -21.28
N VAL C 17 -2.70 4.17 -22.51
CA VAL C 17 -2.53 5.57 -22.93
C VAL C 17 -3.89 6.21 -23.12
N ASN C 18 -4.09 7.35 -22.48
CA ASN C 18 -5.35 8.07 -22.61
C ASN C 18 -5.33 9.05 -23.78
N PHE C 19 -6.31 8.93 -24.67
CA PHE C 19 -6.44 9.84 -25.80
C PHE C 19 -7.67 10.69 -25.51
N ASP C 20 -7.47 11.98 -25.33
CA ASP C 20 -8.57 12.90 -25.02
C ASP C 20 -9.01 13.72 -26.22
N GLY C 21 -10.27 14.14 -26.18
CA GLY C 21 -10.81 14.93 -27.27
C GLY C 21 -10.64 16.43 -27.05
N LEU C 22 -10.02 17.08 -28.01
CA LEU C 22 -9.80 18.51 -27.97
C LEU C 22 -11.12 19.18 -28.37
N VAL C 23 -11.77 19.87 -27.44
CA VAL C 23 -13.06 20.50 -27.72
C VAL C 23 -13.06 21.40 -28.96
N GLY C 24 -14.08 21.22 -29.80
CA GLY C 24 -14.19 22.01 -31.01
C GLY C 24 -14.67 23.45 -30.80
N LEU C 25 -14.51 24.26 -31.82
CA LEU C 25 -14.90 25.67 -31.82
C LEU C 25 -16.39 25.96 -31.69
N THR C 26 -17.24 25.02 -32.10
CA THR C 26 -18.68 25.26 -32.05
C THR C 26 -19.37 24.75 -30.79
N HIS C 27 -18.58 24.38 -29.79
CA HIS C 27 -19.13 23.91 -28.52
C HIS C 27 -20.27 24.85 -28.12
N HIS C 28 -21.47 24.30 -27.97
CA HIS C 28 -22.62 25.14 -27.60
C HIS C 28 -23.73 24.34 -26.92
N TYR C 29 -24.72 25.06 -26.39
CA TYR C 29 -25.85 24.46 -25.71
C TYR C 29 -27.10 24.54 -26.56
N ALA C 30 -27.72 23.39 -26.79
CA ALA C 30 -28.95 23.32 -27.59
C ALA C 30 -30.02 22.50 -26.88
N HIS C 42 -29.44 22.28 -16.91
CA HIS C 42 -29.00 23.66 -16.79
C HIS C 42 -29.75 24.53 -17.81
N ARG C 43 -29.88 25.82 -17.51
CA ARG C 43 -30.61 26.77 -18.36
C ARG C 43 -29.77 27.69 -19.26
N PHE C 44 -28.44 27.59 -19.16
CA PHE C 44 -27.56 28.47 -19.94
C PHE C 44 -27.64 28.31 -21.45
N GLN C 45 -27.49 29.42 -22.15
CA GLN C 45 -27.53 29.36 -23.60
C GLN C 45 -26.23 29.92 -24.17
N VAL C 46 -25.42 30.53 -23.32
CA VAL C 46 -24.14 31.05 -23.76
C VAL C 46 -22.99 30.13 -23.31
N SER C 47 -22.25 29.62 -24.29
CA SER C 47 -21.14 28.74 -24.00
C SER C 47 -19.80 29.44 -24.21
N ASN C 48 -18.74 28.85 -23.68
CA ASN C 48 -17.40 29.40 -23.81
C ASN C 48 -16.49 28.33 -24.43
N PRO C 49 -16.47 28.25 -25.76
CA PRO C 49 -15.64 27.29 -26.49
C PRO C 49 -14.18 27.28 -26.05
N ARG C 50 -13.58 28.48 -26.00
CA ARG C 50 -12.18 28.60 -25.61
C ARG C 50 -11.91 27.99 -24.24
N LEU C 51 -12.74 28.34 -23.27
CA LEU C 51 -12.57 27.81 -21.91
C LEU C 51 -12.79 26.31 -21.88
N ALA C 52 -13.73 25.82 -22.68
CA ALA C 52 -14.01 24.40 -22.72
C ALA C 52 -12.77 23.63 -23.17
N ALA C 53 -12.11 24.15 -24.20
CA ALA C 53 -10.91 23.53 -24.73
C ALA C 53 -9.77 23.58 -23.71
N LYS C 54 -9.56 24.76 -23.12
CA LYS C 54 -8.52 24.96 -22.13
C LYS C 54 -8.68 24.03 -20.92
N GLN C 55 -9.91 23.89 -20.44
CA GLN C 55 -10.18 23.03 -19.29
C GLN C 55 -9.79 21.60 -19.64
N GLY C 56 -10.08 21.19 -20.86
CA GLY C 56 -9.75 19.86 -21.30
C GLY C 56 -8.25 19.66 -21.46
N LEU C 57 -7.57 20.66 -21.99
CA LEU C 57 -6.13 20.60 -22.18
C LEU C 57 -5.44 20.54 -20.82
N LEU C 58 -5.96 21.28 -19.85
CA LEU C 58 -5.39 21.29 -18.51
C LEU C 58 -5.41 19.89 -17.90
N LYS C 59 -6.53 19.19 -18.03
CA LYS C 59 -6.63 17.83 -17.48
C LYS C 59 -5.60 16.95 -18.17
N LYS C 61 -2.78 17.71 -19.71
CA LYS C 61 -1.42 18.06 -19.30
C LYS C 61 -1.08 17.61 -17.88
N ALA C 62 -1.99 17.84 -16.93
CA ALA C 62 -1.74 17.45 -15.56
C ALA C 62 -1.49 15.94 -15.43
N LEU C 63 -2.32 15.14 -16.09
CA LEU C 63 -2.13 13.69 -16.00
C LEU C 63 -0.82 13.31 -16.69
N ALA C 64 -0.53 13.94 -17.82
CA ALA C 64 0.71 13.66 -18.54
C ALA C 64 1.89 13.97 -17.61
N ASP C 65 1.88 15.15 -17.01
CA ASP C 65 2.94 15.57 -16.11
C ASP C 65 3.10 14.61 -14.93
N ALA C 66 1.99 14.06 -14.43
CA ALA C 66 2.03 13.15 -13.30
C ALA C 66 2.52 11.74 -13.69
N GLY C 67 2.82 11.54 -14.97
CA GLY C 67 3.32 10.25 -15.42
C GLY C 67 2.38 9.30 -16.13
N PHE C 68 1.15 9.73 -16.39
CA PHE C 68 0.18 8.88 -17.08
C PHE C 68 0.19 9.19 -18.59
N PRO C 69 0.61 8.22 -19.41
CA PRO C 69 0.68 8.40 -20.87
C PRO C 69 -0.59 9.10 -21.39
N GLN C 70 -0.39 10.20 -22.12
CA GLN C 70 -1.49 11.00 -22.63
C GLN C 70 -1.30 11.42 -24.09
N ALA C 71 -2.42 11.47 -24.81
CA ALA C 71 -2.42 11.86 -26.22
C ALA C 71 -3.70 12.65 -26.50
N VAL C 72 -3.86 13.14 -27.74
CA VAL C 72 -5.03 13.92 -28.09
C VAL C 72 -5.66 13.56 -29.44
N ILE C 73 -6.97 13.80 -29.55
CA ILE C 73 -7.75 13.55 -30.76
C ILE C 73 -8.44 14.89 -31.06
N PRO C 74 -8.27 15.41 -32.28
CA PRO C 74 -8.85 16.69 -32.73
C PRO C 74 -10.37 16.74 -32.93
N PRO C 75 -10.94 17.95 -32.95
CA PRO C 75 -12.37 18.20 -33.14
C PRO C 75 -12.75 17.93 -34.59
N HIS C 76 -14.04 18.05 -34.93
CA HIS C 76 -14.49 17.81 -36.30
C HIS C 76 -14.90 19.09 -37.04
N GLU C 77 -15.17 18.92 -38.33
CA GLU C 77 -15.62 19.99 -39.24
C GLU C 77 -17.02 20.41 -38.81
N ARG C 78 -17.15 21.62 -38.25
CA ARG C 78 -18.42 22.14 -37.76
C ARG C 78 -18.53 23.64 -38.06
N PRO C 79 -19.68 24.08 -38.61
CA PRO C 79 -20.87 23.29 -38.99
C PRO C 79 -20.50 22.29 -40.07
N PHE C 80 -21.23 21.17 -40.11
CA PHE C 80 -20.95 20.15 -41.11
C PHE C 80 -21.94 20.32 -42.27
N ILE C 81 -21.55 21.13 -43.25
CA ILE C 81 -22.41 21.42 -44.37
C ILE C 81 -22.82 20.25 -45.27
N PRO C 82 -21.91 19.27 -45.49
CA PRO C 82 -22.32 18.15 -46.34
C PRO C 82 -23.64 17.48 -45.95
N VAL C 83 -23.95 17.40 -44.66
CA VAL C 83 -25.19 16.74 -44.26
C VAL C 83 -26.38 17.66 -44.56
N LEU C 84 -26.15 18.97 -44.55
CA LEU C 84 -27.22 19.91 -44.86
C LEU C 84 -27.59 19.76 -46.34
N ARG C 85 -26.60 19.46 -47.17
CA ARG C 85 -26.86 19.24 -48.59
C ARG C 85 -27.66 17.96 -48.73
N GLN C 86 -27.32 16.96 -47.91
CA GLN C 86 -28.03 15.69 -47.93
C GLN C 86 -29.48 15.91 -47.58
N LEU C 87 -29.74 16.94 -46.79
CA LEU C 87 -31.09 17.28 -46.35
C LEU C 87 -31.87 18.12 -47.35
N GLY C 88 -31.27 18.40 -48.51
CA GLY C 88 -31.97 19.16 -49.52
C GLY C 88 -31.59 20.62 -49.75
N PHE C 89 -30.63 21.16 -49.00
CA PHE C 89 -30.24 22.54 -49.19
C PHE C 89 -29.04 22.61 -50.12
N SER C 90 -29.22 23.29 -51.25
CA SER C 90 -28.15 23.42 -52.24
C SER C 90 -27.53 24.81 -52.33
N GLY C 91 -26.45 24.90 -53.09
CA GLY C 91 -25.73 26.15 -53.27
C GLY C 91 -24.32 26.04 -52.74
N SER C 92 -23.71 27.18 -52.40
CA SER C 92 -22.36 27.21 -51.86
C SER C 92 -22.48 26.98 -50.36
N ASP C 93 -21.37 26.69 -49.71
CA ASP C 93 -21.40 26.45 -48.27
C ASP C 93 -22.09 27.60 -47.54
N GLU C 94 -21.83 28.82 -47.98
CA GLU C 94 -22.42 29.99 -47.35
C GLU C 94 -23.91 30.12 -47.66
N GLN C 95 -24.30 29.77 -48.89
CA GLN C 95 -25.71 29.85 -49.30
C GLN C 95 -26.51 28.79 -48.55
N VAL C 96 -25.96 27.59 -48.47
CA VAL C 96 -26.62 26.50 -47.76
C VAL C 96 -26.84 26.95 -46.32
N LEU C 97 -25.79 27.49 -45.71
CA LEU C 97 -25.84 27.97 -44.35
C LEU C 97 -26.95 29.01 -44.18
N GLU C 98 -27.03 29.93 -45.14
CA GLU C 98 -28.03 30.98 -45.13
C GLU C 98 -29.44 30.43 -45.32
N LYS C 99 -29.59 29.51 -46.27
CA LYS C 99 -30.89 28.90 -46.53
C LYS C 99 -31.39 28.17 -45.29
N VAL C 100 -30.52 27.42 -44.62
CA VAL C 100 -30.92 26.69 -43.43
C VAL C 100 -31.26 27.65 -42.30
N ALA C 101 -30.43 28.69 -42.13
CA ALA C 101 -30.67 29.69 -41.09
C ALA C 101 -32.05 30.30 -41.28
N ARG C 102 -32.39 30.60 -42.53
CA ARG C 102 -33.68 31.20 -42.86
C ARG C 102 -34.85 30.22 -42.81
N GLN C 103 -34.69 29.10 -43.52
CA GLN C 103 -35.74 28.09 -43.64
C GLN C 103 -35.92 27.09 -42.51
N ALA C 104 -34.83 26.50 -42.03
CA ALA C 104 -34.92 25.51 -40.96
C ALA C 104 -33.71 25.60 -40.05
N PRO C 105 -33.57 26.72 -39.33
CA PRO C 105 -32.46 26.99 -38.40
C PRO C 105 -32.17 25.94 -37.34
N HIS C 106 -33.14 25.08 -37.02
CA HIS C 106 -32.93 24.05 -36.01
C HIS C 106 -31.85 23.05 -36.42
N TRP C 107 -31.64 22.90 -37.72
CA TRP C 107 -30.64 21.97 -38.23
C TRP C 107 -29.23 22.46 -37.94
N LEU C 108 -29.06 23.78 -37.88
CA LEU C 108 -27.75 24.35 -37.62
C LEU C 108 -27.12 23.78 -36.35
N SER C 109 -27.89 23.72 -35.27
CA SER C 109 -27.38 23.19 -34.01
C SER C 109 -27.02 21.70 -34.16
N SER C 110 -27.87 20.95 -34.84
CA SER C 110 -27.67 19.52 -35.03
C SER C 110 -26.40 19.18 -35.83
N VAL C 111 -25.93 20.10 -36.65
CA VAL C 111 -24.74 19.84 -37.44
C VAL C 111 -23.55 20.65 -36.97
N SER C 112 -23.67 21.26 -35.80
CA SER C 112 -22.58 22.07 -35.27
C SER C 112 -22.19 21.69 -33.83
N SER C 113 -22.54 20.47 -33.42
CA SER C 113 -22.22 20.01 -32.07
C SER C 113 -20.75 19.65 -31.94
N ALA C 114 -20.17 19.98 -30.79
CA ALA C 114 -18.78 19.65 -30.52
C ALA C 114 -18.73 18.29 -29.82
N SER C 115 -19.81 17.53 -29.93
CA SER C 115 -19.91 16.20 -29.31
C SER C 115 -18.74 15.23 -29.56
N PRO C 116 -18.00 15.39 -30.68
CA PRO C 116 -16.87 14.50 -30.95
C PRO C 116 -15.84 14.50 -29.80
N TRP C 118 -16.22 13.88 -26.85
CA TRP C 118 -16.38 12.72 -25.98
C TRP C 118 -15.93 11.47 -26.72
N VAL C 119 -14.60 11.34 -26.80
CA VAL C 119 -13.96 10.23 -27.50
C VAL C 119 -14.17 8.87 -26.84
N ALA C 120 -14.79 8.84 -25.68
CA ALA C 120 -15.05 7.57 -25.02
C ALA C 120 -16.06 6.84 -25.91
N ASN C 121 -16.78 7.60 -26.73
CA ASN C 121 -17.75 7.02 -27.64
C ASN C 121 -17.24 6.89 -29.08
N ALA C 122 -15.97 7.26 -29.29
CA ALA C 122 -15.38 7.20 -30.63
C ALA C 122 -15.27 5.79 -31.19
N ALA C 123 -14.86 4.86 -30.34
CA ALA C 123 -14.67 3.48 -30.77
C ALA C 123 -14.47 2.53 -29.59
N THR C 124 -14.29 1.26 -29.93
CA THR C 124 -14.08 0.21 -28.94
C THR C 124 -12.68 -0.34 -29.22
N ILE C 125 -11.87 -0.45 -28.16
CA ILE C 125 -10.49 -0.92 -28.30
C ILE C 125 -10.19 -2.34 -27.84
N ALA C 126 -9.31 -3.01 -28.58
CA ALA C 126 -8.88 -4.36 -28.23
C ALA C 126 -7.36 -4.36 -28.27
N PRO C 127 -6.71 -4.37 -27.09
CA PRO C 127 -5.24 -4.38 -27.03
C PRO C 127 -4.72 -5.63 -27.73
N SER C 128 -3.51 -5.57 -28.29
CA SER C 128 -2.92 -6.71 -28.99
C SER C 128 -2.82 -7.97 -28.14
N ALA C 129 -2.84 -7.81 -26.82
CA ALA C 129 -2.75 -8.94 -25.91
C ALA C 129 -4.04 -9.78 -25.91
N ASP C 130 -5.11 -9.23 -26.49
CA ASP C 130 -6.39 -9.95 -26.51
C ASP C 130 -6.84 -10.37 -27.91
N THR C 131 -6.11 -9.94 -28.94
CA THR C 131 -6.50 -10.25 -30.30
C THR C 131 -5.90 -11.51 -30.90
N LEU C 132 -6.65 -12.13 -31.80
CA LEU C 132 -6.22 -13.37 -32.45
C LEU C 132 -5.09 -13.18 -33.44
N ASP C 133 -4.95 -11.99 -33.99
CA ASP C 133 -3.88 -11.74 -34.95
C ASP C 133 -2.77 -10.89 -34.37
N GLY C 134 -2.80 -10.72 -33.05
CA GLY C 134 -1.78 -9.95 -32.35
C GLY C 134 -1.67 -8.46 -32.64
N LYS C 135 -2.65 -7.86 -33.31
CA LYS C 135 -2.60 -6.43 -33.61
C LYS C 135 -3.62 -5.68 -32.74
N VAL C 136 -3.47 -4.36 -32.68
CA VAL C 136 -4.41 -3.55 -31.91
C VAL C 136 -5.60 -3.25 -32.81
N HIS C 137 -6.80 -3.54 -32.33
CA HIS C 137 -8.01 -3.30 -33.12
C HIS C 137 -8.87 -2.19 -32.54
N LEU C 138 -9.37 -1.34 -33.43
CA LEU C 138 -10.23 -0.23 -33.06
C LEU C 138 -11.45 -0.21 -34.00
N THR C 139 -12.63 -0.38 -33.44
CA THR C 139 -13.85 -0.35 -34.26
C THR C 139 -14.64 0.92 -33.94
N VAL C 140 -14.81 1.77 -34.95
CA VAL C 140 -15.56 3.03 -34.81
C VAL C 140 -17.00 2.76 -34.39
N ALA C 141 -17.53 3.54 -33.44
CA ALA C 141 -18.92 3.36 -33.00
C ALA C 141 -19.84 4.18 -33.91
N ASN C 142 -20.93 3.59 -34.36
CA ASN C 142 -21.86 4.30 -35.23
C ASN C 142 -22.60 5.43 -34.52
N LEU C 143 -22.80 5.29 -33.21
CA LEU C 143 -23.50 6.30 -32.40
C LEU C 143 -24.83 6.63 -33.09
N ASN C 144 -25.52 5.58 -33.53
CA ASN C 144 -26.78 5.73 -34.25
C ASN C 144 -27.95 6.37 -33.53
N ASN C 145 -28.03 6.21 -32.22
CA ASN C 145 -29.16 6.76 -31.47
C ASN C 145 -29.39 8.26 -31.59
N LYS C 146 -28.31 9.06 -31.59
CA LYS C 146 -28.44 10.50 -31.69
C LYS C 146 -27.96 11.01 -33.05
N PHE C 147 -28.85 11.66 -33.79
CA PHE C 147 -28.49 12.17 -35.11
C PHE C 147 -27.18 12.97 -35.12
N HIS C 148 -27.06 13.96 -34.23
CA HIS C 148 -25.85 14.79 -34.21
C HIS C 148 -24.57 14.00 -33.93
N ARG C 149 -24.68 12.87 -33.23
CA ARG C 149 -23.48 12.08 -32.97
C ARG C 149 -23.24 11.07 -34.08
N SER C 150 -24.31 10.66 -34.77
CA SER C 150 -24.20 9.68 -35.86
C SER C 150 -23.35 10.22 -37.00
N LEU C 151 -23.27 11.55 -37.07
CA LEU C 151 -22.49 12.23 -38.10
C LEU C 151 -20.98 12.03 -37.90
N GLU C 152 -20.59 11.68 -36.68
CA GLU C 152 -19.19 11.51 -36.32
C GLU C 152 -18.40 10.38 -36.98
N ALA C 153 -18.97 9.17 -37.00
CA ALA C 153 -18.30 7.98 -37.53
C ALA C 153 -17.32 8.13 -38.71
N PRO C 154 -17.78 8.64 -39.86
CA PRO C 154 -16.89 8.79 -41.01
C PRO C 154 -15.61 9.59 -40.73
N VAL C 155 -15.77 10.73 -40.07
CA VAL C 155 -14.62 11.57 -39.77
C VAL C 155 -13.79 10.96 -38.65
N THR C 156 -14.45 10.33 -37.69
CA THR C 156 -13.77 9.68 -36.59
C THR C 156 -12.88 8.58 -37.16
N GLU C 157 -13.36 7.89 -38.19
CA GLU C 157 -12.56 6.83 -38.79
C GLU C 157 -11.30 7.40 -39.44
N SER C 158 -11.45 8.50 -40.17
CA SER C 158 -10.31 9.15 -40.82
C SER C 158 -9.26 9.55 -39.79
N LEU C 159 -9.73 10.15 -38.69
CA LEU C 159 -8.82 10.59 -37.64
C LEU C 159 -8.06 9.41 -37.01
N LEU C 160 -8.77 8.33 -36.72
CA LEU C 160 -8.12 7.17 -36.12
C LEU C 160 -7.07 6.56 -37.07
N LYS C 161 -7.39 6.54 -38.36
CA LYS C 161 -6.47 5.99 -39.35
C LYS C 161 -5.24 6.89 -39.52
N ALA C 162 -5.39 8.18 -39.25
CA ALA C 162 -4.26 9.10 -39.37
C ALA C 162 -3.40 9.12 -38.10
N ILE C 163 -4.00 8.68 -36.99
CA ILE C 163 -3.31 8.62 -35.72
C ILE C 163 -2.67 7.24 -35.53
N PHE C 164 -3.44 6.20 -35.79
CA PHE C 164 -2.96 4.84 -35.69
C PHE C 164 -2.77 4.37 -37.14
N ASN C 165 -1.84 5.03 -37.82
CA ASN C 165 -1.58 4.77 -39.23
C ASN C 165 -0.82 3.51 -39.63
N ASP C 166 0.08 3.03 -38.78
CA ASP C 166 0.85 1.82 -39.08
C ASP C 166 -0.05 0.59 -39.08
N GLU C 167 -0.40 0.11 -40.28
CA GLU C 167 -1.28 -1.04 -40.39
C GLU C 167 -0.72 -2.39 -39.92
N GLU C 168 0.59 -2.48 -39.67
CA GLU C 168 1.14 -3.74 -39.19
C GLU C 168 0.93 -3.83 -37.69
N LYS C 169 0.61 -2.69 -37.08
CA LYS C 169 0.38 -2.62 -35.64
C LYS C 169 -1.09 -2.32 -35.28
N PHE C 170 -1.76 -1.55 -36.15
CA PHE C 170 -3.16 -1.16 -35.90
C PHE C 170 -4.16 -1.53 -36.99
N SER C 171 -5.36 -1.93 -36.58
CA SER C 171 -6.43 -2.29 -37.50
C SER C 171 -7.72 -1.55 -37.16
N VAL C 172 -8.07 -0.56 -37.97
CA VAL C 172 -9.28 0.23 -37.75
C VAL C 172 -10.44 -0.32 -38.58
N HIS C 173 -11.54 -0.65 -37.92
CA HIS C 173 -12.70 -1.17 -38.60
C HIS C 173 -13.79 -0.11 -38.65
N SER C 174 -14.53 -0.08 -39.77
CA SER C 174 -15.61 0.89 -39.94
C SER C 174 -16.76 0.61 -39.00
N ALA C 175 -17.55 1.64 -38.71
CA ALA C 175 -18.68 1.49 -37.81
C ALA C 175 -19.73 0.53 -38.34
N LEU C 176 -20.48 -0.05 -37.42
CA LEU C 176 -21.54 -0.98 -37.75
C LEU C 176 -22.66 -0.25 -38.49
N PRO C 177 -23.52 -0.98 -39.21
CA PRO C 177 -24.62 -0.38 -39.95
C PRO C 177 -25.39 0.59 -39.05
N GLN C 178 -25.85 1.70 -39.64
CA GLN C 178 -26.59 2.71 -38.89
C GLN C 178 -28.07 2.39 -38.75
N VAL C 179 -28.40 1.51 -37.81
CA VAL C 179 -29.78 1.12 -37.54
C VAL C 179 -29.91 0.90 -36.04
N ALA C 180 -31.10 1.12 -35.50
CA ALA C 180 -31.31 0.96 -34.06
C ALA C 180 -30.96 -0.44 -33.55
N LEU C 181 -31.10 -1.44 -34.41
CA LEU C 181 -30.80 -2.82 -34.02
C LEU C 181 -29.33 -2.99 -33.68
N LEU C 182 -28.48 -2.15 -34.26
CA LEU C 182 -27.04 -2.24 -34.02
C LEU C 182 -26.47 -0.98 -33.38
N GLY C 183 -27.26 -0.36 -32.50
CA GLY C 183 -26.82 0.85 -31.83
C GLY C 183 -25.54 0.55 -31.05
N ASP C 184 -24.50 1.33 -31.33
CA ASP C 184 -23.19 1.14 -30.71
C ASP C 184 -22.65 2.47 -30.20
N GLU C 185 -22.31 2.53 -28.91
CA GLU C 185 -21.78 3.76 -28.32
C GLU C 185 -20.31 3.63 -27.91
N GLY C 186 -19.66 2.57 -28.39
CA GLY C 186 -18.24 2.37 -28.13
C GLY C 186 -17.71 2.07 -26.73
N ALA C 187 -16.47 2.51 -26.51
CA ALA C 187 -15.77 2.29 -25.25
C ALA C 187 -16.55 2.68 -24.00
N ALA C 188 -17.42 3.68 -24.11
CA ALA C 188 -18.21 4.12 -22.96
C ALA C 188 -18.96 2.95 -22.32
N ASN C 189 -19.17 1.88 -23.07
CA ASN C 189 -19.86 0.70 -22.56
C ASN C 189 -18.92 -0.50 -22.47
N HIS C 190 -17.63 -0.24 -22.61
CA HIS C 190 -16.63 -1.28 -22.57
C HIS C 190 -15.84 -1.27 -21.27
N ASN C 191 -15.20 -2.40 -20.96
CA ASN C 191 -14.42 -2.57 -19.74
C ASN C 191 -13.33 -3.63 -19.98
N ARG C 192 -12.20 -3.50 -19.29
CA ARG C 192 -11.13 -4.49 -19.43
C ARG C 192 -10.49 -4.76 -18.07
N LEU C 193 -10.62 -5.99 -17.60
CA LEU C 193 -10.08 -6.39 -16.30
C LEU C 193 -8.97 -7.43 -16.44
N GLY C 194 -7.98 -7.36 -15.55
CA GLY C 194 -6.87 -8.31 -15.60
C GLY C 194 -5.70 -7.86 -14.75
N GLY C 195 -4.59 -8.58 -14.85
CA GLY C 195 -3.41 -8.22 -14.09
C GLY C 195 -2.77 -7.01 -14.73
N HIS C 196 -1.58 -7.18 -15.31
CA HIS C 196 -0.91 -6.07 -15.96
C HIS C 196 -1.57 -5.80 -17.31
N TYR C 197 -1.59 -4.54 -17.70
CA TYR C 197 -2.18 -4.10 -18.95
C TYR C 197 -1.74 -4.95 -20.14
N GLY C 198 -0.45 -5.25 -20.22
CA GLY C 198 0.09 -6.02 -21.33
C GLY C 198 -0.29 -7.49 -21.39
N GLU C 199 -0.86 -8.01 -20.31
CA GLU C 199 -1.27 -9.41 -20.28
C GLU C 199 -2.68 -9.55 -20.82
N PRO C 200 -3.03 -10.75 -21.32
CA PRO C 200 -4.38 -10.95 -21.85
C PRO C 200 -5.39 -10.57 -20.79
N GLY C 201 -6.35 -9.74 -21.16
CA GLY C 201 -7.35 -9.32 -20.20
C GLY C 201 -8.74 -9.82 -20.48
N GLN C 203 -12.47 -8.86 -21.22
CA GLN C 203 -13.25 -7.74 -21.74
C GLN C 203 -14.72 -7.91 -21.38
N LEU C 204 -15.30 -6.84 -20.85
CA LEU C 204 -16.69 -6.85 -20.44
C LEU C 204 -17.48 -5.82 -21.25
N PHE C 205 -18.40 -6.30 -22.08
CA PHE C 205 -19.25 -5.45 -22.89
C PHE C 205 -20.61 -5.30 -22.21
N VAL C 206 -20.99 -4.05 -21.94
CA VAL C 206 -22.26 -3.77 -21.31
C VAL C 206 -23.23 -3.17 -22.35
N TYR C 207 -24.44 -3.71 -22.39
CA TYR C 207 -25.45 -3.27 -23.33
C TYR C 207 -26.73 -2.93 -22.59
N GLY C 208 -27.63 -2.21 -23.24
CA GLY C 208 -28.89 -1.83 -22.61
C GLY C 208 -30.09 -2.63 -23.06
N ARG C 209 -30.00 -3.20 -24.27
CA ARG C 209 -31.10 -4.00 -24.79
C ARG C 209 -30.62 -5.05 -25.76
N GLU C 210 -31.47 -6.05 -25.97
CA GLU C 210 -31.19 -7.16 -26.86
C GLU C 210 -32.53 -7.65 -27.42
N GLU C 211 -32.51 -8.13 -28.66
CA GLU C 211 -33.74 -8.62 -29.26
C GLU C 211 -34.27 -9.85 -28.54
N GLY C 212 -35.59 -9.89 -28.36
CA GLY C 212 -36.21 -11.01 -27.69
C GLY C 212 -36.28 -10.85 -26.18
N ASN C 213 -35.39 -9.99 -25.65
CA ASN C 213 -35.33 -9.74 -24.22
C ASN C 213 -36.30 -8.60 -23.87
N ASP C 214 -37.39 -8.93 -23.18
CA ASP C 214 -38.39 -7.94 -22.79
C ASP C 214 -37.88 -6.97 -21.74
N THR C 215 -36.73 -7.29 -21.14
CA THR C 215 -36.15 -6.42 -20.13
C THR C 215 -35.30 -5.34 -20.80
N ARG C 216 -35.79 -4.11 -20.76
CA ARG C 216 -35.10 -2.98 -21.35
C ARG C 216 -35.70 -1.67 -20.85
N PRO C 217 -34.95 -0.56 -20.95
CA PRO C 217 -35.42 0.75 -20.50
C PRO C 217 -36.80 1.08 -21.06
N SER C 218 -37.60 1.82 -20.29
CA SER C 218 -38.95 2.17 -20.73
C SER C 218 -39.20 3.67 -20.75
N ARG C 219 -38.18 4.46 -20.43
CA ARG C 219 -38.30 5.91 -20.43
C ARG C 219 -37.20 6.54 -21.27
N TYR C 220 -36.03 5.92 -21.25
CA TYR C 220 -34.89 6.40 -22.02
C TYR C 220 -34.36 5.23 -22.83
N PRO C 221 -34.68 5.20 -24.14
CA PRO C 221 -34.24 4.12 -25.02
C PRO C 221 -32.76 3.75 -24.84
N ALA C 222 -32.47 2.46 -24.93
CA ALA C 222 -31.10 1.97 -24.78
C ALA C 222 -30.33 2.21 -26.06
N ARG C 223 -29.23 2.95 -25.97
CA ARG C 223 -28.40 3.26 -27.13
C ARG C 223 -27.53 2.09 -27.58
N GLN C 224 -27.21 1.20 -26.65
CA GLN C 224 -26.35 0.04 -26.92
C GLN C 224 -27.14 -1.26 -26.96
N THR C 225 -26.99 -2.02 -28.04
CA THR C 225 -27.69 -3.30 -28.16
C THR C 225 -26.66 -4.41 -28.05
N ARG C 226 -27.07 -5.57 -27.56
CA ARG C 226 -26.14 -6.68 -27.43
C ARG C 226 -25.65 -7.11 -28.79
N GLU C 227 -26.53 -7.05 -29.78
CA GLU C 227 -26.20 -7.42 -31.15
C GLU C 227 -24.99 -6.61 -31.63
N ALA C 228 -24.97 -5.33 -31.29
CA ALA C 228 -23.87 -4.46 -31.68
C ALA C 228 -22.59 -4.85 -30.94
N SER C 229 -22.70 -5.03 -29.62
CA SER C 229 -21.56 -5.41 -28.77
C SER C 229 -20.91 -6.70 -29.28
N GLU C 230 -21.72 -7.69 -29.61
CA GLU C 230 -21.18 -8.95 -30.10
C GLU C 230 -20.49 -8.80 -31.45
N ALA C 231 -20.99 -7.89 -32.29
CA ALA C 231 -20.40 -7.66 -33.60
C ALA C 231 -19.04 -6.98 -33.46
N VAL C 232 -18.95 -6.02 -32.55
CA VAL C 232 -17.68 -5.34 -32.32
C VAL C 232 -16.67 -6.35 -31.75
N ALA C 233 -17.13 -7.24 -30.87
CA ALA C 233 -16.25 -8.25 -30.29
C ALA C 233 -15.64 -9.06 -31.44
N ARG C 234 -16.47 -9.39 -32.42
CA ARG C 234 -16.00 -10.15 -33.58
C ARG C 234 -15.03 -9.33 -34.42
N LEU C 235 -15.41 -8.11 -34.74
CA LEU C 235 -14.57 -7.24 -35.54
C LEU C 235 -13.19 -7.04 -34.91
N ASN C 236 -13.17 -6.91 -33.58
CA ASN C 236 -11.92 -6.71 -32.86
C ASN C 236 -11.10 -7.97 -32.61
N GLN C 237 -11.50 -9.08 -33.22
CA GLN C 237 -10.77 -10.34 -33.07
C GLN C 237 -10.54 -10.70 -31.61
N VAL C 238 -11.54 -10.50 -30.77
CA VAL C 238 -11.39 -10.80 -29.36
C VAL C 238 -11.54 -12.29 -29.07
N ASN C 239 -10.60 -12.81 -28.29
CA ASN C 239 -10.62 -14.21 -27.89
C ASN C 239 -11.96 -14.48 -27.19
N PRO C 240 -12.76 -15.42 -27.72
CA PRO C 240 -14.06 -15.77 -27.15
C PRO C 240 -14.06 -16.04 -25.64
N GLN C 241 -12.95 -16.54 -25.11
CA GLN C 241 -12.86 -16.83 -23.69
C GLN C 241 -12.50 -15.60 -22.86
N GLN C 242 -12.15 -14.51 -23.54
CA GLN C 242 -11.78 -13.27 -22.86
C GLN C 242 -12.85 -12.20 -23.02
N VAL C 243 -14.09 -12.62 -23.20
CA VAL C 243 -15.19 -11.67 -23.39
C VAL C 243 -16.42 -12.09 -22.59
N ILE C 244 -17.11 -11.09 -22.03
CA ILE C 244 -18.33 -11.31 -21.26
C ILE C 244 -19.31 -10.20 -21.62
N PHE C 245 -20.55 -10.58 -21.89
CA PHE C 245 -21.57 -9.59 -22.22
C PHE C 245 -22.53 -9.51 -21.05
N ALA C 246 -22.70 -8.33 -20.50
CA ALA C 246 -23.60 -8.13 -19.38
C ALA C 246 -24.57 -7.01 -19.68
N GLN C 247 -25.82 -7.17 -19.26
CA GLN C 247 -26.83 -6.15 -19.51
C GLN C 247 -26.88 -5.15 -18.37
N GLN C 248 -27.01 -3.88 -18.74
CA GLN C 248 -27.08 -2.79 -17.77
C GLN C 248 -28.42 -2.92 -17.07
N ASN C 249 -28.49 -2.47 -15.82
CA ASN C 249 -29.76 -2.50 -15.08
C ASN C 249 -30.68 -1.50 -15.77
N PRO C 250 -31.82 -1.96 -16.31
CA PRO C 250 -32.77 -1.08 -17.00
C PRO C 250 -33.32 0.05 -16.15
N ASP C 251 -33.41 -0.15 -14.85
CA ASP C 251 -33.92 0.88 -13.94
C ASP C 251 -32.96 2.04 -13.79
N VAL C 252 -31.66 1.77 -13.89
CA VAL C 252 -30.68 2.84 -13.75
C VAL C 252 -30.63 3.63 -15.05
N ILE C 253 -30.87 2.97 -16.18
CA ILE C 253 -30.88 3.68 -17.46
C ILE C 253 -32.01 4.70 -17.45
N ASP C 254 -33.19 4.29 -16.98
CA ASP C 254 -34.32 5.19 -16.94
C ASP C 254 -34.10 6.37 -15.98
N GLN C 255 -33.02 6.31 -15.21
CA GLN C 255 -32.71 7.38 -14.26
C GLN C 255 -31.62 8.33 -14.74
N GLY C 256 -31.08 8.07 -15.93
CA GLY C 256 -30.06 8.95 -16.47
C GLY C 256 -28.74 8.29 -16.84
N VAL C 257 -28.61 7.00 -16.59
CA VAL C 257 -27.39 6.29 -16.94
C VAL C 257 -27.48 5.80 -18.39
N PHE C 258 -27.15 6.68 -19.34
CA PHE C 258 -27.23 6.31 -20.75
C PHE C 258 -26.05 5.52 -21.30
N HIS C 259 -25.00 5.38 -20.48
CA HIS C 259 -23.80 4.61 -20.84
C HIS C 259 -23.27 3.98 -19.55
N ASN C 260 -22.58 2.85 -19.68
CA ASN C 260 -22.01 2.16 -18.53
C ASN C 260 -21.03 3.04 -17.74
N ASP C 261 -20.32 3.94 -18.44
CA ASP C 261 -19.34 4.79 -17.77
C ASP C 261 -19.93 5.92 -16.92
N VAL C 262 -21.21 5.78 -16.58
CA VAL C 262 -21.88 6.76 -15.72
C VAL C 262 -22.30 6.05 -14.43
N ILE C 263 -22.12 4.72 -14.41
CA ILE C 263 -22.50 3.94 -13.23
C ILE C 263 -21.40 2.94 -12.83
N ALA C 264 -20.36 2.84 -13.64
CA ALA C 264 -19.27 1.91 -13.34
C ALA C 264 -18.01 2.16 -14.17
N VAL C 265 -16.85 1.84 -13.60
CA VAL C 265 -15.57 1.99 -14.29
C VAL C 265 -14.59 0.92 -13.82
N SER C 266 -13.76 0.43 -14.75
CA SER C 266 -12.80 -0.60 -14.42
C SER C 266 -11.36 -0.16 -14.66
N ASN C 267 -10.44 -0.91 -14.05
CA ASN C 267 -9.02 -0.67 -14.23
C ASN C 267 -8.23 -1.79 -13.56
N ARG C 268 -7.45 -2.51 -14.36
CA ARG C 268 -6.65 -3.62 -13.88
C ARG C 268 -7.58 -4.68 -13.25
N GLN C 269 -7.39 -4.95 -11.95
CA GLN C 269 -8.21 -5.96 -11.28
C GLN C 269 -9.42 -5.38 -10.55
N VAL C 270 -9.58 -4.05 -10.64
CA VAL C 270 -10.67 -3.38 -9.95
C VAL C 270 -11.86 -2.94 -10.82
N LEU C 271 -13.06 -3.13 -10.28
CA LEU C 271 -14.28 -2.69 -10.94
C LEU C 271 -15.05 -1.87 -9.91
N PHE C 272 -14.99 -0.55 -10.07
CA PHE C 272 -15.68 0.39 -9.19
C PHE C 272 -17.06 0.62 -9.78
N CYS C 273 -18.09 0.11 -9.11
CA CYS C 273 -19.45 0.23 -9.61
C CYS C 273 -20.48 0.45 -8.53
N HIS C 274 -21.66 0.92 -8.95
CA HIS C 274 -22.76 1.15 -8.04
C HIS C 274 -23.47 -0.18 -7.87
N GLN C 275 -24.14 -0.38 -6.74
CA GLN C 275 -24.82 -1.65 -6.51
C GLN C 275 -25.95 -1.91 -7.49
N GLN C 276 -26.55 -0.85 -8.01
CA GLN C 276 -27.66 -0.96 -8.96
C GLN C 276 -27.19 -0.87 -10.42
N ALA C 277 -25.91 -1.13 -10.65
CA ALA C 277 -25.33 -1.02 -11.99
C ALA C 277 -25.75 -2.08 -13.01
N PHE C 278 -25.64 -3.35 -12.64
CA PHE C 278 -25.97 -4.43 -13.58
C PHE C 278 -27.20 -5.25 -13.25
N ALA C 279 -27.87 -5.73 -14.30
CA ALA C 279 -29.06 -6.54 -14.17
C ALA C 279 -28.88 -7.75 -13.23
N ARG C 280 -27.90 -8.60 -13.52
CA ARG C 280 -27.61 -9.77 -12.70
C ARG C 280 -26.26 -9.57 -12.01
N GLN C 281 -26.12 -8.45 -11.32
CA GLN C 281 -24.88 -8.09 -10.65
C GLN C 281 -24.18 -9.21 -9.89
N SER C 282 -24.88 -9.79 -8.94
CA SER C 282 -24.36 -10.88 -8.13
C SER C 282 -23.63 -11.90 -9.01
N GLN C 283 -24.34 -12.39 -10.03
CA GLN C 283 -23.83 -13.37 -10.97
C GLN C 283 -22.59 -12.88 -11.72
N LEU C 284 -22.68 -11.65 -12.22
CA LEU C 284 -21.59 -11.06 -12.98
C LEU C 284 -20.30 -10.98 -12.16
N LEU C 285 -20.40 -10.41 -10.96
CA LEU C 285 -19.24 -10.26 -10.09
C LEU C 285 -18.60 -11.59 -9.73
N ALA C 286 -19.44 -12.58 -9.41
CA ALA C 286 -18.96 -13.90 -9.06
C ALA C 286 -18.17 -14.47 -10.23
N ASN C 287 -18.71 -14.29 -11.43
CA ASN C 287 -18.07 -14.76 -12.65
C ASN C 287 -16.71 -14.09 -12.86
N LEU C 288 -16.65 -12.78 -12.62
CA LEU C 288 -15.39 -12.05 -12.78
C LEU C 288 -14.36 -12.55 -11.75
N ARG C 289 -14.83 -12.84 -10.53
CA ARG C 289 -13.97 -13.35 -9.47
C ARG C 289 -13.34 -14.66 -9.91
N ALA C 290 -14.13 -15.48 -10.58
CA ALA C 290 -13.68 -16.78 -11.05
C ALA C 290 -12.72 -16.69 -12.24
N ARG C 291 -12.88 -15.66 -13.08
CA ARG C 291 -12.03 -15.55 -14.24
C ARG C 291 -10.91 -14.50 -14.19
N VAL C 292 -11.00 -13.57 -13.25
CA VAL C 292 -9.97 -12.55 -13.13
C VAL C 292 -9.19 -12.70 -11.83
N ASN C 293 -7.91 -13.05 -11.93
CA ASN C 293 -7.06 -13.23 -10.76
C ASN C 293 -6.92 -11.94 -9.96
N GLY C 294 -7.20 -12.05 -8.67
CA GLY C 294 -7.10 -10.88 -7.80
C GLY C 294 -8.22 -9.88 -7.99
N PHE C 295 -9.20 -10.23 -8.82
CA PHE C 295 -10.33 -9.34 -9.07
C PHE C 295 -10.96 -8.83 -7.78
N ALA C 297 -14.17 -6.19 -6.53
CA ALA C 297 -15.29 -5.35 -6.89
C ALA C 297 -15.61 -4.38 -5.75
N ILE C 298 -15.59 -3.09 -6.05
CA ILE C 298 -15.93 -2.09 -5.04
C ILE C 298 -17.31 -1.57 -5.40
N GLU C 299 -18.32 -2.09 -4.71
CA GLU C 299 -19.70 -1.69 -4.93
C GLU C 299 -20.13 -0.58 -3.99
N VAL C 300 -20.71 0.47 -4.55
CA VAL C 300 -21.18 1.59 -3.76
C VAL C 300 -22.66 1.35 -3.48
N PRO C 301 -23.01 1.06 -2.21
CA PRO C 301 -24.40 0.81 -1.83
C PRO C 301 -25.26 2.07 -1.99
N ALA C 302 -26.51 1.87 -2.39
CA ALA C 302 -27.44 2.99 -2.60
C ALA C 302 -27.63 3.83 -1.36
N THR C 303 -27.54 3.18 -0.19
CA THR C 303 -27.70 3.89 1.07
C THR C 303 -26.71 5.04 1.16
N GLN C 304 -25.46 4.78 0.76
CA GLN C 304 -24.43 5.80 0.80
C GLN C 304 -24.55 6.81 -0.35
N VAL C 305 -24.73 6.31 -1.57
CA VAL C 305 -24.89 7.20 -2.71
C VAL C 305 -26.00 6.70 -3.63
N SER C 306 -27.02 7.53 -3.81
CA SER C 306 -28.15 7.15 -4.64
C SER C 306 -27.80 7.26 -6.13
N VAL C 307 -28.65 6.71 -6.98
CA VAL C 307 -28.44 6.76 -8.41
C VAL C 307 -28.53 8.23 -8.84
N SER C 308 -29.46 8.96 -8.23
CA SER C 308 -29.64 10.36 -8.52
C SER C 308 -28.34 11.14 -8.26
N ASP C 309 -27.73 10.89 -7.10
CA ASP C 309 -26.47 11.53 -6.73
C ASP C 309 -25.41 11.15 -7.75
N THR C 310 -25.44 9.89 -8.15
CA THR C 310 -24.50 9.35 -9.12
C THR C 310 -24.57 10.12 -10.44
N VAL C 311 -25.79 10.33 -10.93
CA VAL C 311 -26.01 11.02 -12.19
C VAL C 311 -25.66 12.51 -12.14
N SER C 312 -25.93 13.15 -11.01
CA SER C 312 -25.64 14.57 -10.87
C SER C 312 -24.17 14.89 -10.65
N THR C 313 -23.45 14.01 -9.96
CA THR C 313 -22.04 14.24 -9.67
C THR C 313 -21.10 13.60 -10.68
N TYR C 314 -21.57 12.56 -11.36
CA TYR C 314 -20.76 11.84 -12.33
C TYR C 314 -19.62 11.11 -11.60
N LEU C 315 -19.94 10.62 -10.41
CA LEU C 315 -18.98 9.88 -9.59
C LEU C 315 -18.34 8.74 -10.37
N PHE C 316 -19.12 8.04 -11.19
CA PHE C 316 -18.59 6.93 -11.96
C PHE C 316 -18.04 7.25 -13.32
N ASN C 317 -18.11 8.51 -13.73
CA ASN C 317 -17.56 8.90 -15.03
C ASN C 317 -16.16 9.41 -14.74
N SER C 318 -15.55 8.82 -13.72
CA SER C 318 -14.22 9.18 -13.30
C SER C 318 -13.20 8.24 -13.93
N GLN C 319 -11.95 8.67 -13.97
CA GLN C 319 -10.89 7.84 -14.53
C GLN C 319 -10.19 7.14 -13.37
N LEU C 320 -10.03 5.82 -13.47
CA LEU C 320 -9.35 5.06 -12.44
C LEU C 320 -7.99 4.68 -13.00
N LEU C 321 -6.96 5.42 -12.58
CA LEU C 321 -5.59 5.26 -13.06
C LEU C 321 -4.67 4.41 -12.17
N SER C 322 -3.62 3.86 -12.78
CA SER C 322 -2.65 3.03 -12.06
C SER C 322 -1.27 3.67 -12.03
N ARG C 323 -0.62 3.57 -10.88
CA ARG C 323 0.73 4.08 -10.65
C ARG C 323 1.63 2.85 -10.86
N ASP C 324 2.94 3.05 -10.90
CA ASP C 324 3.83 1.93 -11.10
C ASP C 324 3.89 0.97 -9.91
N ASP C 325 3.64 1.47 -8.70
CA ASP C 325 3.68 0.60 -7.53
C ASP C 325 2.39 -0.19 -7.36
N GLY C 326 1.46 -0.02 -8.29
CA GLY C 326 0.21 -0.74 -8.19
C GLY C 326 -0.92 0.02 -7.54
N SER C 327 -0.62 1.17 -6.93
CA SER C 327 -1.69 1.97 -6.31
C SER C 327 -2.48 2.66 -7.42
N LEU C 330 -8.15 8.22 -8.49
CA LEU C 330 -9.44 8.51 -9.09
C LEU C 330 -9.49 9.96 -9.56
N VAL C 331 -9.71 10.15 -10.84
CA VAL C 331 -9.80 11.48 -11.43
C VAL C 331 -11.30 11.81 -11.49
N LEU C 332 -11.71 12.84 -10.76
CA LEU C 332 -13.12 13.21 -10.69
C LEU C 332 -13.46 14.64 -11.12
N PRO C 333 -14.73 14.88 -11.49
CA PRO C 333 -15.17 16.21 -11.89
C PRO C 333 -15.45 16.98 -10.60
N GLN C 334 -15.38 18.31 -10.65
CA GLN C 334 -15.60 19.11 -9.46
C GLN C 334 -16.91 18.86 -8.72
N GLU C 335 -17.94 18.42 -9.44
CA GLU C 335 -19.23 18.15 -8.81
C GLU C 335 -19.14 17.11 -7.69
N CYS C 336 -18.15 16.23 -7.76
CA CYS C 336 -17.98 15.21 -6.74
C CYS C 336 -17.45 15.79 -5.44
N ARG C 337 -16.69 16.86 -5.55
CA ARG C 337 -16.14 17.51 -4.37
C ARG C 337 -17.19 18.42 -3.74
N GLU C 338 -18.04 18.98 -4.58
CA GLU C 338 -19.07 19.89 -4.12
C GLU C 338 -20.28 19.18 -3.53
N HIS C 339 -20.28 17.86 -3.62
CA HIS C 339 -21.38 17.05 -3.09
C HIS C 339 -20.89 16.39 -1.80
N ALA C 340 -21.31 16.93 -0.67
CA ALA C 340 -20.90 16.42 0.64
C ALA C 340 -21.02 14.91 0.76
N GLY C 341 -22.17 14.38 0.36
CA GLY C 341 -22.38 12.94 0.44
C GLY C 341 -21.39 12.10 -0.36
N VAL C 342 -21.13 12.52 -1.60
CA VAL C 342 -20.20 11.80 -2.48
C VAL C 342 -18.76 11.98 -2.00
N TRP C 343 -18.38 13.23 -1.70
CA TRP C 343 -17.03 13.48 -1.24
C TRP C 343 -16.77 12.71 0.04
N GLY C 344 -17.78 12.63 0.90
CA GLY C 344 -17.63 11.90 2.14
C GLY C 344 -17.31 10.46 1.86
N TYR C 345 -18.08 9.86 0.95
CA TYR C 345 -17.86 8.46 0.58
C TYR C 345 -16.46 8.25 0.01
N LEU C 346 -16.03 9.15 -0.86
CA LEU C 346 -14.71 9.04 -1.48
C LEU C 346 -13.59 9.06 -0.44
N ASN C 347 -13.70 9.92 0.56
CA ASN C 347 -12.67 9.98 1.60
C ASN C 347 -12.63 8.69 2.38
N GLU C 348 -13.78 8.07 2.53
CA GLU C 348 -13.90 6.81 3.23
C GLU C 348 -13.25 5.73 2.37
N LEU C 349 -13.52 5.77 1.08
CA LEU C 349 -12.97 4.80 0.14
C LEU C 349 -11.45 4.91 0.11
N LEU C 350 -10.97 6.14 0.22
CA LEU C 350 -9.54 6.43 0.20
C LEU C 350 -8.81 5.75 1.35
N ALA C 351 -9.46 5.70 2.51
CA ALA C 351 -8.85 5.09 3.69
C ALA C 351 -9.13 3.60 3.82
N ALA C 352 -10.12 3.11 3.10
CA ALA C 352 -10.47 1.70 3.15
C ALA C 352 -9.38 0.84 2.51
N ASP C 353 -9.50 -0.48 2.69
CA ASP C 353 -8.52 -1.41 2.17
C ASP C 353 -8.70 -1.73 0.68
N ASN C 354 -8.10 -0.90 -0.17
CA ASN C 354 -8.16 -1.07 -1.61
C ASN C 354 -7.03 -0.25 -2.25
N PRO C 355 -6.78 -0.45 -3.55
CA PRO C 355 -5.72 0.25 -4.30
C PRO C 355 -5.81 1.76 -4.44
N ILE C 356 -7.02 2.30 -4.33
CA ILE C 356 -7.24 3.75 -4.48
C ILE C 356 -6.56 4.55 -3.38
N SER C 357 -5.47 5.24 -3.72
CA SER C 357 -4.73 6.00 -2.74
C SER C 357 -4.69 7.51 -2.96
N GLU C 358 -5.34 7.97 -4.02
CA GLU C 358 -5.35 9.40 -4.32
C GLU C 358 -6.61 9.83 -5.04
N LEU C 359 -7.07 11.04 -4.74
CA LEU C 359 -8.24 11.60 -5.38
C LEU C 359 -7.77 12.87 -6.08
N LYS C 360 -8.14 13.01 -7.35
CA LYS C 360 -7.75 14.18 -8.13
C LYS C 360 -9.00 14.80 -8.77
N VAL C 361 -9.21 16.09 -8.53
CA VAL C 361 -10.38 16.76 -9.06
C VAL C 361 -10.03 17.80 -10.13
N PHE C 362 -10.87 17.87 -11.17
CA PHE C 362 -10.69 18.84 -12.25
C PHE C 362 -11.95 19.63 -12.53
N ASP C 363 -11.79 20.89 -12.90
CA ASP C 363 -12.92 21.75 -13.24
C ASP C 363 -13.21 21.53 -14.72
N LEU C 364 -14.33 20.86 -14.99
CA LEU C 364 -14.75 20.57 -16.36
C LEU C 364 -16.20 21.02 -16.56
N ARG C 365 -16.52 22.21 -16.05
CA ARG C 365 -17.87 22.74 -16.15
C ARG C 365 -18.45 22.79 -17.55
N GLU C 366 -17.68 23.24 -18.53
CA GLU C 366 -18.18 23.33 -19.90
C GLU C 366 -18.64 21.98 -20.43
N SER C 367 -17.80 20.96 -20.31
CA SER C 367 -18.15 19.63 -20.79
C SER C 367 -19.29 19.04 -19.95
N ALA C 369 -21.60 20.54 -18.56
CA ALA C 369 -22.84 21.24 -18.89
C ALA C 369 -23.59 20.49 -19.98
N ASN C 370 -22.86 19.79 -20.84
CA ASN C 370 -23.46 19.01 -21.92
C ASN C 370 -23.49 17.51 -21.62
N GLY C 371 -23.16 17.14 -20.38
CA GLY C 371 -23.20 15.75 -19.97
C GLY C 371 -21.93 14.91 -20.11
N GLY C 372 -20.77 15.57 -20.05
CA GLY C 372 -19.52 14.84 -20.17
C GLY C 372 -18.54 15.08 -19.04
N GLY C 373 -18.11 13.99 -18.40
CA GLY C 373 -17.15 14.08 -17.32
C GLY C 373 -15.75 13.70 -17.78
N PRO C 374 -14.80 13.50 -16.86
CA PRO C 374 -13.41 13.15 -17.17
C PRO C 374 -13.25 11.94 -18.09
N ALA C 375 -14.01 10.89 -17.81
CA ALA C 375 -13.94 9.67 -18.61
C ALA C 375 -14.55 9.83 -19.99
N CYS C 376 -15.63 10.60 -20.08
CA CYS C 376 -16.30 10.81 -21.36
C CYS C 376 -15.35 11.44 -22.36
N LEU C 377 -14.45 12.28 -21.86
CA LEU C 377 -13.48 12.98 -22.70
C LEU C 377 -12.23 12.16 -23.06
N ARG C 378 -12.17 10.90 -22.63
CA ARG C 378 -10.97 10.12 -22.93
C ARG C 378 -11.23 8.70 -23.41
N LEU C 379 -10.31 8.22 -24.25
CA LEU C 379 -10.38 6.89 -24.82
C LEU C 379 -9.13 6.12 -24.40
N ARG C 380 -9.32 5.02 -23.67
CA ARG C 380 -8.19 4.22 -23.19
C ARG C 380 -7.66 3.23 -24.22
N VAL C 381 -6.39 3.34 -24.54
CA VAL C 381 -5.74 2.46 -25.50
C VAL C 381 -4.45 1.85 -24.93
N VAL C 382 -4.51 0.57 -24.57
CA VAL C 382 -3.35 -0.13 -24.04
C VAL C 382 -2.39 -0.42 -25.21
N LEU C 383 -1.16 0.08 -25.11
CA LEU C 383 -0.19 -0.10 -26.18
C LEU C 383 1.17 -0.59 -25.66
N THR C 384 1.78 -1.50 -26.42
CA THR C 384 3.10 -2.03 -26.07
C THR C 384 4.09 -0.92 -26.39
N GLU C 385 5.34 -1.07 -25.97
CA GLU C 385 6.33 -0.05 -26.24
C GLU C 385 6.53 0.15 -27.74
N GLU C 386 6.48 -0.94 -28.50
CA GLU C 386 6.66 -0.87 -29.94
C GLU C 386 5.45 -0.20 -30.60
N GLU C 387 4.26 -0.49 -30.09
CA GLU C 387 3.05 0.09 -30.64
C GLU C 387 2.99 1.58 -30.26
N ARG C 388 3.48 1.93 -29.07
CA ARG C 388 3.49 3.33 -28.68
C ARG C 388 4.36 4.12 -29.65
N ARG C 389 5.46 3.50 -30.07
CA ARG C 389 6.37 4.16 -31.01
C ARG C 389 5.76 4.29 -32.41
N ALA C 390 4.85 3.38 -32.74
CA ALA C 390 4.19 3.38 -34.05
C ALA C 390 3.10 4.45 -34.18
N VAL C 391 2.59 4.95 -33.06
CA VAL C 391 1.54 5.96 -33.07
C VAL C 391 2.07 7.31 -33.56
N ASN C 392 1.25 8.04 -34.31
CA ASN C 392 1.65 9.36 -34.83
C ASN C 392 2.19 10.18 -33.66
N PRO C 393 3.50 10.44 -33.65
CA PRO C 393 4.14 11.21 -32.57
C PRO C 393 3.56 12.60 -32.34
N ALA C 394 2.98 13.17 -33.39
CA ALA C 394 2.42 14.51 -33.33
C ALA C 394 1.21 14.68 -32.41
N VAL C 395 0.61 13.58 -31.96
CA VAL C 395 -0.55 13.68 -31.09
C VAL C 395 -0.25 13.30 -29.64
N ASN C 398 2.95 16.55 -24.52
CA ASN C 398 4.23 17.01 -23.99
C ASN C 398 4.16 18.53 -23.94
N ASP C 399 5.17 19.17 -23.35
CA ASP C 399 5.15 20.63 -23.25
C ASP C 399 4.98 21.34 -24.60
N THR C 400 5.65 20.84 -25.63
CA THR C 400 5.55 21.47 -26.94
C THR C 400 4.14 21.41 -27.53
N LEU C 401 3.52 20.23 -27.51
CA LEU C 401 2.17 20.08 -28.03
C LEU C 401 1.20 20.92 -27.20
N PHE C 402 1.35 20.84 -25.88
CA PHE C 402 0.51 21.60 -24.96
C PHE C 402 0.52 23.09 -25.26
N ASN C 403 1.71 23.65 -25.41
CA ASN C 403 1.85 25.08 -25.70
C ASN C 403 1.31 25.43 -27.08
N ALA C 404 1.55 24.55 -28.05
CA ALA C 404 1.08 24.78 -29.41
C ALA C 404 -0.45 24.80 -29.45
N LEU C 405 -1.07 23.82 -28.80
CA LEU C 405 -2.52 23.76 -28.79
C LEU C 405 -3.14 24.93 -28.04
N ASN C 406 -2.55 25.32 -26.91
CA ASN C 406 -3.08 26.45 -26.17
C ASN C 406 -3.03 27.72 -27.01
N ASP C 407 -1.96 27.89 -27.79
CA ASP C 407 -1.84 29.07 -28.63
C ASP C 407 -2.88 29.01 -29.74
N TRP C 408 -3.05 27.83 -30.32
CA TRP C 408 -4.02 27.61 -31.38
C TRP C 408 -5.42 27.99 -30.87
N VAL C 409 -5.74 27.55 -29.67
CA VAL C 409 -7.04 27.84 -29.07
C VAL C 409 -7.23 29.34 -28.85
N ASP C 410 -6.22 30.00 -28.29
CA ASP C 410 -6.32 31.43 -28.04
C ASP C 410 -6.50 32.23 -29.33
N ARG C 411 -6.00 31.68 -30.43
CA ARG C 411 -6.09 32.34 -31.73
C ARG C 411 -7.47 32.20 -32.38
N TYR C 412 -8.02 30.99 -32.38
CA TYR C 412 -9.30 30.76 -33.04
C TYR C 412 -10.59 30.61 -32.22
N TYR C 413 -10.48 30.29 -30.93
CA TYR C 413 -11.69 30.11 -30.13
C TYR C 413 -12.30 31.37 -29.54
N ARG C 414 -13.63 31.43 -29.58
CA ARG C 414 -14.38 32.56 -29.03
C ARG C 414 -14.67 32.29 -27.55
N ASP C 415 -14.84 33.36 -26.79
CA ASP C 415 -15.14 33.29 -25.36
C ASP C 415 -16.63 33.16 -25.13
N ARG C 416 -17.41 33.52 -26.15
CA ARG C 416 -18.86 33.48 -26.06
C ARG C 416 -19.46 32.94 -27.34
N LEU C 417 -20.50 32.13 -27.21
CA LEU C 417 -21.15 31.55 -28.37
C LEU C 417 -22.57 31.10 -28.03
N THR C 418 -23.48 31.25 -28.99
CA THR C 418 -24.87 30.83 -28.82
C THR C 418 -25.31 30.18 -30.13
N ALA C 419 -26.41 29.45 -30.10
CA ALA C 419 -26.89 28.76 -31.30
C ALA C 419 -27.09 29.73 -32.45
N ALA C 420 -27.43 30.98 -32.13
CA ALA C 420 -27.64 32.01 -33.15
C ALA C 420 -26.39 32.32 -33.96
N ASP C 421 -25.22 32.13 -33.38
CA ASP C 421 -23.96 32.42 -34.07
C ASP C 421 -23.60 31.36 -35.10
N LEU C 422 -24.27 30.20 -35.03
CA LEU C 422 -23.97 29.12 -35.95
C LEU C 422 -24.28 29.44 -37.41
N ALA C 423 -25.07 30.50 -37.65
CA ALA C 423 -25.43 30.89 -39.01
C ALA C 423 -24.41 31.85 -39.60
N ASP C 424 -23.49 32.34 -38.77
CA ASP C 424 -22.47 33.30 -39.19
C ASP C 424 -21.42 32.68 -40.11
N PRO C 425 -21.33 33.16 -41.35
CA PRO C 425 -20.36 32.68 -42.36
C PRO C 425 -18.93 32.81 -41.85
N GLN C 426 -18.71 33.83 -41.03
CA GLN C 426 -17.41 34.12 -40.47
C GLN C 426 -16.97 33.00 -39.50
N LEU C 427 -17.90 32.48 -38.71
CA LEU C 427 -17.60 31.41 -37.78
C LEU C 427 -17.16 30.20 -38.60
N LEU C 428 -17.88 29.96 -39.69
CA LEU C 428 -17.59 28.85 -40.57
C LEU C 428 -16.17 28.94 -41.10
N ARG C 429 -15.80 30.11 -41.63
CA ARG C 429 -14.47 30.36 -42.18
C ARG C 429 -13.37 30.22 -41.13
N GLU C 430 -13.64 30.72 -39.93
CA GLU C 430 -12.67 30.64 -38.85
C GLU C 430 -12.41 29.18 -38.50
N GLY C 431 -13.48 28.39 -38.42
CA GLY C 431 -13.36 26.98 -38.11
C GLY C 431 -12.60 26.19 -39.16
N ARG C 432 -12.78 26.56 -40.43
CA ARG C 432 -12.09 25.87 -41.52
C ARG C 432 -10.60 26.12 -41.45
N GLU C 433 -10.21 27.38 -41.28
CA GLU C 433 -8.80 27.72 -41.22
C GLU C 433 -8.19 27.03 -40.00
N ALA C 434 -8.88 27.13 -38.86
CA ALA C 434 -8.41 26.51 -37.64
C ALA C 434 -8.12 25.02 -37.85
N LEU C 435 -9.08 24.30 -38.41
CA LEU C 435 -8.91 22.86 -38.65
C LEU C 435 -7.79 22.55 -39.63
N ASP C 436 -7.63 23.42 -40.63
CA ASP C 436 -6.58 23.19 -41.61
C ASP C 436 -5.21 23.36 -40.95
N VAL C 437 -5.09 24.37 -40.09
CA VAL C 437 -3.84 24.62 -39.39
C VAL C 437 -3.57 23.50 -38.39
N LEU C 438 -4.61 23.05 -37.69
CA LEU C 438 -4.47 21.97 -36.71
C LEU C 438 -4.02 20.68 -37.38
N SER C 439 -4.55 20.40 -38.57
CA SER C 439 -4.20 19.19 -39.31
C SER C 439 -2.71 19.19 -39.65
N GLN C 440 -2.14 20.37 -39.76
CA GLN C 440 -0.73 20.51 -40.06
C GLN C 440 0.04 20.27 -38.77
N LEU C 441 -0.40 20.92 -37.70
CA LEU C 441 0.25 20.78 -36.40
C LEU C 441 0.26 19.34 -35.89
N LEU C 442 -0.84 18.62 -36.07
CA LEU C 442 -0.93 17.23 -35.61
C LEU C 442 -0.47 16.24 -36.68
N ASN C 443 0.04 16.77 -37.78
CA ASN C 443 0.55 15.95 -38.88
C ASN C 443 -0.47 14.88 -39.29
N LEU C 444 -1.67 15.33 -39.62
CA LEU C 444 -2.74 14.42 -40.02
C LEU C 444 -3.06 14.50 -41.52
N GLY C 445 -2.53 15.51 -42.19
CA GLY C 445 -2.80 15.65 -43.61
C GLY C 445 -4.23 16.11 -43.88
N SER C 446 -4.71 15.91 -45.10
CA SER C 446 -6.06 16.30 -45.47
C SER C 446 -7.02 15.26 -44.92
N VAL C 447 -7.27 15.32 -43.61
CA VAL C 447 -8.13 14.34 -42.96
C VAL C 447 -9.62 14.69 -42.94
N TYR C 448 -9.95 15.96 -43.13
CA TYR C 448 -11.35 16.38 -43.11
C TYR C 448 -12.00 16.50 -44.48
N PRO C 449 -13.32 16.27 -44.55
CA PRO C 449 -14.05 16.36 -45.82
C PRO C 449 -13.82 17.66 -46.59
N PHE C 450 -13.85 18.79 -45.90
CA PHE C 450 -13.67 20.08 -46.57
C PHE C 450 -12.28 20.20 -47.21
N GLN C 451 -11.32 19.43 -46.72
CA GLN C 451 -9.97 19.47 -47.29
C GLN C 451 -9.80 18.53 -48.48
N ARG C 452 -10.85 17.77 -48.79
CA ARG C 452 -10.81 16.83 -49.90
C ARG C 452 -11.60 17.32 -51.12
N ASN D 13 68.29 20.61 37.11
CA ASN D 13 67.12 20.60 38.03
C ASN D 13 66.04 21.55 37.51
N ALA D 14 64.78 21.14 37.65
CA ALA D 14 63.66 21.92 37.17
C ALA D 14 63.07 22.90 38.17
N TRP D 15 62.62 24.04 37.68
CA TRP D 15 61.99 25.06 38.52
C TRP D 15 60.64 25.39 37.89
N GLU D 16 59.72 25.87 38.71
CA GLU D 16 58.41 26.26 38.20
C GLU D 16 58.57 27.73 37.84
N VAL D 17 58.30 28.06 36.58
CA VAL D 17 58.42 29.44 36.12
C VAL D 17 57.02 30.00 35.86
N ASN D 18 56.73 31.15 36.45
CA ASN D 18 55.44 31.79 36.25
C ASN D 18 55.46 32.73 35.03
N PHE D 19 54.50 32.54 34.14
CA PHE D 19 54.36 33.40 32.97
C PHE D 19 53.07 34.18 33.20
N ASP D 20 53.19 35.49 33.36
CA ASP D 20 52.05 36.36 33.60
C ASP D 20 51.60 37.10 32.34
N GLY D 21 50.31 37.44 32.31
CA GLY D 21 49.75 38.16 31.19
C GLY D 21 49.82 39.67 31.34
N LEU D 22 50.45 40.31 30.38
CA LEU D 22 50.57 41.76 30.39
C LEU D 22 49.24 42.34 29.92
N VAL D 23 48.52 43.02 30.81
CA VAL D 23 47.22 43.60 30.47
C VAL D 23 47.22 44.43 29.19
N GLY D 24 46.23 44.17 28.33
CA GLY D 24 46.13 44.90 27.08
C GLY D 24 45.55 46.31 27.24
N LEU D 25 45.71 47.10 26.17
CA LEU D 25 45.27 48.48 26.11
C LEU D 25 43.75 48.71 26.16
N THR D 26 42.96 47.70 25.78
CA THR D 26 41.51 47.88 25.78
C THR D 26 40.80 47.36 27.01
N HIS D 27 41.56 47.08 28.07
CA HIS D 27 41.00 46.62 29.33
C HIS D 27 39.80 47.50 29.64
N HIS D 28 38.63 46.90 29.80
CA HIS D 28 37.42 47.66 30.10
C HIS D 28 36.32 46.82 30.74
N TYR D 29 35.28 47.51 31.21
CA TYR D 29 34.16 46.85 31.88
C TYR D 29 32.93 46.83 30.98
N ALA D 30 32.40 45.64 30.76
CA ALA D 30 31.21 45.46 29.92
C ALA D 30 30.17 44.60 30.63
N HIS D 42 30.49 45.00 40.18
CA HIS D 42 30.54 46.39 40.60
C HIS D 42 29.73 47.33 39.70
N ARG D 43 29.81 48.63 40.00
CA ARG D 43 29.07 49.64 39.25
C ARG D 43 29.98 50.52 38.41
N PHE D 44 31.21 50.08 38.20
CA PHE D 44 32.14 50.90 37.43
C PHE D 44 32.03 50.72 35.93
N GLN D 45 32.15 51.84 35.22
CA GLN D 45 32.10 51.84 33.76
C GLN D 45 33.43 52.37 33.22
N VAL D 46 34.18 53.06 34.08
CA VAL D 46 35.46 53.63 33.68
C VAL D 46 36.62 52.79 34.19
N SER D 47 37.43 52.29 33.25
CA SER D 47 38.57 51.45 33.60
C SER D 47 39.86 52.23 33.42
N ASN D 48 40.94 51.71 34.01
CA ASN D 48 42.26 52.34 33.89
C ASN D 48 43.25 51.30 33.33
N PRO D 49 43.33 51.18 32.00
CA PRO D 49 44.25 50.23 31.33
C PRO D 49 45.67 50.33 31.84
N ARG D 50 46.21 51.54 31.85
CA ARG D 50 47.57 51.78 32.29
C ARG D 50 47.82 51.24 33.70
N LEU D 51 46.94 51.56 34.63
CA LEU D 51 47.11 51.10 36.00
C LEU D 51 46.96 49.57 36.09
N ALA D 52 46.08 49.03 35.26
CA ALA D 52 45.86 47.58 35.26
C ALA D 52 47.16 46.88 34.90
N ALA D 53 47.84 47.39 33.88
CA ALA D 53 49.10 46.82 33.42
C ALA D 53 50.20 46.98 34.48
N LYS D 54 50.32 48.18 35.03
CA LYS D 54 51.34 48.42 36.04
C LYS D 54 51.15 47.57 37.28
N GLN D 55 49.91 47.37 37.71
CA GLN D 55 49.62 46.54 38.88
C GLN D 55 50.13 45.13 38.61
N GLY D 56 49.90 44.66 37.37
CA GLY D 56 50.34 43.33 37.00
C GLY D 56 51.84 43.22 36.91
N LEU D 57 52.48 44.24 36.36
CA LEU D 57 53.94 44.25 36.24
C LEU D 57 54.58 44.26 37.63
N LEU D 58 53.99 45.02 38.54
CA LEU D 58 54.53 45.09 39.89
C LEU D 58 54.55 43.72 40.56
N LYS D 59 53.46 42.96 40.41
CA LYS D 59 53.40 41.64 41.00
C LYS D 59 54.48 40.78 40.38
N LYS D 61 57.35 41.65 38.92
CA LYS D 61 58.68 42.09 39.38
C LYS D 61 58.97 41.68 40.82
N ALA D 62 58.02 41.90 41.72
CA ALA D 62 58.21 41.55 43.12
C ALA D 62 58.56 40.08 43.30
N LEU D 63 57.80 39.20 42.64
CA LEU D 63 58.07 37.78 42.73
C LEU D 63 59.44 37.47 42.14
N ALA D 64 59.73 38.08 41.00
CA ALA D 64 61.01 37.85 40.35
C ALA D 64 62.13 38.24 41.32
N ASP D 65 62.03 39.45 41.87
CA ASP D 65 63.05 39.92 42.80
C ASP D 65 63.21 39.00 44.01
N ALA D 66 62.09 38.43 44.48
CA ALA D 66 62.12 37.55 45.64
C ALA D 66 62.72 36.18 45.31
N GLY D 67 63.09 35.96 44.05
CA GLY D 67 63.69 34.70 43.68
C GLY D 67 62.82 33.68 42.97
N PHE D 68 61.57 34.03 42.65
CA PHE D 68 60.68 33.11 41.95
C PHE D 68 60.74 33.35 40.44
N PRO D 69 61.24 32.37 39.65
CA PRO D 69 61.34 32.50 38.20
C PRO D 69 60.07 33.12 37.61
N GLN D 70 60.23 34.22 36.86
CA GLN D 70 59.10 34.92 36.28
C GLN D 70 59.32 35.32 34.82
N ALA D 71 58.24 35.27 34.03
CA ALA D 71 58.28 35.63 32.62
C ALA D 71 56.96 36.32 32.27
N VAL D 72 56.82 36.76 31.01
CA VAL D 72 55.61 37.43 30.59
C VAL D 72 55.06 37.00 29.22
N ILE D 73 53.75 37.17 29.06
CA ILE D 73 53.02 36.86 27.84
C ILE D 73 52.28 38.14 27.46
N PRO D 74 52.45 38.61 26.21
CA PRO D 74 51.81 39.85 25.73
C PRO D 74 50.31 39.81 25.48
N PRO D 75 49.69 40.99 25.40
CA PRO D 75 48.25 41.13 25.14
C PRO D 75 47.94 40.80 23.67
N HIS D 76 46.66 40.85 23.30
CA HIS D 76 46.27 40.53 21.92
C HIS D 76 45.81 41.75 21.13
N GLU D 77 45.60 41.54 19.84
CA GLU D 77 45.13 42.55 18.90
C GLU D 77 43.69 42.92 19.26
N ARG D 78 43.48 44.14 19.75
CA ARG D 78 42.16 44.59 20.16
C ARG D 78 41.95 46.07 19.83
N PRO D 79 40.81 46.43 19.24
CA PRO D 79 39.69 45.55 18.83
C PRO D 79 40.16 44.53 17.80
N PHE D 80 39.50 43.39 17.76
CA PHE D 80 39.87 42.34 16.80
C PHE D 80 38.92 42.42 15.60
N ILE D 81 39.31 43.23 14.62
CA ILE D 81 38.53 43.45 13.41
C ILE D 81 38.18 42.21 12.58
N PRO D 82 39.13 41.27 12.44
CA PRO D 82 38.83 40.08 11.64
C PRO D 82 37.54 39.34 11.99
N VAL D 83 37.18 39.28 13.26
CA VAL D 83 35.95 38.57 13.63
C VAL D 83 34.73 39.42 13.26
N LEU D 84 34.91 40.74 13.22
CA LEU D 84 33.82 41.63 12.84
C LEU D 84 33.51 41.38 11.37
N ARG D 85 34.54 41.12 10.59
CA ARG D 85 34.35 40.85 9.17
C ARG D 85 33.63 39.51 9.02
N GLN D 86 33.99 38.56 9.88
CA GLN D 86 33.37 37.24 9.85
C GLN D 86 31.90 37.38 10.16
N LEU D 87 31.55 38.42 10.92
CA LEU D 87 30.16 38.66 11.29
C LEU D 87 29.37 39.45 10.24
N GLY D 88 29.99 39.75 9.11
CA GLY D 88 29.28 40.45 8.05
C GLY D 88 29.58 41.92 7.78
N PHE D 89 30.45 42.53 8.56
CA PHE D 89 30.79 43.94 8.34
C PHE D 89 32.02 44.04 7.44
N SER D 90 31.86 44.70 6.30
CA SER D 90 32.95 44.83 5.35
C SER D 90 33.48 46.26 5.24
N GLY D 91 34.58 46.40 4.50
CA GLY D 91 35.22 47.68 4.31
C GLY D 91 36.63 47.67 4.88
N SER D 92 37.15 48.86 5.20
CA SER D 92 38.48 48.97 5.78
C SER D 92 38.32 48.79 7.28
N ASP D 93 39.42 48.58 7.99
CA ASP D 93 39.35 48.38 9.44
C ASP D 93 38.56 49.50 10.09
N GLU D 94 38.77 50.73 9.64
CA GLU D 94 38.06 51.85 10.21
C GLU D 94 36.59 51.90 9.81
N GLN D 95 36.28 51.50 8.58
CA GLN D 95 34.89 51.49 8.14
C GLN D 95 34.12 50.41 8.88
N VAL D 96 34.74 49.25 9.04
CA VAL D 96 34.11 48.14 9.76
C VAL D 96 33.80 48.62 11.17
N LEU D 97 34.80 49.22 11.81
CA LEU D 97 34.66 49.73 13.15
C LEU D 97 33.50 50.73 13.23
N GLU D 98 33.40 51.60 12.24
CA GLU D 98 32.33 52.59 12.23
C GLU D 98 30.98 51.95 11.96
N LYS D 99 30.92 51.00 11.05
CA LYS D 99 29.67 50.31 10.75
C LYS D 99 29.15 49.60 12.00
N VAL D 100 30.05 48.93 12.72
CA VAL D 100 29.66 48.21 13.93
C VAL D 100 29.21 49.19 15.01
N ALA D 101 29.96 50.27 15.17
CA ALA D 101 29.63 51.28 16.16
C ALA D 101 28.22 51.81 15.91
N ARG D 102 27.92 52.05 14.63
CA ARG D 102 26.61 52.57 14.25
C ARG D 102 25.50 51.52 14.28
N GLN D 103 25.75 50.40 13.62
CA GLN D 103 24.77 49.33 13.50
C GLN D 103 24.60 48.35 14.64
N ALA D 104 25.70 47.84 15.18
CA ALA D 104 25.61 46.88 16.28
C ALA D 104 26.79 47.06 17.23
N PRO D 105 26.84 48.20 17.92
CA PRO D 105 27.88 48.57 18.88
C PRO D 105 28.20 47.56 19.99
N HIS D 106 27.26 46.68 20.30
CA HIS D 106 27.53 45.70 21.36
C HIS D 106 28.66 44.72 21.00
N TRP D 107 28.92 44.55 19.70
CA TRP D 107 29.99 43.65 19.28
C TRP D 107 31.36 44.24 19.60
N LEU D 108 31.45 45.57 19.64
CA LEU D 108 32.71 46.25 19.92
C LEU D 108 33.33 45.75 21.22
N SER D 109 32.52 45.67 22.28
CA SER D 109 33.03 45.21 23.56
C SER D 109 33.47 43.76 23.50
N SER D 110 32.69 42.94 22.81
CA SER D 110 33.00 41.52 22.69
C SER D 110 34.29 41.23 21.92
N VAL D 111 34.73 42.15 21.08
CA VAL D 111 35.96 41.93 20.35
C VAL D 111 37.08 42.83 20.83
N SER D 112 36.88 43.45 21.99
CA SER D 112 37.88 44.35 22.54
C SER D 112 38.24 44.03 23.99
N SER D 113 37.95 42.81 24.43
CA SER D 113 38.26 42.43 25.79
C SER D 113 39.76 42.15 25.99
N ALA D 114 40.26 42.54 27.15
CA ALA D 114 41.66 42.31 27.50
C ALA D 114 41.77 40.98 28.24
N SER D 115 40.74 40.15 28.12
CA SER D 115 40.68 38.84 28.77
C SER D 115 41.91 37.93 28.58
N PRO D 116 42.67 38.10 27.48
CA PRO D 116 43.85 37.23 27.31
C PRO D 116 44.86 37.35 28.46
N TRP D 118 44.41 36.81 31.42
CA TRP D 118 44.28 35.67 32.32
C TRP D 118 44.83 34.43 31.64
N VAL D 119 46.16 34.36 31.60
CA VAL D 119 46.88 33.27 30.96
C VAL D 119 46.73 31.93 31.68
N ALA D 120 46.06 31.92 32.82
CA ALA D 120 45.84 30.65 33.52
C ALA D 120 44.93 29.82 32.61
N ASN D 121 44.19 30.50 31.74
CA ASN D 121 43.29 29.83 30.80
C ASN D 121 43.89 29.70 29.40
N ALA D 122 45.12 30.15 29.21
CA ALA D 122 45.74 30.08 27.90
C ALA D 122 45.97 28.65 27.41
N ALA D 123 46.39 27.78 28.30
CA ALA D 123 46.68 26.40 27.94
C ALA D 123 46.89 25.50 29.14
N THR D 124 47.15 24.23 28.86
CA THR D 124 47.40 23.23 29.89
C THR D 124 48.84 22.75 29.68
N ILE D 125 49.61 22.72 30.76
CA ILE D 125 51.03 22.35 30.70
C ILE D 125 51.39 20.95 31.21
N ALA D 126 52.33 20.31 30.51
CA ALA D 126 52.82 19.00 30.90
C ALA D 126 54.35 19.09 30.94
N PRO D 127 54.95 19.13 32.14
CA PRO D 127 56.41 19.20 32.27
C PRO D 127 57.03 17.97 31.62
N SER D 128 58.26 18.10 31.12
CA SER D 128 58.92 16.97 30.45
C SER D 128 59.09 15.74 31.36
N ALA D 129 59.00 15.95 32.66
CA ALA D 129 59.13 14.86 33.61
C ALA D 129 57.90 13.95 33.61
N ASP D 130 56.81 14.40 32.96
CA ASP D 130 55.58 13.62 32.92
C ASP D 130 55.21 13.13 31.52
N THR D 131 55.95 13.59 30.51
CA THR D 131 55.63 13.19 29.14
C THR D 131 56.32 11.94 28.61
N LEU D 132 55.64 11.25 27.71
CA LEU D 132 56.14 10.01 27.12
C LEU D 132 57.30 10.25 26.16
N ASP D 133 57.39 11.43 25.57
CA ASP D 133 58.47 11.72 24.64
C ASP D 133 59.51 12.66 25.24
N GLY D 134 59.43 12.86 26.55
CA GLY D 134 60.38 13.71 27.25
C GLY D 134 60.43 15.19 26.93
N LYS D 135 59.44 15.69 26.19
CA LYS D 135 59.39 17.13 25.84
C LYS D 135 58.32 17.83 26.67
N VAL D 136 58.37 19.17 26.68
CA VAL D 136 57.37 19.94 27.40
C VAL D 136 56.21 20.15 26.44
N HIS D 137 55.01 19.80 26.87
CA HIS D 137 53.83 19.94 26.04
C HIS D 137 52.87 21.02 26.55
N LEU D 138 52.36 21.81 25.62
CA LEU D 138 51.41 22.87 25.92
C LEU D 138 50.25 22.78 24.93
N THR D 139 49.04 22.60 25.43
CA THR D 139 47.86 22.52 24.59
C THR D 139 46.99 23.76 24.83
N VAL D 140 46.81 24.55 23.79
CA VAL D 140 46.00 25.77 23.88
C VAL D 140 44.56 25.44 24.25
N ALA D 141 43.96 26.22 25.15
CA ALA D 141 42.57 25.98 25.55
C ALA D 141 41.63 26.70 24.57
N ASN D 142 40.58 26.01 24.11
CA ASN D 142 39.64 26.65 23.19
C ASN D 142 38.80 27.75 23.85
N LEU D 143 38.58 27.65 25.16
CA LEU D 143 37.78 28.63 25.89
C LEU D 143 36.47 28.87 25.16
N ASN D 144 35.88 27.77 24.69
CA ASN D 144 34.64 27.82 23.91
C ASN D 144 33.40 28.41 24.58
N ASN D 145 33.28 28.28 25.89
CA ASN D 145 32.10 28.77 26.59
C ASN D 145 31.77 30.26 26.38
N LYS D 146 32.79 31.12 26.42
CA LYS D 146 32.58 32.56 26.25
C LYS D 146 33.08 33.04 24.89
N PHE D 147 32.19 33.62 24.11
CA PHE D 147 32.56 34.14 22.80
C PHE D 147 33.81 35.01 22.81
N HIS D 148 33.85 36.02 23.67
CA HIS D 148 35.01 36.92 23.72
C HIS D 148 36.33 36.22 24.04
N ARG D 149 36.28 35.12 24.79
CA ARG D 149 37.50 34.41 25.11
C ARG D 149 37.83 33.35 24.05
N SER D 150 36.82 32.86 23.34
CA SER D 150 37.05 31.85 22.31
C SER D 150 37.88 32.42 21.16
N LEU D 151 37.91 33.75 21.06
CA LEU D 151 38.67 34.44 20.02
C LEU D 151 40.17 34.36 20.28
N GLU D 152 40.54 34.03 21.51
CA GLU D 152 41.93 33.97 21.91
C GLU D 152 42.81 32.87 21.32
N ALA D 153 42.32 31.63 21.34
CA ALA D 153 43.08 30.47 20.88
C ALA D 153 44.10 30.63 19.73
N PRO D 154 43.65 31.08 18.55
CA PRO D 154 44.57 31.25 17.42
C PRO D 154 45.79 32.12 17.74
N VAL D 155 45.55 33.29 18.33
CA VAL D 155 46.63 34.21 18.66
C VAL D 155 47.45 33.67 19.84
N THR D 156 46.78 33.02 20.78
CA THR D 156 47.48 32.46 21.92
C THR D 156 48.45 31.38 21.43
N GLU D 157 48.04 30.63 20.41
CA GLU D 157 48.91 29.59 19.86
C GLU D 157 50.16 30.23 19.26
N SER D 158 49.99 31.30 18.49
CA SER D 158 51.10 32.01 17.86
C SER D 158 52.09 32.48 18.92
N LEU D 159 51.56 33.09 19.97
CA LEU D 159 52.39 33.60 21.04
C LEU D 159 53.19 32.50 21.73
N LEU D 160 52.53 31.40 22.05
CA LEU D 160 53.23 30.29 22.72
C LEU D 160 54.34 29.73 21.83
N LYS D 161 54.09 29.63 20.53
CA LYS D 161 55.08 29.11 19.61
C LYS D 161 56.25 30.07 19.42
N ALA D 162 56.01 31.35 19.66
CA ALA D 162 57.08 32.34 19.53
C ALA D 162 57.88 32.44 20.83
N ILE D 163 57.28 32.02 21.93
CA ILE D 163 57.95 32.04 23.23
C ILE D 163 58.65 30.69 23.48
N PHE D 164 57.94 29.60 23.22
CA PHE D 164 58.50 28.27 23.38
C PHE D 164 58.75 27.79 21.97
N ASN D 165 59.68 28.46 21.30
CA ASN D 165 60.00 28.19 19.91
C ASN D 165 60.85 26.96 19.57
N ASP D 166 61.73 26.55 20.49
CA ASP D 166 62.60 25.39 20.27
C ASP D 166 61.76 24.11 20.25
N GLU D 167 61.52 23.57 19.06
CA GLU D 167 60.70 22.36 18.92
C GLU D 167 61.30 21.07 19.48
N GLU D 168 62.59 21.06 19.77
CA GLU D 168 63.21 19.87 20.32
C GLU D 168 62.94 19.81 21.82
N LYS D 169 62.54 20.95 22.36
CA LYS D 169 62.25 21.08 23.79
C LYS D 169 60.76 21.27 24.09
N PHE D 170 60.06 21.97 23.20
CA PHE D 170 58.64 22.25 23.40
C PHE D 170 57.72 21.82 22.27
N SER D 171 56.51 21.37 22.64
CA SER D 171 55.50 20.94 21.67
C SER D 171 54.16 21.61 21.97
N VAL D 172 53.78 22.55 21.11
CA VAL D 172 52.54 23.28 21.26
C VAL D 172 51.44 22.64 20.40
N HIS D 173 50.34 22.25 21.04
CA HIS D 173 49.23 21.64 20.33
C HIS D 173 48.08 22.64 20.20
N SER D 174 47.40 22.60 19.05
CA SER D 174 46.28 23.49 18.83
C SER D 174 45.11 23.14 19.74
N ALA D 175 44.24 24.13 19.96
CA ALA D 175 43.08 23.95 20.81
C ALA D 175 42.11 22.90 20.28
N LEU D 176 41.36 22.31 21.20
CA LEU D 176 40.35 21.31 20.86
C LEU D 176 39.24 21.96 20.05
N PRO D 177 38.45 21.15 19.32
CA PRO D 177 37.35 21.66 18.51
C PRO D 177 36.49 22.62 19.35
N GLN D 178 36.01 23.68 18.72
CA GLN D 178 35.18 24.67 19.38
C GLN D 178 33.71 24.26 19.48
N VAL D 179 33.40 23.39 20.44
CA VAL D 179 32.04 22.95 20.68
C VAL D 179 31.86 22.75 22.18
N ALA D 180 30.63 22.92 22.65
CA ALA D 180 30.33 22.79 24.07
C ALA D 180 30.77 21.44 24.66
N LEU D 181 30.71 20.40 23.85
CA LEU D 181 31.09 19.06 24.27
C LEU D 181 32.57 18.98 24.71
N LEU D 182 33.39 19.85 24.13
CA LEU D 182 34.81 19.86 24.43
C LEU D 182 35.27 21.17 25.05
N GLY D 183 34.41 21.76 25.87
CA GLY D 183 34.76 23.01 26.52
C GLY D 183 36.02 22.82 27.35
N ASP D 184 37.03 23.65 27.08
CA ASP D 184 38.30 23.56 27.77
C ASP D 184 38.75 24.95 28.25
N GLU D 185 39.06 25.06 29.54
CA GLU D 185 39.50 26.33 30.11
C GLU D 185 40.96 26.32 30.57
N GLY D 186 41.68 25.27 30.15
CA GLY D 186 43.09 25.16 30.47
C GLY D 186 43.59 24.95 31.88
N ALA D 187 44.79 25.47 32.15
CA ALA D 187 45.45 25.34 33.44
C ALA D 187 44.59 25.71 34.64
N ALA D 188 43.67 26.66 34.48
CA ALA D 188 42.83 27.07 35.58
C ALA D 188 42.12 25.89 36.24
N ASN D 189 41.98 24.78 35.51
CA ASN D 189 41.35 23.58 36.06
C ASN D 189 42.37 22.45 36.22
N HIS D 190 43.64 22.79 36.11
CA HIS D 190 44.72 21.81 36.21
C HIS D 190 45.46 21.90 37.54
N ASN D 191 46.13 20.81 37.90
CA ASN D 191 46.89 20.73 39.15
C ASN D 191 48.05 19.74 38.98
N ARG D 192 49.13 19.94 39.73
CA ARG D 192 50.26 19.02 39.65
C ARG D 192 50.87 18.83 41.03
N LEU D 193 50.80 17.60 41.54
CA LEU D 193 51.32 17.27 42.86
C LEU D 193 52.48 16.30 42.79
N GLY D 194 53.42 16.44 43.73
CA GLY D 194 54.57 15.56 43.76
C GLY D 194 55.69 16.11 44.62
N GLY D 195 56.85 15.45 44.60
CA GLY D 195 57.97 15.91 45.38
C GLY D 195 58.56 17.14 44.73
N HIS D 196 59.77 17.02 44.20
CA HIS D 196 60.41 18.14 43.55
C HIS D 196 59.80 18.33 42.15
N TYR D 197 59.71 19.58 41.72
CA TYR D 197 59.15 19.92 40.42
C TYR D 197 59.67 19.07 39.27
N GLY D 198 60.98 18.86 39.24
CA GLY D 198 61.60 18.08 38.18
C GLY D 198 61.31 16.59 38.16
N GLU D 199 60.73 16.07 39.24
CA GLU D 199 60.41 14.66 39.30
C GLU D 199 59.04 14.41 38.72
N PRO D 200 58.77 13.18 38.25
CA PRO D 200 57.46 12.88 37.68
C PRO D 200 56.39 13.22 38.70
N GLY D 201 55.39 13.98 38.27
CA GLY D 201 54.34 14.37 39.18
C GLY D 201 52.98 13.79 38.86
N GLN D 203 49.24 14.51 37.96
CA GLN D 203 48.42 15.56 37.36
C GLN D 203 46.95 15.33 37.68
N LEU D 204 46.30 16.38 38.18
CA LEU D 204 44.88 16.30 38.53
C LEU D 204 44.07 17.25 37.66
N PHE D 205 43.21 16.70 36.81
CA PHE D 205 42.35 17.48 35.93
C PHE D 205 40.96 17.58 36.55
N VAL D 206 40.50 18.80 36.77
CA VAL D 206 39.18 19.01 37.34
C VAL D 206 38.23 19.51 36.25
N TYR D 207 37.05 18.90 36.17
CA TYR D 207 36.05 19.25 35.19
C TYR D 207 34.72 19.54 35.88
N GLY D 208 33.81 20.19 35.17
CA GLY D 208 32.52 20.53 35.75
C GLY D 208 31.39 19.64 35.27
N ARG D 209 31.56 19.02 34.10
CA ARG D 209 30.52 18.16 33.57
C ARG D 209 31.09 17.11 32.64
N GLU D 210 30.32 16.05 32.44
CA GLU D 210 30.70 14.95 31.57
C GLU D 210 29.41 14.36 31.00
N GLU D 211 29.49 13.84 29.77
CA GLU D 211 28.33 13.25 29.13
C GLU D 211 27.83 12.01 29.88
N GLY D 212 26.50 11.91 30.01
CA GLY D 212 25.93 10.77 30.70
C GLY D 212 25.80 10.99 32.20
N ASN D 213 26.61 11.90 32.74
CA ASN D 213 26.56 12.19 34.16
C ASN D 213 25.55 13.30 34.43
N ASP D 214 24.45 12.93 35.09
CA ASP D 214 23.38 13.87 35.43
C ASP D 214 23.81 14.91 36.46
N THR D 215 24.94 14.67 37.09
CA THR D 215 25.46 15.58 38.09
C THR D 215 26.25 16.69 37.42
N ARG D 216 25.68 17.90 37.42
CA ARG D 216 26.32 19.05 36.81
C ARG D 216 25.63 20.34 37.25
N PRO D 217 26.33 21.49 37.13
CA PRO D 217 25.77 22.78 37.54
C PRO D 217 24.40 23.01 36.90
N SER D 218 23.52 23.72 37.62
CA SER D 218 22.18 23.99 37.10
C SER D 218 21.83 25.47 37.05
N ARG D 219 22.80 26.33 37.37
CA ARG D 219 22.60 27.77 37.34
C ARG D 219 23.69 28.44 36.51
N TYR D 220 24.91 27.90 36.59
CA TYR D 220 26.04 28.41 35.85
C TYR D 220 26.66 27.24 35.08
N PRO D 221 26.38 27.15 33.77
CA PRO D 221 26.92 26.06 32.95
C PRO D 221 28.40 25.80 33.18
N ALA D 222 28.79 24.53 33.14
CA ALA D 222 30.17 24.13 33.36
C ALA D 222 30.98 24.37 32.09
N ARG D 223 32.04 25.17 32.20
CA ARG D 223 32.87 25.48 31.05
C ARG D 223 33.84 24.35 30.69
N GLN D 224 34.13 23.51 31.66
CA GLN D 224 35.06 22.40 31.45
C GLN D 224 34.36 21.05 31.41
N THR D 225 34.61 20.27 30.38
CA THR D 225 33.99 18.94 30.29
C THR D 225 35.09 17.91 30.47
N ARG D 226 34.71 16.75 31.00
CA ARG D 226 35.68 15.69 31.19
C ARG D 226 36.26 15.25 29.85
N GLU D 227 35.41 15.22 28.83
CA GLU D 227 35.85 14.80 27.50
C GLU D 227 37.02 15.67 27.03
N ALA D 228 36.96 16.96 27.32
CA ALA D 228 38.02 17.89 26.94
C ALA D 228 39.28 17.60 27.76
N SER D 229 39.14 17.46 29.08
CA SER D 229 40.28 17.19 29.95
C SER D 229 41.02 15.93 29.51
N GLU D 230 40.27 14.89 29.20
CA GLU D 230 40.87 13.64 28.76
C GLU D 230 41.62 13.80 27.44
N ALA D 231 41.11 14.64 26.54
CA ALA D 231 41.75 14.85 25.25
C ALA D 231 43.05 15.62 25.42
N VAL D 232 43.06 16.60 26.32
CA VAL D 232 44.26 17.37 26.60
C VAL D 232 45.31 16.44 27.20
N ALA D 233 44.86 15.56 28.10
CA ALA D 233 45.78 14.61 28.74
C ALA D 233 46.47 13.80 27.64
N ARG D 234 45.71 13.41 26.63
CA ARG D 234 46.22 12.64 25.50
C ARG D 234 47.22 13.48 24.70
N LEU D 235 46.78 14.67 24.30
CA LEU D 235 47.62 15.55 23.52
C LEU D 235 48.95 15.86 24.21
N ASN D 236 48.90 16.02 25.52
CA ASN D 236 50.11 16.33 26.28
C ASN D 236 50.98 15.11 26.62
N GLN D 237 50.65 13.97 26.02
CA GLN D 237 51.40 12.73 26.24
C GLN D 237 51.66 12.44 27.71
N VAL D 238 50.62 12.62 28.52
CA VAL D 238 50.71 12.39 29.95
C VAL D 238 50.65 10.91 30.29
N ASN D 239 51.58 10.46 31.12
CA ASN D 239 51.63 9.07 31.55
C ASN D 239 50.29 8.76 32.21
N PRO D 240 49.58 7.73 31.71
CA PRO D 240 48.27 7.30 32.22
C PRO D 240 48.23 7.11 33.73
N GLN D 241 49.34 6.69 34.32
CA GLN D 241 49.36 6.45 35.76
C GLN D 241 49.64 7.73 36.55
N GLN D 242 49.95 8.81 35.85
CA GLN D 242 50.24 10.07 36.52
C GLN D 242 49.14 11.09 36.27
N VAL D 243 47.92 10.61 36.06
CA VAL D 243 46.79 11.51 35.82
C VAL D 243 45.53 11.04 36.55
N ILE D 244 44.79 12.00 37.08
CA ILE D 244 43.53 11.74 37.79
C ILE D 244 42.50 12.77 37.36
N PHE D 245 41.31 12.30 37.05
CA PHE D 245 40.24 13.22 36.66
C PHE D 245 39.26 13.27 37.80
N ALA D 246 38.97 14.48 38.28
CA ALA D 246 38.03 14.68 39.38
C ALA D 246 36.99 15.72 38.98
N GLN D 247 35.75 15.49 39.37
CA GLN D 247 34.67 16.40 39.07
C GLN D 247 34.52 17.45 40.16
N GLN D 248 34.36 18.70 39.74
CA GLN D 248 34.19 19.80 40.68
C GLN D 248 32.83 19.63 41.33
N ASN D 249 32.68 20.11 42.57
CA ASN D 249 31.40 20.03 43.25
C ASN D 249 30.45 20.96 42.49
N PRO D 250 29.35 20.41 41.94
CA PRO D 250 28.39 21.21 41.19
C PRO D 250 27.74 22.34 41.96
N ASP D 251 27.61 22.17 43.27
CA ASP D 251 26.99 23.18 44.09
C ASP D 251 27.89 24.41 44.27
N VAL D 252 29.21 24.20 44.22
CA VAL D 252 30.13 25.31 44.36
C VAL D 252 30.18 26.11 43.07
N ILE D 253 30.00 25.41 41.94
CA ILE D 253 30.01 26.06 40.63
C ILE D 253 28.82 27.02 40.54
N ASP D 254 27.66 26.56 41.00
CA ASP D 254 26.47 27.41 40.95
C ASP D 254 26.59 28.61 41.88
N GLN D 255 27.64 28.63 42.70
CA GLN D 255 27.85 29.74 43.63
C GLN D 255 28.91 30.73 43.16
N GLY D 256 29.50 30.48 41.99
CA GLY D 256 30.49 31.40 41.48
C GLY D 256 31.86 30.81 41.17
N VAL D 257 32.05 29.53 41.46
CA VAL D 257 33.34 28.89 41.17
C VAL D 257 33.31 28.34 39.74
N PHE D 258 33.63 29.20 38.77
CA PHE D 258 33.61 28.78 37.38
C PHE D 258 34.86 28.04 36.91
N HIS D 259 35.89 28.00 37.76
CA HIS D 259 37.13 27.29 37.49
C HIS D 259 37.67 26.74 38.80
N ASN D 260 38.43 25.65 38.75
CA ASN D 260 38.97 25.05 39.96
C ASN D 260 39.88 26.01 40.73
N ASP D 261 40.57 26.90 40.03
CA ASP D 261 41.48 27.82 40.70
C ASP D 261 40.79 28.94 41.49
N VAL D 262 39.52 28.74 41.79
CA VAL D 262 38.75 29.70 42.58
C VAL D 262 38.33 29.02 43.87
N ILE D 263 38.60 27.73 43.96
CA ILE D 263 38.22 26.96 45.14
C ILE D 263 39.34 26.03 45.62
N ALA D 264 40.42 25.95 44.85
CA ALA D 264 41.55 25.09 45.21
C ALA D 264 42.82 25.40 44.42
N VAL D 265 43.96 25.14 45.04
CA VAL D 265 45.27 25.38 44.41
C VAL D 265 46.28 24.37 44.94
N SER D 266 47.17 23.90 44.07
CA SER D 266 48.17 22.93 44.45
C SER D 266 49.58 23.45 44.25
N ASN D 267 50.54 22.79 44.90
CA ASN D 267 51.95 23.13 44.79
C ASN D 267 52.77 22.06 45.51
N ARG D 268 53.60 21.36 44.75
CA ARG D 268 54.44 20.30 45.29
C ARG D 268 53.58 19.21 45.94
N GLN D 269 53.72 19.02 47.25
CA GLN D 269 52.94 17.98 47.92
C GLN D 269 51.68 18.51 48.59
N VAL D 270 51.45 19.82 48.48
CA VAL D 270 50.28 20.44 49.11
C VAL D 270 49.12 20.77 48.18
N LEU D 271 47.92 20.55 48.69
CA LEU D 271 46.70 20.86 47.96
C LEU D 271 45.84 21.69 48.91
N PHE D 272 45.82 23.01 48.71
CA PHE D 272 45.05 23.92 49.52
C PHE D 272 43.67 24.05 48.87
N CYS D 273 42.66 23.50 49.52
CA CYS D 273 41.31 23.54 48.98
C CYS D 273 40.23 23.73 50.01
N HIS D 274 39.05 24.13 49.55
CA HIS D 274 37.89 24.33 50.41
C HIS D 274 37.27 22.95 50.60
N GLN D 275 36.58 22.73 51.71
CA GLN D 275 35.97 21.43 51.95
C GLN D 275 34.88 21.07 50.94
N GLN D 276 34.25 22.09 50.37
CA GLN D 276 33.18 21.86 49.39
C GLN D 276 33.68 21.96 47.94
N ALA D 277 34.98 21.76 47.76
CA ALA D 277 35.62 21.85 46.46
C ALA D 277 35.30 20.75 45.45
N PHE D 278 35.46 19.50 45.87
CA PHE D 278 35.23 18.37 44.96
C PHE D 278 34.03 17.49 45.26
N ALA D 279 33.45 16.93 44.21
CA ALA D 279 32.28 16.06 44.30
C ALA D 279 32.51 14.91 45.28
N ARG D 280 33.54 14.10 45.08
CA ARG D 280 33.83 13.01 46.00
C ARG D 280 35.17 13.28 46.68
N GLN D 281 35.24 14.44 47.34
CA GLN D 281 36.45 14.89 48.01
C GLN D 281 37.16 13.84 48.86
N SER D 282 36.45 13.25 49.80
CA SER D 282 37.03 12.23 50.67
C SER D 282 37.82 11.21 49.86
N GLN D 283 37.18 10.65 48.84
CA GLN D 283 37.81 9.65 47.99
C GLN D 283 39.01 10.20 47.23
N LEU D 284 38.89 11.42 46.70
CA LEU D 284 39.97 12.03 45.95
C LEU D 284 41.22 12.22 46.81
N LEU D 285 41.05 12.84 47.97
CA LEU D 285 42.16 13.07 48.88
C LEU D 285 42.85 11.78 49.30
N ALA D 286 42.06 10.78 49.64
CA ALA D 286 42.61 9.49 50.06
C ALA D 286 43.47 8.94 48.93
N ASN D 287 42.97 9.06 47.71
CA ASN D 287 43.68 8.59 46.53
C ASN D 287 45.01 9.32 46.35
N LEU D 288 44.99 10.63 46.52
CA LEU D 288 46.22 11.42 46.40
C LEU D 288 47.21 11.00 47.49
N ARG D 289 46.71 10.76 48.69
CA ARG D 289 47.55 10.32 49.81
C ARG D 289 48.29 9.04 49.44
N ALA D 290 47.58 8.14 48.77
CA ALA D 290 48.13 6.87 48.36
C ALA D 290 49.11 6.97 47.20
N ARG D 291 48.92 7.96 46.33
CA ARG D 291 49.78 8.12 45.15
C ARG D 291 50.86 9.20 45.24
N VAL D 292 50.68 10.15 46.14
CA VAL D 292 51.66 11.24 46.27
C VAL D 292 52.39 11.17 47.61
N ASN D 293 53.69 10.89 47.55
CA ASN D 293 54.52 10.80 48.74
C ASN D 293 54.52 12.11 49.51
N GLY D 294 54.22 12.04 50.79
CA GLY D 294 54.20 13.23 51.63
C GLY D 294 53.05 14.15 51.36
N PHE D 295 52.12 13.71 50.51
CA PHE D 295 50.95 14.54 50.19
C PHE D 295 50.24 15.06 51.44
N ALA D 297 46.86 17.54 52.46
CA ALA D 297 45.69 18.29 52.04
C ALA D 297 45.28 19.26 53.14
N ILE D 298 45.20 20.54 52.78
CA ILE D 298 44.80 21.55 53.74
C ILE D 298 43.40 22.01 53.34
N GLU D 299 42.40 21.44 54.00
CA GLU D 299 40.99 21.75 53.74
C GLU D 299 40.48 22.88 54.61
N VAL D 300 39.86 23.88 54.00
CA VAL D 300 39.30 24.98 54.76
C VAL D 300 37.83 24.66 54.98
N PRO D 301 37.44 24.41 56.23
CA PRO D 301 36.05 24.09 56.56
C PRO D 301 35.13 25.29 56.32
N ALA D 302 33.91 25.00 55.88
CA ALA D 302 32.92 26.05 55.60
C ALA D 302 32.65 26.93 56.81
N THR D 303 32.74 26.33 57.99
CA THR D 303 32.52 27.03 59.25
C THR D 303 33.40 28.26 59.31
N GLN D 304 34.68 28.06 58.99
CA GLN D 304 35.63 29.16 59.03
C GLN D 304 35.50 30.10 57.83
N VAL D 305 35.38 29.54 56.63
CA VAL D 305 35.24 30.37 55.44
C VAL D 305 34.17 29.78 54.52
N SER D 306 33.13 30.56 54.27
CA SER D 306 32.05 30.10 53.41
C SER D 306 32.46 30.17 51.94
N VAL D 307 31.66 29.56 51.07
CA VAL D 307 31.89 29.58 49.64
C VAL D 307 31.77 31.03 49.18
N SER D 308 30.76 31.71 49.72
CA SER D 308 30.52 33.11 49.38
C SER D 308 31.76 33.95 49.65
N ASP D 309 32.34 33.76 50.84
CA ASP D 309 33.55 34.49 51.24
C ASP D 309 34.68 34.14 50.27
N THR D 310 34.74 32.87 49.89
CA THR D 310 35.76 32.37 48.98
C THR D 310 35.67 33.09 47.63
N VAL D 311 34.46 33.19 47.09
CA VAL D 311 34.25 33.84 45.81
C VAL D 311 34.50 35.34 45.83
N SER D 312 34.16 36.00 46.92
CA SER D 312 34.36 37.44 47.03
C SER D 312 35.81 37.87 47.30
N THR D 313 36.54 37.04 48.04
CA THR D 313 37.93 37.36 48.38
C THR D 313 38.94 36.75 47.41
N TYR D 314 38.55 35.66 46.77
CA TYR D 314 39.44 34.95 45.85
C TYR D 314 40.60 34.34 46.63
N LEU D 315 40.27 33.84 47.81
CA LEU D 315 41.23 33.21 48.70
C LEU D 315 41.98 32.08 47.98
N PHE D 316 41.25 31.30 47.17
CA PHE D 316 41.87 30.19 46.47
C PHE D 316 42.45 30.50 45.09
N ASN D 317 42.34 31.75 44.64
CA ASN D 317 42.91 32.13 43.36
C ASN D 317 44.26 32.74 43.68
N SER D 318 44.88 32.21 44.72
CA SER D 318 46.18 32.67 45.17
C SER D 318 47.26 31.77 44.61
N GLN D 319 48.49 32.27 44.61
CA GLN D 319 49.61 31.50 44.13
C GLN D 319 50.32 30.87 45.34
N LEU D 320 50.53 29.56 45.30
CA LEU D 320 51.22 28.86 46.38
C LEU D 320 52.62 28.56 45.86
N LEU D 321 53.59 29.36 46.30
CA LEU D 321 54.98 29.26 45.88
C LEU D 321 55.92 28.50 46.82
N SER D 322 57.01 27.99 46.27
CA SER D 322 57.99 27.27 47.08
C SER D 322 59.35 27.95 47.11
N ARG D 323 59.97 27.94 48.29
CA ARG D 323 61.29 28.53 48.46
C ARG D 323 62.26 27.35 48.40
N ASP D 324 63.55 27.64 48.40
CA ASP D 324 64.55 26.57 48.31
C ASP D 324 64.58 25.63 49.51
N ASP D 325 64.27 26.16 50.69
CA ASP D 325 64.28 25.35 51.89
C ASP D 325 63.03 24.48 52.05
N GLY D 326 62.13 24.57 51.08
CA GLY D 326 60.93 23.76 51.16
C GLY D 326 59.73 24.50 51.73
N SER D 327 59.96 25.67 52.30
CA SER D 327 58.85 26.45 52.87
C SER D 327 58.05 27.05 51.71
N LEU D 330 52.13 32.24 50.24
CA LEU D 330 50.83 32.43 49.60
C LEU D 330 50.70 33.85 49.07
N VAL D 331 50.52 33.99 47.76
CA VAL D 331 50.36 35.30 47.15
C VAL D 331 48.86 35.52 47.02
N LEU D 332 48.34 36.54 47.70
CA LEU D 332 46.91 36.81 47.68
C LEU D 332 46.52 38.22 47.23
N PRO D 333 45.26 38.38 46.79
CA PRO D 333 44.77 39.68 46.35
C PRO D 333 44.38 40.48 47.60
N GLN D 334 44.40 41.81 47.49
CA GLN D 334 44.06 42.67 48.63
C GLN D 334 42.75 42.31 49.34
N GLU D 335 41.79 41.79 48.60
CA GLU D 335 40.48 41.42 49.13
C GLU D 335 40.58 40.45 50.31
N CYS D 336 41.62 39.62 50.33
CA CYS D 336 41.81 38.66 51.41
C CYS D 336 42.25 39.32 52.71
N ARG D 337 42.96 40.43 52.61
CA ARG D 337 43.41 41.14 53.79
C ARG D 337 42.28 42.02 54.32
N GLU D 338 41.45 42.50 53.41
CA GLU D 338 40.31 43.37 53.75
C GLU D 338 39.17 42.58 54.39
N HIS D 339 39.23 41.26 54.31
CA HIS D 339 38.18 40.43 54.88
C HIS D 339 38.66 39.83 56.19
N ALA D 340 38.16 40.38 57.30
CA ALA D 340 38.53 39.94 58.64
C ALA D 340 38.50 38.42 58.79
N GLY D 341 37.41 37.81 58.34
CA GLY D 341 37.27 36.37 58.46
C GLY D 341 38.34 35.57 57.75
N VAL D 342 38.63 35.94 56.50
CA VAL D 342 39.62 35.25 55.70
C VAL D 342 41.02 35.55 56.22
N TRP D 343 41.31 36.81 56.48
CA TRP D 343 42.63 37.17 56.98
C TRP D 343 42.89 36.46 58.30
N GLY D 344 41.86 36.34 59.13
CA GLY D 344 42.01 35.67 60.40
C GLY D 344 42.43 34.23 60.18
N TYR D 345 41.74 33.56 59.25
CA TYR D 345 42.04 32.18 58.93
C TYR D 345 43.46 32.02 58.42
N LEU D 346 43.87 32.92 57.53
CA LEU D 346 45.22 32.88 56.97
C LEU D 346 46.30 32.98 58.05
N ASN D 347 46.12 33.88 59.01
CA ASN D 347 47.14 34.01 60.05
C ASN D 347 47.19 32.77 60.92
N GLU D 348 46.06 32.08 61.02
CA GLU D 348 45.98 30.84 61.79
C GLU D 348 46.73 29.77 61.00
N LEU D 349 46.51 29.76 59.69
CA LEU D 349 47.14 28.79 58.81
C LEU D 349 48.66 28.98 58.82
N LEU D 350 49.07 30.25 58.91
CA LEU D 350 50.47 30.61 58.91
C LEU D 350 51.20 30.04 60.12
N ALA D 351 50.50 29.97 61.26
CA ALA D 351 51.10 29.45 62.49
C ALA D 351 50.91 27.96 62.66
N ALA D 352 49.99 27.38 61.89
CA ALA D 352 49.71 25.95 61.96
C ALA D 352 50.88 25.13 61.43
N ASP D 353 50.80 23.82 61.64
CA ASP D 353 51.83 22.88 61.22
C ASP D 353 51.76 22.53 59.71
N ASN D 354 52.36 23.38 58.88
CA ASN D 354 52.36 23.15 57.44
C ASN D 354 53.47 24.01 56.80
N PRO D 355 53.78 23.78 55.52
CA PRO D 355 54.83 24.52 54.78
C PRO D 355 54.66 26.02 54.61
N ILE D 356 53.41 26.50 54.63
CA ILE D 356 53.15 27.93 54.43
C ILE D 356 53.72 28.80 55.55
N SER D 357 54.79 29.53 55.24
CA SER D 357 55.44 30.38 56.22
C SER D 357 55.36 31.87 55.96
N GLU D 358 54.74 32.27 54.85
CA GLU D 358 54.61 33.68 54.56
C GLU D 358 53.40 34.01 53.70
N LEU D 359 52.85 35.19 53.94
CA LEU D 359 51.70 35.67 53.19
C LEU D 359 52.10 36.96 52.48
N LYS D 360 51.79 37.04 51.19
CA LYS D 360 52.12 38.24 50.45
C LYS D 360 50.89 38.73 49.71
N VAL D 361 50.56 40.00 49.92
CA VAL D 361 49.38 40.60 49.31
C VAL D 361 49.71 41.64 48.24
N PHE D 362 48.93 41.63 47.16
CA PHE D 362 49.10 42.59 46.06
C PHE D 362 47.80 43.28 45.70
N ASP D 363 47.91 44.53 45.28
CA ASP D 363 46.75 45.32 44.87
C ASP D 363 46.51 45.02 43.39
N LEU D 364 45.45 44.28 43.09
CA LEU D 364 45.10 43.91 41.72
C LEU D 364 43.64 44.25 41.46
N ARG D 365 43.25 45.43 41.91
CA ARG D 365 41.89 45.95 41.77
C ARG D 365 41.34 45.88 40.35
N GLU D 366 42.12 46.34 39.38
CA GLU D 366 41.68 46.35 37.99
C GLU D 366 41.30 44.96 37.48
N SER D 367 42.20 43.99 37.67
CA SER D 367 41.92 42.63 37.22
C SER D 367 40.80 42.00 38.03
N ALA D 369 38.34 43.41 39.28
CA ALA D 369 37.07 44.03 38.89
C ALA D 369 36.41 43.20 37.79
N ASN D 370 37.23 42.52 36.99
CA ASN D 370 36.72 41.67 35.91
C ASN D 370 36.75 40.18 36.27
N GLY D 371 37.06 39.87 37.53
CA GLY D 371 37.08 38.47 37.97
C GLY D 371 38.40 37.72 37.92
N GLY D 372 39.52 38.45 37.99
CA GLY D 372 40.83 37.80 37.93
C GLY D 372 41.74 38.13 39.11
N GLY D 373 42.22 37.08 39.78
CA GLY D 373 43.11 37.24 40.91
C GLY D 373 44.55 36.95 40.51
N PRO D 374 45.47 36.86 41.49
CA PRO D 374 46.88 36.59 41.19
C PRO D 374 47.14 35.34 40.36
N ALA D 375 46.42 34.25 40.62
CA ALA D 375 46.61 33.01 39.89
C ALA D 375 46.03 33.07 38.47
N CYS D 376 44.92 33.80 38.31
CA CYS D 376 44.29 33.93 36.99
C CYS D 376 45.24 34.57 36.00
N LEU D 377 46.07 35.47 36.51
CA LEU D 377 47.04 36.20 35.71
C LEU D 377 48.34 35.45 35.42
N ARG D 378 48.46 34.21 35.89
CA ARG D 378 49.71 33.47 35.68
C ARG D 378 49.55 32.04 35.21
N LEU D 379 50.53 31.59 34.44
CA LEU D 379 50.54 30.24 33.91
C LEU D 379 51.83 29.56 34.38
N ARG D 380 51.69 28.47 35.15
CA ARG D 380 52.84 27.75 35.69
C ARG D 380 53.46 26.76 34.73
N VAL D 381 54.75 26.94 34.46
CA VAL D 381 55.49 26.07 33.56
C VAL D 381 56.77 25.56 34.20
N VAL D 382 56.78 24.28 34.58
CA VAL D 382 57.95 23.66 35.18
C VAL D 382 58.96 23.40 34.06
N LEU D 383 60.15 23.97 34.19
CA LEU D 383 61.19 23.82 33.17
C LEU D 383 62.54 23.40 33.73
N THR D 384 63.23 22.53 33.02
CA THR D 384 64.56 22.08 33.43
C THR D 384 65.49 23.24 33.11
N GLU D 385 66.72 23.16 33.59
CA GLU D 385 67.72 24.20 33.35
C GLU D 385 67.94 24.39 31.84
N GLU D 386 67.99 23.28 31.11
CA GLU D 386 68.20 23.36 29.66
C GLU D 386 66.98 23.92 28.94
N GLU D 387 65.78 23.59 29.45
CA GLU D 387 64.54 24.07 28.85
C GLU D 387 64.42 25.56 29.13
N ARG D 388 64.84 25.97 30.32
CA ARG D 388 64.79 27.38 30.71
C ARG D 388 65.62 28.18 29.73
N ARG D 389 66.77 27.62 29.35
CA ARG D 389 67.68 28.27 28.41
C ARG D 389 67.10 28.34 27.00
N ALA D 390 66.25 27.37 26.65
CA ALA D 390 65.63 27.31 25.33
C ALA D 390 64.48 28.30 25.12
N VAL D 391 63.92 28.80 26.23
CA VAL D 391 62.82 29.75 26.13
C VAL D 391 63.30 31.11 25.61
N ASN D 392 62.46 31.76 24.80
CA ASN D 392 62.81 33.08 24.26
C ASN D 392 63.25 33.96 25.42
N PRO D 393 64.54 34.30 25.48
CA PRO D 393 65.11 35.14 26.53
C PRO D 393 64.42 36.51 26.69
N ALA D 394 63.87 37.01 25.61
CA ALA D 394 63.23 38.32 25.61
C ALA D 394 61.97 38.46 26.48
N VAL D 395 61.44 37.34 26.96
CA VAL D 395 60.24 37.40 27.79
C VAL D 395 60.50 37.07 29.26
N ASN D 398 63.30 40.67 34.36
CA ASN D 398 64.52 41.22 34.93
C ASN D 398 64.36 42.74 34.92
N ASP D 399 65.32 43.45 35.52
CA ASP D 399 65.23 44.90 35.57
C ASP D 399 65.06 45.55 34.20
N THR D 400 65.79 45.07 33.20
CA THR D 400 65.71 45.63 31.87
C THR D 400 64.34 45.48 31.23
N LEU D 401 63.76 44.28 31.26
CA LEU D 401 62.45 44.08 30.68
C LEU D 401 61.41 44.86 31.47
N PHE D 402 61.52 44.82 32.79
CA PHE D 402 60.58 45.55 33.65
C PHE D 402 60.54 47.04 33.30
N ASN D 403 61.71 47.66 33.19
CA ASN D 403 61.78 49.08 32.85
C ASN D 403 61.27 49.35 31.43
N ALA D 404 61.58 48.45 30.51
CA ALA D 404 61.15 48.61 29.13
C ALA D 404 59.62 48.52 29.03
N LEU D 405 59.04 47.55 29.70
CA LEU D 405 57.59 47.39 29.67
C LEU D 405 56.89 48.57 30.33
N ASN D 406 57.41 49.03 31.46
CA ASN D 406 56.80 50.17 32.16
C ASN D 406 56.79 51.38 31.25
N ASP D 407 57.89 51.59 30.52
CA ASP D 407 57.99 52.74 29.63
C ASP D 407 56.99 52.59 28.50
N TRP D 408 56.91 51.38 27.95
CA TRP D 408 55.99 51.08 26.86
C TRP D 408 54.55 51.39 27.31
N VAL D 409 54.21 50.95 28.52
CA VAL D 409 52.88 51.19 29.07
C VAL D 409 52.59 52.68 29.22
N ASP D 410 53.54 53.42 29.78
CA ASP D 410 53.36 54.86 29.97
C ASP D 410 53.16 55.58 28.65
N ARG D 411 53.74 55.05 27.59
CA ARG D 411 53.63 55.68 26.28
C ARG D 411 52.31 55.43 25.57
N TYR D 412 51.83 54.19 25.60
CA TYR D 412 50.60 53.85 24.89
C TYR D 412 49.30 53.66 25.68
N TYR D 413 49.36 53.36 26.98
CA TYR D 413 48.14 53.13 27.74
C TYR D 413 47.45 54.38 28.29
N ARG D 414 46.12 54.37 28.19
CA ARG D 414 45.30 55.46 28.66
C ARG D 414 44.97 55.23 30.14
N ASP D 415 44.69 56.33 30.85
CA ASP D 415 44.36 56.27 32.27
C ASP D 415 42.86 56.10 32.46
N ARG D 416 42.11 56.36 31.40
CA ARG D 416 40.66 56.29 31.45
C ARG D 416 40.13 55.65 30.17
N LEU D 417 39.14 54.77 30.31
CA LEU D 417 38.56 54.10 29.13
C LEU D 417 37.15 53.60 29.46
N THR D 418 36.28 53.64 28.45
CA THR D 418 34.89 53.19 28.55
C THR D 418 34.56 52.45 27.27
N ALA D 419 33.49 51.67 27.29
CA ALA D 419 33.07 50.90 26.13
C ALA D 419 32.88 51.82 24.92
N ALA D 420 32.46 53.05 25.19
CA ALA D 420 32.22 54.03 24.13
C ALA D 420 33.46 54.40 23.35
N ASP D 421 34.63 54.29 23.98
CA ASP D 421 35.88 54.64 23.30
C ASP D 421 36.38 53.56 22.35
N LEU D 422 35.76 52.39 22.41
CA LEU D 422 36.15 51.29 21.55
C LEU D 422 35.89 51.55 20.06
N ALA D 423 35.04 52.53 19.78
CA ALA D 423 34.71 52.88 18.39
C ALA D 423 35.70 53.88 17.80
N ASP D 424 36.55 54.44 18.65
CA ASP D 424 37.53 55.43 18.22
C ASP D 424 38.66 54.85 17.36
N PRO D 425 38.74 55.26 16.10
CA PRO D 425 39.78 54.77 15.19
C PRO D 425 41.18 55.06 15.71
N GLN D 426 41.32 56.12 16.52
CA GLN D 426 42.62 56.47 17.07
C GLN D 426 43.07 55.44 18.11
N LEU D 427 42.13 54.90 18.88
CA LEU D 427 42.45 53.88 19.88
C LEU D 427 42.98 52.67 19.11
N LEU D 428 42.32 52.36 18.01
CA LEU D 428 42.70 51.23 17.16
C LEU D 428 44.14 51.39 16.70
N ARG D 429 44.46 52.55 16.13
CA ARG D 429 45.79 52.86 15.63
C ARG D 429 46.86 52.83 16.72
N GLU D 430 46.52 53.35 17.90
CA GLU D 430 47.43 53.36 19.03
C GLU D 430 47.79 51.92 19.40
N GLY D 431 46.76 51.08 19.48
CA GLY D 431 46.96 49.69 19.84
C GLY D 431 47.78 48.91 18.83
N ARG D 432 47.63 49.22 17.55
CA ARG D 432 48.38 48.54 16.50
C ARG D 432 49.86 48.87 16.62
N GLU D 433 50.17 50.16 16.73
CA GLU D 433 51.56 50.56 16.86
C GLU D 433 52.15 49.96 18.12
N ALA D 434 51.44 50.08 19.23
CA ALA D 434 51.90 49.53 20.49
C ALA D 434 52.29 48.05 20.36
N LEU D 435 51.39 47.24 19.80
CA LEU D 435 51.67 45.82 19.65
C LEU D 435 52.82 45.55 18.68
N ASP D 436 52.96 46.39 17.68
CA ASP D 436 54.03 46.20 16.72
C ASP D 436 55.38 46.46 17.42
N VAL D 437 55.42 47.51 18.24
CA VAL D 437 56.63 47.85 18.97
C VAL D 437 56.93 46.77 20.02
N LEU D 438 55.88 46.30 20.70
CA LEU D 438 56.06 45.25 21.72
C LEU D 438 56.61 43.97 21.10
N SER D 439 56.13 43.63 19.91
CA SER D 439 56.58 42.40 19.24
C SER D 439 58.07 42.47 18.96
N GLN D 440 58.58 43.69 18.81
CA GLN D 440 60.00 43.90 18.55
C GLN D 440 60.73 43.74 19.88
N LEU D 441 60.22 44.40 20.92
CA LEU D 441 60.81 44.35 22.25
C LEU D 441 60.89 42.92 22.80
N LEU D 442 59.83 42.14 22.60
CA LEU D 442 59.80 40.76 23.09
C LEU D 442 60.38 39.77 22.09
N ASN D 443 60.90 40.30 20.99
CA ASN D 443 61.53 39.46 19.97
C ASN D 443 60.57 38.33 19.54
N LEU D 444 59.35 38.70 19.16
CA LEU D 444 58.34 37.72 18.74
C LEU D 444 58.07 37.72 17.24
N GLY D 445 58.57 38.73 16.54
CA GLY D 445 58.34 38.81 15.10
C GLY D 445 56.90 39.18 14.79
N SER D 446 56.47 38.92 13.55
CA SER D 446 55.11 39.23 13.12
C SER D 446 54.20 38.15 13.66
N VAL D 447 53.90 38.23 14.95
CA VAL D 447 53.07 37.22 15.60
C VAL D 447 51.56 37.49 15.56
N TYR D 448 51.16 38.73 15.32
CA TYR D 448 49.74 39.06 15.28
C TYR D 448 49.13 39.10 13.89
N PRO D 449 47.83 38.79 13.78
CA PRO D 449 47.16 38.80 12.47
C PRO D 449 47.35 40.09 11.67
N PHE D 450 47.20 41.24 12.33
CA PHE D 450 47.36 42.50 11.62
C PHE D 450 48.76 42.69 11.02
N GLN D 451 49.75 41.99 11.55
CA GLN D 451 51.12 42.09 11.06
C GLN D 451 51.36 41.14 9.89
N ARG D 452 50.38 40.31 9.59
CA ARG D 452 50.51 39.33 8.50
C ARG D 452 49.73 39.70 7.25
N ASN E 13 -49.57 14.77 -72.82
CA ASN E 13 -50.53 14.01 -71.96
C ASN E 13 -49.84 12.98 -71.07
N ALA E 14 -49.58 13.37 -69.83
CA ALA E 14 -48.94 12.48 -68.85
C ALA E 14 -49.88 11.40 -68.37
N TRP E 15 -49.32 10.21 -68.10
CA TRP E 15 -50.08 9.08 -67.60
C TRP E 15 -49.39 8.61 -66.32
N GLU E 16 -50.16 7.97 -65.44
CA GLU E 16 -49.59 7.43 -64.22
C GLU E 16 -49.16 6.01 -64.59
N VAL E 17 -47.89 5.70 -64.40
CA VAL E 17 -47.38 4.37 -64.72
C VAL E 17 -47.03 3.64 -63.43
N ASN E 18 -47.56 2.43 -63.29
CA ASN E 18 -47.29 1.61 -62.11
C ASN E 18 -46.05 0.76 -62.30
N PHE E 19 -45.11 0.87 -61.36
CA PHE E 19 -43.90 0.06 -61.38
C PHE E 19 -44.03 -0.90 -60.22
N ASP E 20 -44.13 -2.19 -60.52
CA ASP E 20 -44.29 -3.21 -59.48
C ASP E 20 -43.01 -3.96 -59.18
N GLY E 21 -42.91 -4.47 -57.95
CA GLY E 21 -41.74 -5.21 -57.55
C GLY E 21 -41.84 -6.71 -57.82
N LEU E 22 -40.89 -7.22 -58.58
CA LEU E 22 -40.83 -8.63 -58.90
C LEU E 22 -40.27 -9.35 -57.66
N VAL E 23 -41.10 -10.16 -57.02
CA VAL E 23 -40.68 -10.86 -55.81
C VAL E 23 -39.39 -11.66 -55.95
N GLY E 24 -38.48 -11.49 -54.99
CA GLY E 24 -37.21 -12.18 -55.02
C GLY E 24 -37.30 -13.65 -54.64
N LEU E 25 -36.22 -14.36 -54.95
CA LEU E 25 -36.04 -15.79 -54.73
C LEU E 25 -36.05 -16.23 -53.25
N THR E 26 -35.65 -15.34 -52.34
CA THR E 26 -35.59 -15.69 -50.91
C THR E 26 -36.83 -15.34 -50.10
N HIS E 27 -37.92 -15.01 -50.79
CA HIS E 27 -39.16 -14.67 -50.11
C HIS E 27 -39.40 -15.73 -49.02
N HIS E 28 -39.50 -15.30 -47.77
CA HIS E 28 -39.72 -16.23 -46.68
C HIS E 28 -40.37 -15.59 -45.46
N TYR E 29 -40.77 -16.43 -44.51
CA TYR E 29 -41.40 -15.97 -43.29
C TYR E 29 -40.46 -16.08 -42.11
N ALA E 30 -40.28 -14.97 -41.41
CA ALA E 30 -39.39 -14.94 -40.25
C ALA E 30 -40.08 -14.24 -39.07
N HIS E 42 -50.30 -15.08 -38.84
CA HIS E 42 -50.20 -16.39 -39.47
C HIS E 42 -49.00 -17.16 -38.90
N ARG E 43 -49.14 -18.47 -38.74
CA ARG E 43 -48.09 -19.31 -38.18
C ARG E 43 -47.24 -20.08 -39.20
N PHE E 44 -47.45 -19.85 -40.49
CA PHE E 44 -46.72 -20.56 -41.53
C PHE E 44 -45.22 -20.30 -41.54
N GLN E 45 -44.44 -21.34 -41.83
CA GLN E 45 -43.01 -21.22 -41.87
C GLN E 45 -42.50 -21.55 -43.26
N VAL E 46 -43.35 -22.18 -44.06
CA VAL E 46 -42.96 -22.56 -45.41
C VAL E 46 -43.56 -21.59 -46.44
N SER E 47 -42.68 -20.96 -47.19
CA SER E 47 -43.11 -20.00 -48.21
C SER E 47 -42.97 -20.58 -49.60
N ASN E 48 -43.62 -19.94 -50.57
CA ASN E 48 -43.55 -20.38 -51.96
C ASN E 48 -43.08 -19.20 -52.82
N PRO E 49 -41.77 -19.01 -52.92
CA PRO E 49 -41.18 -17.91 -53.71
C PRO E 49 -41.71 -17.84 -55.14
N ARG E 50 -41.73 -18.98 -55.82
CA ARG E 50 -42.21 -19.05 -57.19
C ARG E 50 -43.64 -18.54 -57.33
N LEU E 51 -44.53 -19.03 -56.47
CA LEU E 51 -45.92 -18.60 -56.51
C LEU E 51 -46.05 -17.13 -56.16
N ALA E 52 -45.22 -16.66 -55.24
CA ALA E 52 -45.26 -15.26 -54.83
C ALA E 52 -44.96 -14.36 -56.03
N ALA E 53 -43.97 -14.73 -56.82
CA ALA E 53 -43.58 -13.95 -58.00
C ALA E 53 -44.67 -14.02 -59.06
N LYS E 54 -45.18 -15.22 -59.32
CA LYS E 54 -46.23 -15.43 -60.32
C LYS E 54 -47.49 -14.63 -60.00
N GLN E 55 -47.89 -14.63 -58.73
CA GLN E 55 -49.08 -13.88 -58.31
C GLN E 55 -48.88 -12.40 -58.60
N GLY E 56 -47.66 -11.91 -58.36
CA GLY E 56 -47.36 -10.51 -58.61
C GLY E 56 -47.33 -10.19 -60.09
N LEU E 57 -46.76 -11.08 -60.89
CA LEU E 57 -46.68 -10.90 -62.32
C LEU E 57 -48.10 -10.89 -62.92
N LEU E 58 -48.95 -11.77 -62.40
CA LEU E 58 -50.33 -11.85 -62.87
C LEU E 58 -51.05 -10.51 -62.69
N LYS E 59 -50.89 -9.89 -61.52
CA LYS E 59 -51.54 -8.59 -61.28
C LYS E 59 -51.00 -7.57 -62.27
N LYS E 61 -49.63 -7.99 -65.26
CA LYS E 61 -50.11 -8.26 -66.61
C LYS E 61 -51.58 -7.89 -66.81
N ALA E 62 -52.43 -8.28 -65.86
CA ALA E 62 -53.85 -7.99 -65.97
C ALA E 62 -54.10 -6.48 -66.08
N LEU E 63 -53.46 -5.68 -65.24
CA LEU E 63 -53.67 -4.25 -65.32
C LEU E 63 -53.11 -3.72 -66.63
N ALA E 64 -51.96 -4.22 -67.05
CA ALA E 64 -51.36 -3.79 -68.31
C ALA E 64 -52.36 -4.07 -69.44
N ASP E 65 -52.85 -5.30 -69.49
CA ASP E 65 -53.80 -5.71 -70.51
C ASP E 65 -55.06 -4.83 -70.52
N ALA E 66 -55.49 -4.42 -69.33
CA ALA E 66 -56.70 -3.60 -69.20
C ALA E 66 -56.46 -2.14 -69.61
N GLY E 67 -55.22 -1.81 -69.98
CA GLY E 67 -54.91 -0.46 -70.41
C GLY E 67 -54.21 0.48 -69.44
N PHE E 68 -53.83 -0.02 -68.27
CA PHE E 68 -53.15 0.81 -67.29
C PHE E 68 -51.63 0.63 -67.43
N PRO E 69 -50.91 1.69 -67.83
CA PRO E 69 -49.45 1.62 -68.00
C PRO E 69 -48.78 0.88 -66.83
N GLN E 70 -47.99 -0.14 -67.17
CA GLN E 70 -47.34 -0.98 -66.17
C GLN E 70 -45.86 -1.26 -66.49
N ALA E 71 -45.05 -1.32 -65.44
CA ALA E 71 -43.63 -1.59 -65.57
C ALA E 71 -43.19 -2.45 -64.38
N VAL E 72 -41.91 -2.84 -64.35
CA VAL E 72 -41.40 -3.67 -63.27
C VAL E 72 -40.05 -3.25 -62.70
N ILE E 73 -39.83 -3.61 -61.44
CA ILE E 73 -38.58 -3.33 -60.74
C ILE E 73 -38.13 -4.67 -60.18
N PRO E 74 -36.89 -5.09 -60.46
CA PRO E 74 -36.32 -6.36 -60.01
C PRO E 74 -36.01 -6.50 -58.54
N PRO E 75 -35.84 -7.75 -58.07
CA PRO E 75 -35.53 -8.08 -56.67
C PRO E 75 -34.06 -7.72 -56.38
N HIS E 76 -33.62 -7.92 -55.14
CA HIS E 76 -32.24 -7.60 -54.76
C HIS E 76 -31.37 -8.84 -54.50
N GLU E 77 -30.09 -8.59 -54.31
CA GLU E 77 -29.07 -9.60 -54.02
C GLU E 77 -29.36 -10.18 -52.62
N ARG E 78 -29.81 -11.44 -52.58
CA ARG E 78 -30.16 -12.10 -51.31
C ARG E 78 -29.75 -13.57 -51.33
N PRO E 79 -29.09 -14.05 -50.27
CA PRO E 79 -28.67 -13.34 -49.06
C PRO E 79 -27.72 -12.21 -49.40
N PHE E 80 -27.70 -11.17 -48.59
CA PHE E 80 -26.80 -10.05 -48.84
C PHE E 80 -25.56 -10.20 -47.96
N ILE E 81 -24.56 -10.88 -48.49
CA ILE E 81 -23.30 -11.16 -47.79
C ILE E 81 -22.51 -9.94 -47.31
N PRO E 82 -22.43 -8.88 -48.12
CA PRO E 82 -21.68 -7.70 -47.69
C PRO E 82 -22.00 -7.18 -46.29
N VAL E 83 -23.27 -7.22 -45.89
CA VAL E 83 -23.63 -6.71 -44.57
C VAL E 83 -23.16 -7.68 -43.50
N LEU E 84 -23.08 -8.97 -43.84
CA LEU E 84 -22.61 -9.97 -42.87
C LEU E 84 -21.13 -9.72 -42.58
N ARG E 85 -20.40 -9.26 -43.60
CA ARG E 85 -18.98 -8.96 -43.41
C ARG E 85 -18.87 -7.74 -42.53
N GLN E 86 -19.78 -6.81 -42.72
CA GLN E 86 -19.82 -5.57 -41.95
C GLN E 86 -20.05 -5.92 -40.48
N LEU E 87 -20.74 -7.04 -40.25
CA LEU E 87 -21.04 -7.51 -38.91
C LEU E 87 -19.92 -8.33 -38.27
N GLY E 88 -18.80 -8.48 -38.98
CA GLY E 88 -17.69 -9.22 -38.41
C GLY E 88 -17.38 -10.62 -38.91
N PHE E 89 -18.16 -11.14 -39.86
CA PHE E 89 -17.88 -12.46 -40.37
C PHE E 89 -17.04 -12.35 -41.64
N SER E 90 -15.86 -12.96 -41.60
CA SER E 90 -14.94 -12.92 -42.74
C SER E 90 -14.81 -14.24 -43.48
N GLY E 91 -14.11 -14.19 -44.62
CA GLY E 91 -13.90 -15.37 -45.44
C GLY E 91 -14.53 -15.20 -46.80
N SER E 92 -14.83 -16.31 -47.48
CA SER E 92 -15.45 -16.25 -48.79
C SER E 92 -16.95 -16.16 -48.55
N ASP E 93 -17.71 -15.83 -49.58
CA ASP E 93 -19.15 -15.72 -49.43
C ASP E 93 -19.73 -16.98 -48.79
N GLU E 94 -19.23 -18.14 -49.20
CA GLU E 94 -19.73 -19.39 -48.63
C GLU E 94 -19.27 -19.62 -47.19
N GLN E 95 -18.06 -19.19 -46.86
CA GLN E 95 -17.56 -19.35 -45.50
C GLN E 95 -18.32 -18.44 -44.55
N VAL E 96 -18.53 -17.20 -45.00
CA VAL E 96 -19.27 -16.22 -44.21
C VAL E 96 -20.64 -16.81 -43.92
N LEU E 97 -21.29 -17.30 -44.97
CA LEU E 97 -22.61 -17.89 -44.84
C LEU E 97 -22.61 -19.03 -43.84
N GLU E 98 -21.57 -19.86 -43.90
CA GLU E 98 -21.44 -21.01 -42.99
C GLU E 98 -21.17 -20.55 -41.56
N LYS E 99 -20.30 -19.56 -41.41
CA LYS E 99 -19.99 -19.05 -40.08
C LYS E 99 -21.23 -18.46 -39.42
N VAL E 100 -22.03 -17.72 -40.19
CA VAL E 100 -23.25 -17.12 -39.64
C VAL E 100 -24.27 -18.19 -39.31
N ALA E 101 -24.41 -19.17 -40.20
CA ALA E 101 -25.35 -20.26 -39.98
C ALA E 101 -25.01 -20.95 -38.67
N ARG E 102 -23.73 -21.19 -38.45
CA ARG E 102 -23.27 -21.85 -37.23
C ARG E 102 -23.28 -20.97 -35.99
N GLN E 103 -22.67 -19.79 -36.11
CA GLN E 103 -22.55 -18.86 -34.98
C GLN E 103 -23.74 -17.98 -34.65
N ALA E 104 -24.34 -17.33 -35.65
CA ALA E 104 -25.48 -16.46 -35.41
C ALA E 104 -26.47 -16.53 -36.56
N PRO E 105 -27.12 -17.69 -36.74
CA PRO E 105 -28.09 -17.94 -37.80
C PRO E 105 -29.26 -16.95 -37.93
N HIS E 106 -29.58 -16.22 -36.87
CA HIS E 106 -30.68 -15.26 -36.94
C HIS E 106 -30.41 -14.14 -37.95
N TRP E 107 -29.15 -13.87 -38.24
CA TRP E 107 -28.80 -12.83 -39.18
C TRP E 107 -29.15 -13.23 -40.61
N LEU E 108 -29.13 -14.53 -40.88
CA LEU E 108 -29.45 -15.03 -42.20
C LEU E 108 -30.79 -14.51 -42.70
N SER E 109 -31.80 -14.60 -41.85
CA SER E 109 -33.14 -14.13 -42.22
C SER E 109 -33.13 -12.62 -42.49
N SER E 110 -32.46 -11.87 -41.61
CA SER E 110 -32.39 -10.42 -41.73
C SER E 110 -31.71 -9.92 -43.00
N VAL E 111 -30.86 -10.74 -43.59
CA VAL E 111 -30.17 -10.34 -44.80
C VAL E 111 -30.67 -11.08 -46.02
N SER E 112 -31.78 -11.79 -45.89
CA SER E 112 -32.35 -12.55 -46.99
C SER E 112 -33.82 -12.26 -47.25
N SER E 113 -34.29 -11.11 -46.77
CA SER E 113 -35.68 -10.75 -46.97
C SER E 113 -35.96 -10.29 -48.40
N ALA E 114 -37.12 -10.66 -48.92
CA ALA E 114 -37.52 -10.25 -50.25
C ALA E 114 -38.34 -8.96 -50.14
N SER E 115 -38.21 -8.28 -49.00
CA SER E 115 -38.93 -7.02 -48.76
C SER E 115 -38.84 -5.94 -49.85
N PRO E 116 -37.76 -5.95 -50.67
CA PRO E 116 -37.67 -4.92 -51.71
C PRO E 116 -38.86 -4.96 -52.69
N TRP E 118 -41.82 -4.62 -52.08
CA TRP E 118 -42.78 -3.57 -51.76
C TRP E 118 -42.16 -2.22 -52.15
N VAL E 119 -42.18 -1.97 -53.46
CA VAL E 119 -41.61 -0.76 -54.06
C VAL E 119 -42.36 0.52 -53.72
N ALA E 120 -43.47 0.40 -52.99
CA ALA E 120 -44.21 1.59 -52.58
C ALA E 120 -43.29 2.31 -51.59
N ASN E 121 -42.37 1.56 -50.99
CA ASN E 121 -41.43 2.11 -50.02
C ASN E 121 -40.06 2.43 -50.62
N ALA E 122 -39.90 2.16 -51.92
CA ALA E 122 -38.63 2.38 -52.61
C ALA E 122 -38.20 3.84 -52.63
N ALA E 123 -39.14 4.73 -52.90
CA ALA E 123 -38.83 6.15 -52.99
C ALA E 123 -40.08 7.01 -53.06
N THR E 124 -39.87 8.32 -53.13
CA THR E 124 -40.96 9.28 -53.22
C THR E 124 -40.81 9.98 -54.57
N ILE E 125 -41.93 10.06 -55.30
CA ILE E 125 -41.93 10.64 -56.65
C ILE E 125 -42.52 12.05 -56.78
N ALA E 126 -41.91 12.84 -57.66
CA ALA E 126 -42.38 14.18 -57.94
C ALA E 126 -42.47 14.31 -59.46
N PRO E 127 -43.69 14.26 -60.01
CA PRO E 127 -43.85 14.39 -61.47
C PRO E 127 -43.29 15.74 -61.93
N SER E 128 -42.83 15.80 -63.17
CA SER E 128 -42.26 17.05 -63.70
C SER E 128 -43.21 18.23 -63.67
N ALA E 129 -44.51 17.96 -63.57
CA ALA E 129 -45.49 19.02 -63.51
C ALA E 129 -45.48 19.74 -62.16
N ASP E 130 -44.77 19.19 -61.19
CA ASP E 130 -44.72 19.77 -59.85
C ASP E 130 -43.33 20.28 -59.46
N THR E 131 -42.33 20.00 -60.29
CA THR E 131 -40.96 20.40 -59.98
C THR E 131 -40.51 21.75 -60.51
N LEU E 132 -39.61 22.39 -59.76
CA LEU E 132 -39.08 23.70 -60.10
C LEU E 132 -38.18 23.67 -61.34
N ASP E 133 -37.53 22.54 -61.60
CA ASP E 133 -36.65 22.46 -62.76
C ASP E 133 -37.24 21.65 -63.90
N GLY E 134 -38.55 21.38 -63.80
CA GLY E 134 -39.25 20.63 -64.83
C GLY E 134 -38.86 19.18 -65.09
N LYS E 135 -38.08 18.57 -64.20
CA LYS E 135 -37.68 17.17 -64.38
C LYS E 135 -38.41 16.28 -63.38
N VAL E 136 -38.38 14.98 -63.62
CA VAL E 136 -39.01 14.04 -62.70
C VAL E 136 -37.99 13.71 -61.61
N HIS E 137 -38.40 13.88 -60.36
CA HIS E 137 -37.51 13.62 -59.25
C HIS E 137 -37.94 12.39 -58.45
N LEU E 138 -36.96 11.58 -58.07
CA LEU E 138 -37.19 10.38 -57.27
C LEU E 138 -36.16 10.34 -56.14
N THR E 139 -36.62 10.37 -54.90
CA THR E 139 -35.71 10.30 -53.75
C THR E 139 -35.87 8.95 -53.06
N VAL E 140 -34.79 8.18 -53.03
CA VAL E 140 -34.78 6.87 -52.38
C VAL E 140 -35.10 7.00 -50.89
N ALA E 141 -35.94 6.11 -50.37
CA ALA E 141 -36.28 6.14 -48.94
C ALA E 141 -35.25 5.33 -48.15
N ASN E 142 -34.79 5.87 -47.03
CA ASN E 142 -33.81 5.15 -46.21
C ASN E 142 -34.38 3.90 -45.54
N LEU E 143 -35.67 3.92 -45.25
CA LEU E 143 -36.33 2.80 -44.58
C LEU E 143 -35.52 2.43 -43.33
N ASN E 144 -35.10 3.45 -42.60
CA ASN E 144 -34.27 3.26 -41.41
C ASN E 144 -34.86 2.47 -40.24
N ASN E 145 -36.17 2.53 -40.04
CA ASN E 145 -36.77 1.82 -38.91
C ASN E 145 -36.51 0.32 -38.82
N LYS E 146 -36.57 -0.38 -39.96
CA LYS E 146 -36.34 -1.83 -39.96
C LYS E 146 -34.99 -2.17 -40.58
N PHE E 147 -34.13 -2.83 -39.80
CA PHE E 147 -32.81 -3.19 -40.30
C PHE E 147 -32.83 -3.88 -41.66
N HIS E 148 -33.66 -4.92 -41.80
CA HIS E 148 -33.70 -5.65 -43.07
C HIS E 148 -34.13 -4.79 -44.26
N ARG E 149 -34.92 -3.75 -44.01
CA ARG E 149 -35.32 -2.89 -45.12
C ARG E 149 -34.31 -1.76 -45.34
N SER E 150 -33.58 -1.39 -44.29
CA SER E 150 -32.59 -0.31 -44.40
C SER E 150 -31.47 -0.70 -45.37
N LEU E 151 -31.32 -2.00 -45.57
CA LEU E 151 -30.29 -2.54 -46.48
C LEU E 151 -30.60 -2.23 -47.93
N GLU E 152 -31.86 -1.95 -48.21
CA GLU E 152 -32.33 -1.71 -49.56
C GLU E 152 -31.83 -0.47 -50.29
N ALA E 153 -31.86 0.69 -49.63
CA ALA E 153 -31.47 1.96 -50.23
C ALA E 153 -30.38 1.98 -51.30
N PRO E 154 -29.15 1.56 -50.95
CA PRO E 154 -28.06 1.56 -51.95
C PRO E 154 -28.38 0.85 -53.26
N VAL E 155 -28.93 -0.36 -53.17
CA VAL E 155 -29.26 -1.12 -54.36
C VAL E 155 -30.49 -0.55 -55.05
N THR E 156 -31.45 -0.06 -54.26
CA THR E 156 -32.64 0.55 -54.81
C THR E 156 -32.22 1.76 -55.65
N GLU E 157 -31.22 2.50 -55.17
CA GLU E 157 -30.76 3.66 -55.91
C GLU E 157 -30.17 3.24 -57.27
N SER E 158 -29.35 2.19 -57.26
CA SER E 158 -28.74 1.71 -58.50
C SER E 158 -29.80 1.29 -59.49
N LEU E 159 -30.81 0.57 -59.02
CA LEU E 159 -31.89 0.12 -59.89
C LEU E 159 -32.66 1.29 -60.50
N LEU E 160 -33.00 2.30 -59.68
CA LEU E 160 -33.74 3.44 -60.21
C LEU E 160 -32.92 4.20 -61.26
N LYS E 161 -31.60 4.32 -61.03
CA LYS E 161 -30.72 5.00 -61.96
C LYS E 161 -30.58 4.24 -63.27
N ALA E 162 -30.75 2.91 -63.22
CA ALA E 162 -30.64 2.10 -64.41
C ALA E 162 -31.96 2.05 -65.17
N ILE E 163 -33.05 2.34 -64.47
CA ILE E 163 -34.38 2.34 -65.08
C ILE E 163 -34.71 3.75 -65.59
N PHE E 164 -34.46 4.75 -64.75
CA PHE E 164 -34.71 6.14 -65.11
C PHE E 164 -33.33 6.72 -65.35
N ASN E 165 -32.66 6.20 -66.38
CA ASN E 165 -31.30 6.59 -66.71
C ASN E 165 -31.05 7.93 -67.40
N ASP E 166 -32.02 8.42 -68.18
CA ASP E 166 -31.84 9.69 -68.88
C ASP E 166 -31.88 10.85 -67.88
N GLU E 167 -30.71 11.40 -67.59
CA GLU E 167 -30.61 12.48 -66.62
C GLU E 167 -31.22 13.82 -67.02
N GLU E 168 -31.58 13.99 -68.29
CA GLU E 168 -32.20 15.26 -68.66
C GLU E 168 -33.69 15.20 -68.38
N LYS E 169 -34.18 14.00 -68.10
CA LYS E 169 -35.59 13.82 -67.78
C LYS E 169 -35.82 13.33 -66.35
N PHE E 170 -34.84 12.63 -65.79
CA PHE E 170 -34.96 12.09 -64.42
C PHE E 170 -33.83 12.47 -63.47
N SER E 171 -34.18 12.75 -62.21
CA SER E 171 -33.20 13.09 -61.18
C SER E 171 -33.39 12.22 -59.94
N VAL E 172 -32.48 11.28 -59.73
CA VAL E 172 -32.54 10.37 -58.58
C VAL E 172 -31.67 10.89 -57.45
N HIS E 173 -32.27 11.09 -56.28
CA HIS E 173 -31.54 11.58 -55.13
C HIS E 173 -31.33 10.45 -54.12
N SER E 174 -30.16 10.44 -53.49
CA SER E 174 -29.83 9.42 -52.50
C SER E 174 -30.71 9.54 -51.26
N ALA E 175 -30.86 8.44 -50.55
CA ALA E 175 -31.68 8.41 -49.34
C ALA E 175 -31.15 9.33 -48.25
N LEU E 176 -32.06 9.78 -47.39
CA LEU E 176 -31.71 10.65 -46.29
C LEU E 176 -30.83 9.89 -45.29
N PRO E 177 -30.11 10.63 -44.42
CA PRO E 177 -29.25 9.98 -43.43
C PRO E 177 -30.01 8.88 -42.69
N GLN E 178 -29.31 7.80 -42.36
CA GLN E 178 -29.90 6.67 -41.65
C GLN E 178 -29.96 6.87 -40.14
N VAL E 179 -30.95 7.65 -39.69
CA VAL E 179 -31.14 7.91 -38.26
C VAL E 179 -32.64 8.00 -38.01
N ALA E 180 -33.07 7.63 -36.81
CA ALA E 180 -34.49 7.65 -36.49
C ALA E 180 -35.14 9.02 -36.69
N LEU E 181 -34.36 10.08 -36.52
CA LEU E 181 -34.88 11.43 -36.67
C LEU E 181 -35.35 11.70 -38.10
N LEU E 182 -34.77 10.97 -39.06
CA LEU E 182 -35.13 11.16 -40.46
C LEU E 182 -35.70 9.89 -41.07
N GLY E 183 -36.45 9.14 -40.28
CA GLY E 183 -37.05 7.92 -40.80
C GLY E 183 -37.94 8.25 -41.98
N ASP E 184 -37.68 7.59 -43.10
CA ASP E 184 -38.45 7.83 -44.34
C ASP E 184 -38.87 6.50 -44.95
N GLU E 185 -40.18 6.36 -45.20
CA GLU E 185 -40.71 5.12 -45.79
C GLU E 185 -41.24 5.34 -47.22
N GLY E 186 -40.89 6.47 -47.81
CA GLY E 186 -41.26 6.79 -49.18
C GLY E 186 -42.71 7.00 -49.59
N ALA E 187 -42.99 6.63 -50.84
CA ALA E 187 -44.31 6.79 -51.44
C ALA E 187 -45.47 6.23 -50.61
N ALA E 188 -45.21 5.18 -49.83
CA ALA E 188 -46.26 4.59 -49.01
C ALA E 188 -46.95 5.63 -48.11
N ASN E 189 -46.27 6.75 -47.87
CA ASN E 189 -46.83 7.83 -47.05
C ASN E 189 -47.07 9.08 -47.87
N HIS E 190 -47.01 8.93 -49.20
CA HIS E 190 -47.18 10.04 -50.12
C HIS E 190 -48.56 9.99 -50.81
N ASN E 191 -48.98 11.14 -51.33
CA ASN E 191 -50.27 11.29 -51.99
C ASN E 191 -50.19 12.43 -53.03
N ARG E 192 -50.95 12.33 -54.10
CA ARG E 192 -50.97 13.39 -55.11
C ARG E 192 -52.40 13.60 -55.62
N LEU E 193 -52.95 14.78 -55.36
CA LEU E 193 -54.30 15.12 -55.77
C LEU E 193 -54.34 16.24 -56.79
N GLY E 194 -55.29 16.18 -57.72
CA GLY E 194 -55.40 17.21 -58.74
C GLY E 194 -56.30 16.78 -59.89
N GLY E 195 -56.33 17.60 -60.95
CA GLY E 195 -57.14 17.27 -62.09
C GLY E 195 -56.46 16.17 -62.87
N HIS E 196 -55.99 16.49 -64.07
CA HIS E 196 -55.30 15.49 -64.88
C HIS E 196 -53.90 15.29 -64.34
N TYR E 197 -53.43 14.05 -64.46
CA TYR E 197 -52.10 13.69 -63.99
C TYR E 197 -51.01 14.66 -64.43
N GLY E 198 -51.04 15.05 -65.70
CA GLY E 198 -50.05 15.95 -66.25
C GLY E 198 -50.08 17.38 -65.76
N GLU E 199 -51.15 17.75 -65.05
CA GLU E 199 -51.29 19.12 -64.53
C GLU E 199 -50.63 19.20 -63.16
N PRO E 200 -50.23 20.41 -62.75
CA PRO E 200 -49.60 20.58 -61.44
C PRO E 200 -50.54 20.01 -60.39
N GLY E 201 -50.02 19.14 -59.53
CA GLY E 201 -50.87 18.56 -58.52
C GLY E 201 -50.53 18.96 -57.09
N GLN E 203 -49.45 17.80 -53.53
CA GLN E 203 -48.77 16.69 -52.88
C GLN E 203 -49.03 16.69 -51.37
N LEU E 204 -49.42 15.54 -50.86
CA LEU E 204 -49.73 15.38 -49.45
C LEU E 204 -48.78 14.39 -48.80
N PHE E 205 -47.94 14.88 -47.89
CA PHE E 205 -47.00 14.02 -47.17
C PHE E 205 -47.57 13.70 -45.79
N VAL E 206 -47.72 12.41 -45.50
CA VAL E 206 -48.22 11.95 -44.22
C VAL E 206 -47.06 11.41 -43.38
N TYR E 207 -46.99 11.85 -42.12
CA TYR E 207 -45.93 11.41 -41.22
C TYR E 207 -46.56 10.90 -39.93
N GLY E 208 -45.76 10.18 -39.14
CA GLY E 208 -46.27 9.64 -37.89
C GLY E 208 -45.79 10.39 -36.65
N ARG E 209 -44.64 11.06 -36.76
CA ARG E 209 -44.10 11.81 -35.65
C ARG E 209 -43.25 12.99 -36.10
N GLU E 210 -43.07 13.93 -35.19
CA GLU E 210 -42.32 15.14 -35.44
C GLU E 210 -41.68 15.56 -34.11
N GLU E 211 -40.49 16.14 -34.17
CA GLU E 211 -39.83 16.57 -32.94
C GLU E 211 -40.60 17.70 -32.26
N GLY E 212 -40.69 17.63 -30.94
CA GLY E 212 -41.40 18.64 -30.18
C GLY E 212 -42.87 18.34 -30.03
N ASN E 213 -43.40 17.52 -30.93
CA ASN E 213 -44.81 17.14 -30.93
C ASN E 213 -44.99 15.92 -30.03
N ASP E 214 -45.63 16.10 -28.87
CA ASP E 214 -45.84 14.99 -27.94
C ASP E 214 -46.86 13.98 -28.46
N THR E 215 -47.57 14.35 -29.53
CA THR E 215 -48.55 13.46 -30.12
C THR E 215 -47.87 12.50 -31.09
N ARG E 216 -47.78 11.23 -30.69
CA ARG E 216 -47.16 10.21 -31.52
C ARG E 216 -47.52 8.83 -31.00
N PRO E 217 -47.38 7.78 -31.84
CA PRO E 217 -47.70 6.41 -31.44
C PRO E 217 -47.00 6.03 -30.15
N SER E 218 -47.65 5.17 -29.35
CA SER E 218 -47.09 4.75 -28.07
C SER E 218 -46.93 3.23 -27.95
N ARG E 219 -47.28 2.50 -29.01
CA ARG E 219 -47.12 1.04 -28.99
C ARG E 219 -46.33 0.58 -30.21
N TYR E 220 -46.50 1.29 -31.32
CA TYR E 220 -45.80 0.97 -32.56
C TYR E 220 -45.11 2.24 -33.04
N PRO E 221 -43.79 2.35 -32.79
CA PRO E 221 -43.03 3.53 -33.21
C PRO E 221 -43.35 3.99 -34.64
N ALA E 222 -43.37 5.30 -34.83
CA ALA E 222 -43.67 5.88 -36.14
C ALA E 222 -42.42 5.81 -37.01
N ARG E 223 -42.55 5.16 -38.16
CA ARG E 223 -41.42 5.01 -39.09
C ARG E 223 -41.14 6.28 -39.88
N GLN E 224 -42.16 7.11 -40.06
CA GLN E 224 -42.03 8.34 -40.84
C GLN E 224 -42.04 9.58 -39.96
N THR E 225 -41.04 10.44 -40.12
CA THR E 225 -40.98 11.67 -39.33
C THR E 225 -41.24 12.84 -40.26
N ARG E 226 -41.79 13.93 -39.72
CA ARG E 226 -42.07 15.09 -40.55
C ARG E 226 -40.77 15.67 -41.08
N GLU E 227 -39.71 15.61 -40.27
CA GLU E 227 -38.41 16.12 -40.67
C GLU E 227 -37.98 15.47 -41.99
N ALA E 228 -38.19 14.15 -42.09
CA ALA E 228 -37.83 13.42 -43.30
C ALA E 228 -38.71 13.85 -44.47
N SER E 229 -40.02 13.90 -44.26
CA SER E 229 -40.96 14.28 -45.31
C SER E 229 -40.61 15.65 -45.88
N GLU E 230 -40.31 16.61 -45.01
CA GLU E 230 -39.95 17.94 -45.47
C GLU E 230 -38.64 17.96 -46.25
N ALA E 231 -37.72 17.08 -45.89
CA ALA E 231 -36.43 17.01 -46.59
C ALA E 231 -36.63 16.43 -47.99
N VAL E 232 -37.49 15.43 -48.10
CA VAL E 232 -37.76 14.83 -49.39
C VAL E 232 -38.46 15.86 -50.27
N ALA E 233 -39.38 16.63 -49.69
CA ALA E 233 -40.08 17.65 -50.45
C ALA E 233 -39.06 18.60 -51.05
N ARG E 234 -38.04 18.95 -50.25
CA ARG E 234 -36.98 19.84 -50.74
C ARG E 234 -36.17 19.17 -51.84
N LEU E 235 -35.71 17.94 -51.58
CA LEU E 235 -34.91 17.20 -52.55
C LEU E 235 -35.63 17.06 -53.90
N ASN E 236 -36.94 16.83 -53.85
CA ASN E 236 -37.72 16.66 -55.07
C ASN E 236 -38.15 17.97 -55.74
N GLN E 237 -37.59 19.08 -55.28
CA GLN E 237 -37.89 20.40 -55.84
C GLN E 237 -39.40 20.64 -55.99
N VAL E 238 -40.15 20.29 -54.95
CA VAL E 238 -41.59 20.47 -55.01
C VAL E 238 -41.99 21.91 -54.69
N ASN E 239 -42.86 22.46 -55.53
CA ASN E 239 -43.36 23.80 -55.36
C ASN E 239 -43.98 23.90 -53.96
N PRO E 240 -43.48 24.83 -53.13
CA PRO E 240 -43.96 25.05 -51.77
C PRO E 240 -45.47 25.18 -51.63
N GLN E 241 -46.11 25.71 -52.66
CA GLN E 241 -47.57 25.89 -52.63
C GLN E 241 -48.32 24.63 -53.05
N GLN E 242 -47.58 23.63 -53.53
CA GLN E 242 -48.21 22.38 -53.95
C GLN E 242 -47.89 21.23 -52.99
N VAL E 243 -47.63 21.57 -51.73
CA VAL E 243 -47.31 20.55 -50.72
C VAL E 243 -48.04 20.80 -49.41
N ILE E 244 -48.46 19.72 -48.77
CA ILE E 244 -49.15 19.77 -47.49
C ILE E 244 -48.63 18.63 -46.64
N PHE E 245 -48.29 18.92 -45.39
CA PHE E 245 -47.81 17.89 -44.49
C PHE E 245 -48.91 17.66 -43.46
N ALA E 246 -49.34 16.40 -43.34
CA ALA E 246 -50.38 16.05 -42.39
C ALA E 246 -49.92 14.89 -41.53
N GLN E 247 -50.26 14.92 -40.25
CA GLN E 247 -49.86 13.84 -39.36
C GLN E 247 -50.91 12.74 -39.31
N GLN E 248 -50.43 11.51 -39.31
CA GLN E 248 -51.30 10.35 -39.25
C GLN E 248 -51.90 10.30 -37.86
N ASN E 249 -53.10 9.77 -37.74
CA ASN E 249 -53.75 9.63 -36.44
C ASN E 249 -52.91 8.62 -35.66
N PRO E 250 -52.34 9.03 -34.52
CA PRO E 250 -51.51 8.14 -33.70
C PRO E 250 -52.23 6.89 -33.19
N ASP E 251 -53.53 6.99 -32.98
CA ASP E 251 -54.31 5.85 -32.49
C ASP E 251 -54.44 4.76 -33.55
N VAL E 252 -54.46 5.16 -34.81
CA VAL E 252 -54.59 4.17 -35.87
C VAL E 252 -53.25 3.47 -36.07
N ILE E 253 -52.15 4.19 -35.85
CA ILE E 253 -50.82 3.59 -36.00
C ILE E 253 -50.67 2.49 -34.96
N ASP E 254 -51.09 2.77 -33.73
CA ASP E 254 -50.99 1.79 -32.66
C ASP E 254 -51.86 0.56 -32.92
N GLN E 255 -52.72 0.64 -33.94
CA GLN E 255 -53.60 -0.48 -34.27
C GLN E 255 -53.12 -1.30 -35.46
N GLY E 256 -51.99 -0.91 -36.05
CA GLY E 256 -51.47 -1.65 -37.18
C GLY E 256 -51.24 -0.88 -38.47
N VAL E 257 -51.61 0.40 -38.48
CA VAL E 257 -51.41 1.23 -39.66
C VAL E 257 -50.00 1.82 -39.62
N PHE E 258 -49.02 1.06 -40.09
CA PHE E 258 -47.63 1.54 -40.06
C PHE E 258 -47.24 2.46 -41.22
N HIS E 259 -48.13 2.61 -42.20
CA HIS E 259 -47.92 3.50 -43.34
C HIS E 259 -49.30 4.05 -43.73
N ASN E 260 -49.31 5.24 -44.34
CA ASN E 260 -50.55 5.86 -44.76
C ASN E 260 -51.33 5.00 -45.76
N ASP E 261 -50.63 4.25 -46.58
CA ASP E 261 -51.28 3.42 -47.59
C ASP E 261 -52.02 2.19 -47.04
N VAL E 262 -52.26 2.18 -45.73
CA VAL E 262 -53.01 1.08 -45.11
C VAL E 262 -54.30 1.65 -44.53
N ILE E 263 -54.44 2.98 -44.59
CA ILE E 263 -55.62 3.64 -44.07
C ILE E 263 -56.21 4.68 -45.05
N ALA E 264 -55.49 4.93 -46.13
CA ALA E 264 -55.95 5.91 -47.12
C ALA E 264 -55.18 5.82 -48.45
N VAL E 265 -55.85 6.19 -49.54
CA VAL E 265 -55.25 6.18 -50.87
C VAL E 265 -55.88 7.29 -51.73
N SER E 266 -55.06 7.92 -52.56
CA SER E 266 -55.53 9.00 -53.41
C SER E 266 -55.37 8.70 -54.88
N ASN E 267 -56.08 9.47 -55.70
CA ASN E 267 -56.00 9.35 -57.14
C ASN E 267 -56.82 10.47 -57.78
N ARG E 268 -56.14 11.31 -58.56
CA ARG E 268 -56.77 12.43 -59.22
C ARG E 268 -57.41 13.36 -58.18
N GLN E 269 -58.73 13.53 -58.26
CA GLN E 269 -59.42 14.42 -57.30
C GLN E 269 -60.00 13.68 -56.10
N VAL E 270 -59.81 12.37 -56.06
CA VAL E 270 -60.36 11.55 -54.98
C VAL E 270 -59.37 11.10 -53.91
N LEU E 271 -59.84 11.14 -52.66
CA LEU E 271 -59.05 10.68 -51.52
C LEU E 271 -59.94 9.71 -50.75
N PHE E 272 -59.67 8.42 -50.92
CA PHE E 272 -60.42 7.35 -50.27
C PHE E 272 -59.72 7.06 -48.95
N CYS E 273 -60.36 7.43 -47.84
CA CYS E 273 -59.75 7.22 -46.54
C CYS E 273 -60.73 6.85 -45.46
N HIS E 274 -60.19 6.34 -44.36
CA HIS E 274 -60.99 5.96 -43.22
C HIS E 274 -61.21 7.21 -42.37
N GLN E 275 -62.30 7.28 -41.64
CA GLN E 275 -62.58 8.46 -40.83
C GLN E 275 -61.54 8.71 -39.75
N GLN E 276 -60.91 7.64 -39.27
CA GLN E 276 -59.88 7.73 -38.24
C GLN E 276 -58.46 7.81 -38.81
N ALA E 277 -58.34 8.18 -40.08
CA ALA E 277 -57.04 8.24 -40.74
C ALA E 277 -56.07 9.34 -40.32
N PHE E 278 -56.55 10.58 -40.29
CA PHE E 278 -55.67 11.70 -39.94
C PHE E 278 -55.98 12.41 -38.63
N ALA E 279 -54.92 12.92 -38.00
CA ALA E 279 -55.01 13.62 -36.73
C ALA E 279 -56.04 14.74 -36.74
N ARG E 280 -55.92 15.68 -37.68
CA ARG E 280 -56.88 16.78 -37.77
C ARG E 280 -57.60 16.66 -39.11
N GLN E 281 -58.22 15.50 -39.30
CA GLN E 281 -58.93 15.20 -40.54
C GLN E 281 -59.84 16.29 -41.06
N SER E 282 -60.78 16.75 -40.24
CA SER E 282 -61.71 17.80 -40.65
C SER E 282 -60.98 18.93 -41.34
N GLN E 283 -59.95 19.44 -40.66
CA GLN E 283 -59.14 20.54 -41.16
C GLN E 283 -58.42 20.22 -42.46
N LEU E 284 -57.84 19.03 -42.52
CA LEU E 284 -57.12 18.60 -43.72
C LEU E 284 -58.01 18.54 -44.94
N LEU E 285 -59.16 17.87 -44.80
CA LEU E 285 -60.11 17.74 -45.91
C LEU E 285 -60.60 19.09 -46.41
N ALA E 286 -60.94 19.95 -45.46
CA ALA E 286 -61.43 21.29 -45.80
C ALA E 286 -60.37 22.01 -46.64
N ASN E 287 -59.13 21.88 -46.20
CA ASN E 287 -57.97 22.48 -46.86
C ASN E 287 -57.83 21.96 -48.29
N LEU E 288 -57.96 20.65 -48.45
CA LEU E 288 -57.88 20.03 -49.78
C LEU E 288 -59.00 20.54 -50.68
N ARG E 289 -60.21 20.66 -50.11
CA ARG E 289 -61.37 21.16 -50.86
C ARG E 289 -61.07 22.54 -51.41
N ALA E 290 -60.41 23.36 -50.60
CA ALA E 290 -60.08 24.72 -50.97
C ALA E 290 -58.96 24.80 -52.00
N ARG E 291 -58.04 23.84 -51.98
CA ARG E 291 -56.91 23.86 -52.90
C ARG E 291 -56.99 22.94 -54.12
N VAL E 292 -57.83 21.91 -54.05
CA VAL E 292 -57.96 20.98 -55.16
C VAL E 292 -59.33 21.07 -55.82
N ASN E 293 -59.34 21.54 -57.07
CA ASN E 293 -60.57 21.70 -57.82
C ASN E 293 -61.29 20.36 -58.01
N GLY E 294 -62.56 20.33 -57.64
CA GLY E 294 -63.34 19.11 -57.76
C GLY E 294 -62.98 18.04 -56.75
N PHE E 295 -62.12 18.38 -55.80
CA PHE E 295 -61.71 17.40 -54.79
C PHE E 295 -62.90 16.76 -54.10
N ALA E 297 -63.70 13.79 -51.04
CA ALA E 297 -63.20 12.90 -50.02
C ALA E 297 -64.23 11.82 -49.71
N ILE E 298 -63.84 10.56 -49.84
CA ILE E 298 -64.73 9.47 -49.55
C ILE E 298 -64.25 8.86 -48.23
N GLU E 299 -64.89 9.24 -47.13
CA GLU E 299 -64.52 8.74 -45.82
C GLU E 299 -65.36 7.54 -45.42
N VAL E 300 -64.67 6.50 -44.96
CA VAL E 300 -65.35 5.29 -44.53
C VAL E 300 -65.53 5.39 -43.02
N PRO E 301 -66.78 5.53 -42.57
CA PRO E 301 -67.09 5.63 -41.14
C PRO E 301 -66.75 4.35 -40.40
N ALA E 302 -66.28 4.48 -39.16
CA ALA E 302 -65.90 3.32 -38.34
C ALA E 302 -67.07 2.37 -38.13
N THR E 303 -68.29 2.91 -38.09
CA THR E 303 -69.47 2.07 -37.90
C THR E 303 -69.54 1.02 -38.99
N GLN E 304 -69.26 1.42 -40.22
CA GLN E 304 -69.28 0.52 -41.37
C GLN E 304 -68.08 -0.43 -41.37
N VAL E 305 -66.88 0.13 -41.24
CA VAL E 305 -65.67 -0.68 -41.22
C VAL E 305 -64.72 -0.18 -40.15
N SER E 306 -64.39 -1.04 -39.21
CA SER E 306 -63.50 -0.71 -38.12
C SER E 306 -62.05 -0.66 -38.58
N VAL E 307 -61.18 -0.11 -37.74
CA VAL E 307 -59.76 -0.04 -38.05
C VAL E 307 -59.23 -1.46 -38.12
N SER E 308 -59.71 -2.30 -37.20
CA SER E 308 -59.29 -3.70 -37.16
C SER E 308 -59.60 -4.37 -38.50
N ASP E 309 -60.81 -4.18 -39.01
CA ASP E 309 -61.21 -4.75 -40.29
C ASP E 309 -60.33 -4.20 -41.39
N THR E 310 -60.00 -2.91 -41.29
CA THR E 310 -59.16 -2.24 -42.25
C THR E 310 -57.78 -2.90 -42.32
N VAL E 311 -57.18 -3.14 -41.16
CA VAL E 311 -55.86 -3.76 -41.11
C VAL E 311 -55.83 -5.22 -41.55
N SER E 312 -56.88 -5.97 -41.26
CA SER E 312 -56.91 -7.37 -41.64
C SER E 312 -57.24 -7.59 -43.13
N THR E 313 -58.05 -6.72 -43.72
CA THR E 313 -58.41 -6.89 -45.13
C THR E 313 -57.55 -6.06 -46.08
N TYR E 314 -56.91 -5.02 -45.56
CA TYR E 314 -56.08 -4.16 -46.39
C TYR E 314 -56.93 -3.42 -47.41
N LEU E 315 -58.12 -3.03 -46.98
CA LEU E 315 -59.07 -2.30 -47.80
C LEU E 315 -58.43 -1.05 -48.40
N PHE E 316 -57.60 -0.35 -47.62
CA PHE E 316 -56.97 0.86 -48.10
C PHE E 316 -55.62 0.70 -48.76
N ASN E 317 -55.12 -0.52 -48.83
CA ASN E 317 -53.84 -0.77 -49.50
C ASN E 317 -54.20 -1.18 -50.92
N SER E 318 -55.30 -0.64 -51.40
CA SER E 318 -55.80 -0.92 -52.72
C SER E 318 -55.30 0.14 -53.70
N GLN E 319 -55.35 -0.18 -54.99
CA GLN E 319 -54.93 0.78 -56.01
C GLN E 319 -56.19 1.42 -56.57
N LEU E 320 -56.18 2.75 -56.63
CA LEU E 320 -57.32 3.49 -57.18
C LEU E 320 -56.88 3.99 -58.54
N LEU E 321 -57.34 3.31 -59.58
CA LEU E 321 -56.99 3.63 -60.96
C LEU E 321 -58.00 4.48 -61.74
N SER E 322 -57.51 5.14 -62.79
CA SER E 322 -58.35 5.98 -63.64
C SER E 322 -58.45 5.44 -65.06
N ARG E 323 -59.65 5.50 -65.61
CA ARG E 323 -59.94 5.09 -66.99
C ARG E 323 -59.90 6.39 -67.80
N ASP E 324 -59.93 6.29 -69.12
CA ASP E 324 -59.89 7.49 -69.94
C ASP E 324 -61.15 8.35 -69.82
N ASP E 325 -62.29 7.73 -69.53
CA ASP E 325 -63.53 8.49 -69.41
C ASP E 325 -63.67 9.17 -68.06
N GLY E 326 -62.67 9.01 -67.20
CA GLY E 326 -62.71 9.64 -65.89
C GLY E 326 -63.20 8.73 -64.78
N SER E 327 -63.74 7.57 -65.15
CA SER E 327 -64.22 6.61 -64.17
C SER E 327 -63.01 5.97 -63.47
N LEU E 330 -61.10 0.10 -58.36
CA LEU E 330 -60.40 -0.25 -57.14
C LEU E 330 -59.81 -1.65 -57.25
N VAL E 331 -58.50 -1.76 -57.12
CA VAL E 331 -57.84 -3.06 -57.18
C VAL E 331 -57.60 -3.48 -55.74
N LEU E 332 -58.22 -4.59 -55.35
CA LEU E 332 -58.16 -5.07 -53.98
C LEU E 332 -57.60 -6.48 -53.80
N PRO E 333 -57.13 -6.78 -52.57
CA PRO E 333 -56.59 -8.11 -52.28
C PRO E 333 -57.79 -9.00 -51.97
N GLN E 334 -57.63 -10.30 -52.15
CA GLN E 334 -58.74 -11.24 -51.93
C GLN E 334 -59.40 -11.14 -50.55
N GLU E 335 -58.64 -10.71 -49.54
CA GLU E 335 -59.17 -10.59 -48.19
C GLU E 335 -60.37 -9.65 -48.11
N CYS E 336 -60.46 -8.70 -49.03
CA CYS E 336 -61.58 -7.76 -49.03
C CYS E 336 -62.86 -8.40 -49.52
N ARG E 337 -62.72 -9.41 -50.38
CA ARG E 337 -63.89 -10.10 -50.90
C ARG E 337 -64.36 -11.13 -49.89
N GLU E 338 -63.40 -11.69 -49.14
CA GLU E 338 -63.69 -12.70 -48.14
C GLU E 338 -64.28 -12.12 -46.87
N HIS E 339 -64.27 -10.80 -46.75
CA HIS E 339 -64.81 -10.14 -45.57
C HIS E 339 -66.18 -9.56 -45.92
N ALA E 340 -67.23 -10.22 -45.46
CA ALA E 340 -68.59 -9.79 -45.75
C ALA E 340 -68.82 -8.31 -45.49
N GLY E 341 -68.36 -7.83 -44.33
CA GLY E 341 -68.54 -6.44 -43.99
C GLY E 341 -67.89 -5.47 -44.95
N VAL E 342 -66.64 -5.74 -45.33
CA VAL E 342 -65.90 -4.88 -46.25
C VAL E 342 -66.47 -5.00 -47.67
N TRP E 343 -66.70 -6.23 -48.11
CA TRP E 343 -67.24 -6.43 -49.45
C TRP E 343 -68.59 -5.74 -49.57
N GLY E 344 -69.39 -5.82 -48.50
CA GLY E 344 -70.69 -5.17 -48.50
C GLY E 344 -70.53 -3.68 -48.72
N TYR E 345 -69.61 -3.08 -47.98
CA TYR E 345 -69.37 -1.64 -48.11
C TYR E 345 -68.93 -1.27 -49.52
N LEU E 346 -68.02 -2.07 -50.08
CA LEU E 346 -67.51 -1.81 -51.43
C LEU E 346 -68.62 -1.83 -52.48
N ASN E 347 -69.55 -2.77 -52.36
CA ASN E 347 -70.65 -2.83 -53.32
C ASN E 347 -71.53 -1.60 -53.19
N GLU E 348 -71.66 -1.08 -51.97
CA GLU E 348 -72.45 0.12 -51.73
C GLU E 348 -71.72 1.29 -52.35
N LEU E 349 -70.41 1.33 -52.15
CA LEU E 349 -69.58 2.41 -52.69
C LEU E 349 -69.67 2.42 -54.21
N LEU E 350 -69.71 1.22 -54.78
CA LEU E 350 -69.78 1.03 -56.23
C LEU E 350 -71.03 1.68 -56.82
N ALA E 351 -72.15 1.58 -56.10
CA ALA E 351 -73.40 2.14 -56.58
C ALA E 351 -73.62 3.58 -56.16
N ALA E 352 -72.85 4.06 -55.18
CA ALA E 352 -72.99 5.43 -54.71
C ALA E 352 -72.52 6.42 -55.76
N ASP E 353 -72.78 7.71 -55.52
CA ASP E 353 -72.42 8.76 -56.46
C ASP E 353 -70.95 9.18 -56.35
N ASN E 354 -70.08 8.48 -57.08
CA ASN E 354 -68.66 8.76 -57.09
C ASN E 354 -68.04 8.09 -58.33
N PRO E 355 -66.78 8.41 -58.66
CA PRO E 355 -66.06 7.87 -59.82
C PRO E 355 -65.80 6.36 -59.86
N ILE E 356 -65.78 5.71 -58.71
CA ILE E 356 -65.49 4.28 -58.64
C ILE E 356 -66.59 3.45 -59.29
N SER E 357 -66.29 2.87 -60.45
CA SER E 357 -67.28 2.09 -61.17
C SER E 357 -66.93 0.62 -61.35
N GLU E 358 -65.80 0.20 -60.81
CA GLU E 358 -65.38 -1.18 -60.96
C GLU E 358 -64.51 -1.66 -59.80
N LEU E 359 -64.69 -2.92 -59.41
CA LEU E 359 -63.92 -3.53 -58.34
C LEU E 359 -63.16 -4.70 -58.95
N LYS E 360 -61.86 -4.75 -58.70
CA LYS E 360 -61.03 -5.83 -59.22
C LYS E 360 -60.25 -6.48 -58.08
N VAL E 361 -60.40 -7.79 -57.94
CA VAL E 361 -59.71 -8.52 -56.89
C VAL E 361 -58.60 -9.44 -57.39
N PHE E 362 -57.50 -9.49 -56.65
CA PHE E 362 -56.35 -10.34 -56.98
C PHE E 362 -55.93 -11.21 -55.80
N ASP E 363 -55.46 -12.41 -56.09
CA ASP E 363 -54.99 -13.31 -55.04
C ASP E 363 -53.50 -13.01 -54.84
N LEU E 364 -53.19 -12.40 -53.70
CA LEU E 364 -51.82 -12.04 -53.36
C LEU E 364 -51.49 -12.57 -51.97
N ARG E 365 -51.88 -13.81 -51.72
CA ARG E 365 -51.65 -14.42 -50.42
C ARG E 365 -50.20 -14.42 -49.93
N GLU E 366 -49.26 -14.72 -50.82
CA GLU E 366 -47.86 -14.74 -50.41
C GLU E 366 -47.38 -13.39 -49.89
N SER E 367 -47.66 -12.33 -50.63
CA SER E 367 -47.25 -10.99 -50.20
C SER E 367 -48.04 -10.56 -48.95
N ALA E 369 -49.13 -12.34 -46.69
CA ALA E 369 -48.66 -13.11 -45.54
C ALA E 369 -47.57 -12.32 -44.81
N ASN E 370 -46.82 -11.51 -45.55
CA ASN E 370 -45.78 -10.69 -44.94
C ASN E 370 -46.18 -9.23 -44.76
N GLY E 371 -47.47 -8.93 -44.98
CA GLY E 371 -47.96 -7.58 -44.80
C GLY E 371 -47.99 -6.65 -46.01
N GLY E 372 -48.07 -7.23 -47.21
CA GLY E 372 -48.11 -6.40 -48.41
C GLY E 372 -49.30 -6.64 -49.32
N GLY E 373 -50.04 -5.58 -49.62
CA GLY E 373 -51.20 -5.69 -50.50
C GLY E 373 -50.87 -5.17 -51.89
N PRO E 374 -51.88 -4.97 -52.76
CA PRO E 374 -51.70 -4.48 -54.14
C PRO E 374 -50.89 -3.20 -54.25
N ALA E 375 -51.19 -2.23 -53.39
CA ALA E 375 -50.49 -0.94 -53.40
C ALA E 375 -49.06 -1.05 -52.91
N CYS E 376 -48.83 -1.88 -51.91
CA CYS E 376 -47.50 -2.05 -51.34
C CYS E 376 -46.52 -2.50 -52.41
N LEU E 377 -47.03 -3.31 -53.34
CA LEU E 377 -46.24 -3.86 -54.43
C LEU E 377 -46.03 -2.93 -55.63
N ARG E 378 -46.55 -1.71 -55.55
CA ARG E 378 -46.40 -0.80 -56.69
C ARG E 378 -45.99 0.61 -56.36
N LEU E 379 -45.27 1.23 -57.29
CA LEU E 379 -44.81 2.59 -57.14
C LEU E 379 -45.37 3.42 -58.31
N ARG E 380 -46.17 4.43 -57.99
CA ARG E 380 -46.79 5.28 -59.02
C ARG E 380 -45.89 6.40 -59.52
N VAL E 381 -45.65 6.40 -60.83
CA VAL E 381 -44.81 7.42 -61.46
C VAL E 381 -45.54 8.08 -62.64
N VAL E 382 -45.97 9.32 -62.46
CA VAL E 382 -46.64 10.06 -63.51
C VAL E 382 -45.57 10.52 -64.51
N LEU E 383 -45.73 10.11 -65.77
CA LEU E 383 -44.77 10.45 -66.80
C LEU E 383 -45.40 11.01 -68.07
N THR E 384 -44.77 12.03 -68.66
CA THR E 384 -45.27 12.62 -69.90
C THR E 384 -44.93 11.62 -71.00
N GLU E 385 -45.46 11.84 -72.19
CA GLU E 385 -45.18 10.91 -73.30
C GLU E 385 -43.70 10.85 -73.61
N GLU E 386 -43.02 12.00 -73.53
CA GLU E 386 -41.59 12.06 -73.79
C GLU E 386 -40.79 11.34 -72.70
N GLU E 387 -41.23 11.50 -71.46
CA GLU E 387 -40.55 10.87 -70.33
C GLU E 387 -40.79 9.36 -70.39
N ARG E 388 -41.99 8.96 -70.82
CA ARG E 388 -42.32 7.54 -70.93
C ARG E 388 -41.33 6.90 -71.91
N ARG E 389 -41.02 7.62 -72.97
CA ARG E 389 -40.10 7.17 -74.01
C ARG E 389 -38.67 7.08 -73.49
N ALA E 390 -38.34 7.94 -72.54
CA ALA E 390 -37.00 7.98 -71.97
C ALA E 390 -36.70 6.85 -70.98
N VAL E 391 -37.74 6.21 -70.45
CA VAL E 391 -37.55 5.13 -69.49
C VAL E 391 -37.00 3.88 -70.16
N ASN E 392 -36.14 3.16 -69.46
CA ASN E 392 -35.56 1.93 -70.00
C ASN E 392 -36.70 1.05 -70.52
N PRO E 393 -36.80 0.90 -71.85
CA PRO E 393 -37.86 0.09 -72.48
C PRO E 393 -37.93 -1.36 -72.01
N ALA E 394 -36.80 -1.89 -71.54
CA ALA E 394 -36.74 -3.28 -71.10
C ALA E 394 -37.53 -3.61 -69.84
N VAL E 395 -38.02 -2.61 -69.13
CA VAL E 395 -38.80 -2.86 -67.92
C VAL E 395 -40.29 -2.57 -68.09
N ASN E 398 -45.36 -6.00 -71.18
CA ASN E 398 -45.96 -6.40 -72.45
C ASN E 398 -45.88 -7.91 -72.51
N ASP E 399 -46.47 -8.52 -73.52
CA ASP E 399 -46.46 -9.97 -73.66
C ASP E 399 -45.07 -10.58 -73.62
N THR E 400 -44.13 -9.95 -74.30
CA THR E 400 -42.76 -10.45 -74.35
C THR E 400 -42.08 -10.47 -72.98
N LEU E 401 -42.15 -9.36 -72.26
CA LEU E 401 -41.53 -9.30 -70.93
C LEU E 401 -42.23 -10.26 -69.98
N PHE E 402 -43.56 -10.27 -70.04
CA PHE E 402 -44.34 -11.14 -69.19
C PHE E 402 -43.95 -12.60 -69.35
N ASN E 403 -43.85 -13.06 -70.59
CA ASN E 403 -43.46 -14.45 -70.84
C ASN E 403 -42.01 -14.72 -70.47
N ALA E 404 -41.14 -13.74 -70.68
CA ALA E 404 -39.72 -13.91 -70.33
C ALA E 404 -39.56 -14.03 -68.83
N LEU E 405 -40.25 -13.17 -68.08
CA LEU E 405 -40.16 -13.20 -66.63
C LEU E 405 -40.77 -14.48 -66.06
N ASN E 406 -41.90 -14.92 -66.60
CA ASN E 406 -42.50 -16.16 -66.10
C ASN E 406 -41.57 -17.35 -66.33
N ASP E 407 -40.86 -17.36 -67.46
CA ASP E 407 -39.93 -18.45 -67.75
C ASP E 407 -38.77 -18.39 -66.78
N TRP E 408 -38.26 -17.18 -66.55
CA TRP E 408 -37.16 -16.94 -65.63
C TRP E 408 -37.53 -17.48 -64.25
N VAL E 409 -38.74 -17.15 -63.81
CA VAL E 409 -39.21 -17.59 -62.50
C VAL E 409 -39.31 -19.12 -62.42
N ASP E 410 -39.89 -19.75 -63.43
CA ASP E 410 -40.01 -21.19 -63.43
C ASP E 410 -38.64 -21.89 -63.41
N ARG E 411 -37.62 -21.22 -63.95
CA ARG E 411 -36.28 -21.80 -63.98
C ARG E 411 -35.55 -21.71 -62.65
N TYR E 412 -35.61 -20.54 -62.01
CA TYR E 412 -34.87 -20.34 -60.77
C TYR E 412 -35.60 -20.37 -59.42
N TYR E 413 -36.91 -20.14 -59.41
CA TYR E 413 -37.64 -20.11 -58.15
C TYR E 413 -38.09 -21.47 -57.61
N ARG E 414 -37.94 -21.63 -56.29
CA ARG E 414 -38.33 -22.85 -55.61
C ARG E 414 -39.79 -22.72 -55.19
N ASP E 415 -40.46 -23.87 -55.04
CA ASP E 415 -41.86 -23.91 -54.65
C ASP E 415 -41.99 -23.96 -53.14
N ARG E 416 -40.89 -24.28 -52.47
CA ARG E 416 -40.87 -24.37 -51.01
C ARG E 416 -39.61 -23.76 -50.46
N LEU E 417 -39.73 -23.04 -49.35
CA LEU E 417 -38.57 -22.41 -48.73
C LEU E 417 -38.84 -22.13 -47.26
N THR E 418 -37.79 -22.27 -46.44
CA THR E 418 -37.88 -21.99 -45.01
C THR E 418 -36.60 -21.26 -44.61
N ALA E 419 -36.61 -20.62 -43.45
CA ALA E 419 -35.44 -19.88 -42.99
C ALA E 419 -34.19 -20.75 -42.96
N ALA E 420 -34.39 -22.05 -42.70
CA ALA E 420 -33.28 -22.99 -42.63
C ALA E 420 -32.55 -23.14 -43.95
N ASP E 421 -33.24 -22.91 -45.07
CA ASP E 421 -32.63 -23.04 -46.38
C ASP E 421 -31.72 -21.87 -46.74
N LEU E 422 -31.81 -20.79 -45.98
CA LEU E 422 -31.00 -19.61 -46.23
C LEU E 422 -29.50 -19.84 -46.06
N ALA E 423 -29.13 -20.91 -45.38
CA ALA E 423 -27.72 -21.23 -45.15
C ALA E 423 -27.14 -22.06 -46.29
N ASP E 424 -27.99 -22.54 -47.18
CA ASP E 424 -27.57 -23.38 -48.30
C ASP E 424 -26.78 -22.60 -49.35
N PRO E 425 -25.50 -22.95 -49.56
CA PRO E 425 -24.67 -22.27 -50.55
C PRO E 425 -25.23 -22.39 -51.96
N GLN E 426 -26.00 -23.45 -52.19
CA GLN E 426 -26.61 -23.68 -53.49
C GLN E 426 -27.70 -22.63 -53.77
N LEU E 427 -28.45 -22.26 -52.75
CA LEU E 427 -29.49 -21.25 -52.91
C LEU E 427 -28.80 -19.94 -53.28
N LEU E 428 -27.68 -19.67 -52.62
CA LEU E 428 -26.91 -18.46 -52.88
C LEU E 428 -26.48 -18.40 -54.35
N ARG E 429 -25.90 -19.50 -54.82
CA ARG E 429 -25.42 -19.59 -56.21
C ARG E 429 -26.57 -19.45 -57.22
N GLU E 430 -27.71 -20.06 -56.91
CA GLU E 430 -28.87 -20.00 -57.79
C GLU E 430 -29.34 -18.55 -57.93
N GLY E 431 -29.41 -17.86 -56.79
CA GLY E 431 -29.82 -16.47 -56.77
C GLY E 431 -28.89 -15.54 -57.52
N ARG E 432 -27.59 -15.82 -57.46
CA ARG E 432 -26.62 -14.98 -58.15
C ARG E 432 -26.77 -15.12 -59.67
N GLU E 433 -26.87 -16.35 -60.13
CA GLU E 433 -27.02 -16.59 -61.56
C GLU E 433 -28.32 -15.96 -62.02
N ALA E 434 -29.39 -16.22 -61.28
CA ALA E 434 -30.70 -15.67 -61.62
C ALA E 434 -30.63 -14.15 -61.79
N LEU E 435 -30.06 -13.45 -60.82
CA LEU E 435 -29.96 -11.99 -60.90
C LEU E 435 -29.07 -11.53 -62.04
N ASP E 436 -28.02 -12.29 -62.33
CA ASP E 436 -27.14 -11.90 -63.43
C ASP E 436 -27.89 -12.02 -64.76
N VAL E 437 -28.67 -13.08 -64.90
CA VAL E 437 -29.45 -13.30 -66.12
C VAL E 437 -30.54 -12.23 -66.23
N LEU E 438 -31.20 -11.93 -65.10
CA LEU E 438 -32.27 -10.93 -65.10
C LEU E 438 -31.73 -9.55 -65.47
N SER E 439 -30.52 -9.23 -65.02
CA SER E 439 -29.92 -7.94 -65.32
C SER E 439 -29.70 -7.79 -66.82
N GLN E 440 -29.53 -8.92 -67.48
CA GLN E 440 -29.34 -8.92 -68.92
C GLN E 440 -30.69 -8.72 -69.58
N LEU E 441 -31.68 -9.49 -69.12
CA LEU E 441 -33.03 -9.41 -69.66
C LEU E 441 -33.63 -8.01 -69.52
N LEU E 442 -33.44 -7.38 -68.37
CA LEU E 442 -34.00 -6.05 -68.16
C LEU E 442 -33.05 -4.94 -68.60
N ASN E 443 -31.95 -5.33 -69.24
CA ASN E 443 -30.97 -4.37 -69.76
C ASN E 443 -30.55 -3.37 -68.68
N LEU E 444 -30.09 -3.88 -67.54
CA LEU E 444 -29.68 -3.05 -66.43
C LEU E 444 -28.17 -3.01 -66.22
N GLY E 445 -27.46 -3.92 -66.87
CA GLY E 445 -26.01 -3.95 -66.70
C GLY E 445 -25.61 -4.50 -65.34
N SER E 446 -24.37 -4.24 -64.93
CA SER E 446 -23.88 -4.70 -63.64
C SER E 446 -24.42 -3.77 -62.57
N VAL E 447 -25.69 -3.97 -62.23
CA VAL E 447 -26.37 -3.13 -61.26
C VAL E 447 -26.24 -3.57 -59.80
N TYR E 448 -25.95 -4.85 -59.58
CA TYR E 448 -25.82 -5.38 -58.24
C TYR E 448 -24.40 -5.44 -57.69
N PRO E 449 -24.25 -5.31 -56.37
CA PRO E 449 -22.93 -5.34 -55.72
C PRO E 449 -22.08 -6.56 -56.12
N PHE E 450 -22.67 -7.74 -56.13
CA PHE E 450 -21.91 -8.94 -56.47
C PHE E 450 -21.37 -8.90 -57.90
N GLN E 451 -21.99 -8.09 -58.76
CA GLN E 451 -21.54 -7.99 -60.16
C GLN E 451 -20.43 -6.94 -60.31
N ARG E 452 -20.12 -6.25 -59.23
CA ARG E 452 -19.08 -5.22 -59.26
C ARG E 452 -17.78 -5.64 -58.60
N ASN F 13 -24.36 -23.82 -13.90
CA ASN F 13 -25.04 -23.95 -12.57
C ASN F 13 -24.34 -24.99 -11.71
N ALA F 14 -24.38 -24.77 -10.41
CA ALA F 14 -23.73 -25.67 -9.44
C ALA F 14 -24.63 -26.75 -8.88
N TRP F 15 -24.01 -27.88 -8.57
CA TRP F 15 -24.70 -29.02 -7.97
C TRP F 15 -23.96 -29.40 -6.70
N GLU F 16 -24.67 -30.00 -5.75
CA GLU F 16 -24.03 -30.45 -4.53
C GLU F 16 -23.57 -31.86 -4.83
N VAL F 17 -22.27 -32.11 -4.68
CA VAL F 17 -21.71 -33.42 -4.93
C VAL F 17 -21.30 -34.07 -3.61
N ASN F 18 -21.79 -35.28 -3.36
CA ASN F 18 -21.43 -35.99 -2.14
C ASN F 18 -20.16 -36.83 -2.31
N PHE F 19 -19.20 -36.63 -1.43
CA PHE F 19 -17.96 -37.40 -1.44
C PHE F 19 -18.04 -38.29 -0.21
N ASP F 20 -18.09 -39.60 -0.44
CA ASP F 20 -18.18 -40.58 0.66
C ASP F 20 -16.85 -41.25 0.95
N GLY F 21 -16.68 -41.69 2.20
CA GLY F 21 -15.46 -42.35 2.60
C GLY F 21 -15.51 -43.85 2.43
N LEU F 22 -14.56 -44.38 1.68
CA LEU F 22 -14.48 -45.81 1.44
C LEU F 22 -13.84 -46.43 2.69
N VAL F 23 -14.62 -47.25 3.40
CA VAL F 23 -14.15 -47.90 4.63
C VAL F 23 -12.81 -48.62 4.48
N GLY F 24 -11.90 -48.36 5.42
CA GLY F 24 -10.60 -48.99 5.38
C GLY F 24 -10.60 -50.44 5.83
N LEU F 25 -9.49 -51.12 5.54
CA LEU F 25 -9.31 -52.55 5.87
C LEU F 25 -9.22 -52.88 7.36
N THR F 26 -8.84 -51.91 8.19
CA THR F 26 -8.71 -52.20 9.62
C THR F 26 -9.93 -51.83 10.46
N HIS F 27 -11.06 -51.60 9.80
CA HIS F 27 -12.31 -51.28 10.48
C HIS F 27 -12.46 -52.28 11.63
N HIS F 28 -12.56 -51.77 12.86
CA HIS F 28 -12.70 -52.65 14.01
C HIS F 28 -13.35 -51.96 15.22
N TYR F 29 -13.68 -52.76 16.22
CA TYR F 29 -14.31 -52.26 17.44
C TYR F 29 -13.32 -52.25 18.61
N ALA F 30 -13.15 -51.09 19.23
CA ALA F 30 -12.24 -50.94 20.35
C ALA F 30 -12.93 -50.22 21.51
N HIS F 42 -22.74 -51.58 21.74
CA HIS F 42 -22.87 -53.02 21.44
C HIS F 42 -21.76 -53.84 22.13
N ARG F 43 -21.96 -55.15 22.18
CA ARG F 43 -21.00 -56.06 22.82
C ARG F 43 -20.14 -56.78 21.79
N PHE F 44 -20.11 -56.25 20.58
CA PHE F 44 -19.36 -56.92 19.53
C PHE F 44 -17.86 -56.61 19.52
N GLN F 45 -17.07 -57.64 19.25
CA GLN F 45 -15.62 -57.51 19.19
C GLN F 45 -15.15 -57.89 17.80
N VAL F 46 -16.01 -58.60 17.06
CA VAL F 46 -15.67 -59.05 15.71
C VAL F 46 -16.31 -58.15 14.65
N SER F 47 -15.49 -57.51 13.83
CA SER F 47 -15.99 -56.62 12.79
C SER F 47 -15.86 -57.28 11.43
N ASN F 48 -16.55 -56.74 10.45
CA ASN F 48 -16.49 -57.25 9.07
C ASN F 48 -16.10 -56.10 8.13
N PRO F 49 -14.79 -55.86 7.97
CA PRO F 49 -14.27 -54.79 7.11
C PRO F 49 -14.86 -54.81 5.69
N ARG F 50 -14.84 -55.98 5.09
CA ARG F 50 -15.36 -56.14 3.74
C ARG F 50 -16.81 -55.71 3.63
N LEU F 51 -17.65 -56.18 4.54
CA LEU F 51 -19.06 -55.82 4.52
C LEU F 51 -19.26 -54.33 4.79
N ALA F 52 -18.40 -53.77 5.65
CA ALA F 52 -18.49 -52.36 5.98
C ALA F 52 -18.29 -51.52 4.72
N ALA F 53 -17.29 -51.88 3.93
CA ALA F 53 -16.98 -51.17 2.70
C ALA F 53 -18.10 -51.34 1.66
N LYS F 54 -18.55 -52.59 1.49
CA LYS F 54 -19.63 -52.88 0.54
C LYS F 54 -20.90 -52.12 0.87
N GLN F 55 -21.26 -52.04 2.16
CA GLN F 55 -22.47 -51.32 2.57
C GLN F 55 -22.34 -49.86 2.17
N GLY F 56 -21.14 -49.31 2.36
CA GLY F 56 -20.90 -47.93 2.02
C GLY F 56 -20.94 -47.69 0.51
N LEU F 57 -20.36 -48.62 -0.23
CA LEU F 57 -20.33 -48.53 -1.69
C LEU F 57 -21.75 -48.60 -2.23
N LEU F 58 -22.57 -49.48 -1.65
CA LEU F 58 -23.96 -49.60 -2.10
C LEU F 58 -24.72 -48.30 -1.95
N LYS F 59 -24.55 -47.61 -0.83
CA LYS F 59 -25.25 -46.35 -0.62
C LYS F 59 -24.78 -45.35 -1.68
N LYS F 61 -23.47 -45.89 -4.68
CA LYS F 61 -23.98 -46.25 -6.00
C LYS F 61 -25.47 -45.95 -6.16
N ALA F 62 -26.27 -46.31 -5.17
CA ALA F 62 -27.71 -46.08 -5.22
C ALA F 62 -28.02 -44.61 -5.45
N LEU F 63 -27.38 -43.74 -4.67
CA LEU F 63 -27.62 -42.30 -4.81
C LEU F 63 -27.15 -41.84 -6.18
N ALA F 64 -25.98 -42.32 -6.62
CA ALA F 64 -25.46 -41.94 -7.92
C ALA F 64 -26.48 -42.32 -8.99
N ASP F 65 -26.92 -43.57 -8.96
CA ASP F 65 -27.89 -44.06 -9.94
C ASP F 65 -29.17 -43.23 -9.93
N ALA F 66 -29.59 -42.79 -8.74
CA ALA F 66 -30.81 -42.00 -8.62
C ALA F 66 -30.65 -40.56 -9.13
N GLY F 67 -29.44 -40.22 -9.58
CA GLY F 67 -29.22 -38.88 -10.09
C GLY F 67 -28.53 -37.86 -9.19
N PHE F 68 -28.09 -38.29 -8.01
CA PHE F 68 -27.39 -37.38 -7.10
C PHE F 68 -25.88 -37.50 -7.28
N PRO F 69 -25.21 -36.43 -7.74
CA PRO F 69 -23.77 -36.42 -7.96
C PRO F 69 -23.03 -37.08 -6.79
N GLN F 70 -22.22 -38.10 -7.07
CA GLN F 70 -21.50 -38.84 -6.04
C GLN F 70 -20.03 -39.10 -6.40
N ALA F 71 -19.18 -39.06 -5.38
CA ALA F 71 -17.75 -39.30 -5.55
C ALA F 71 -17.24 -40.06 -4.32
N VAL F 72 -15.95 -40.39 -4.31
CA VAL F 72 -15.37 -41.15 -3.22
C VAL F 72 -14.01 -40.64 -2.71
N ILE F 73 -13.74 -40.90 -1.43
CA ILE F 73 -12.50 -40.52 -0.75
C ILE F 73 -11.96 -41.82 -0.14
N PRO F 74 -10.71 -42.18 -0.45
CA PRO F 74 -10.08 -43.41 0.05
C PRO F 74 -9.72 -43.47 1.52
N PRO F 75 -9.50 -44.69 2.04
CA PRO F 75 -9.13 -44.89 3.45
C PRO F 75 -7.67 -44.47 3.68
N HIS F 76 -7.20 -44.59 4.93
CA HIS F 76 -5.83 -44.21 5.24
C HIS F 76 -4.90 -45.39 5.54
N GLU F 77 -3.62 -45.06 5.70
CA GLU F 77 -2.57 -46.03 6.00
C GLU F 77 -2.79 -46.54 7.43
N ARG F 78 -3.18 -47.81 7.56
CA ARG F 78 -3.44 -48.40 8.87
C ARG F 78 -2.99 -49.85 8.92
N PRO F 79 -2.27 -50.26 9.99
CA PRO F 79 -1.84 -49.44 11.14
C PRO F 79 -0.94 -48.31 10.69
N PHE F 80 -0.93 -47.21 11.44
CA PHE F 80 -0.10 -46.07 11.10
C PHE F 80 1.18 -46.12 11.94
N ILE F 81 2.19 -46.81 11.43
CA ILE F 81 3.46 -46.99 12.11
C ILE F 81 4.22 -45.71 12.50
N PRO F 82 4.21 -44.69 11.61
CA PRO F 82 4.93 -43.46 11.95
C PRO F 82 4.63 -42.86 13.33
N VAL F 83 3.38 -42.92 13.78
CA VAL F 83 3.06 -42.36 15.09
C VAL F 83 3.59 -43.26 16.20
N LEU F 84 3.71 -44.55 15.91
CA LEU F 84 4.23 -45.48 16.91
C LEU F 84 5.70 -45.14 17.13
N ARG F 85 6.38 -44.73 16.06
CA ARG F 85 7.79 -44.37 16.17
C ARG F 85 7.89 -43.08 16.99
N GLN F 86 6.94 -42.19 16.77
CA GLN F 86 6.88 -40.92 17.49
C GLN F 86 6.71 -41.19 18.98
N LEU F 87 6.08 -42.31 19.30
CA LEU F 87 5.83 -42.71 20.67
C LEU F 87 7.00 -43.46 21.32
N GLY F 88 8.11 -43.60 20.60
CA GLY F 88 9.26 -44.27 21.17
C GLY F 88 9.61 -45.68 20.73
N PHE F 89 8.82 -46.28 19.86
CA PHE F 89 9.15 -47.63 19.40
C PHE F 89 9.94 -47.57 18.11
N SER F 90 11.15 -48.14 18.14
CA SER F 90 12.03 -48.13 16.99
C SER F 90 12.19 -49.48 16.31
N GLY F 91 12.85 -49.46 15.16
CA GLY F 91 13.08 -50.68 14.40
C GLY F 91 12.41 -50.60 13.05
N SER F 92 12.15 -51.76 12.45
CA SER F 92 11.48 -51.83 11.16
C SER F 92 9.98 -51.80 11.45
N ASP F 93 9.18 -51.55 10.41
CA ASP F 93 7.74 -51.50 10.59
C ASP F 93 7.24 -52.73 11.34
N GLU F 94 7.76 -53.89 10.98
CA GLU F 94 7.33 -55.11 11.64
C GLU F 94 7.84 -55.24 13.07
N GLN F 95 9.05 -54.75 13.34
CA GLN F 95 9.60 -54.82 14.70
C GLN F 95 8.84 -53.86 15.60
N VAL F 96 8.54 -52.67 15.08
CA VAL F 96 7.78 -51.69 15.86
C VAL F 96 6.44 -52.29 16.22
N LEU F 97 5.80 -52.89 15.22
CA LEU F 97 4.50 -53.51 15.42
C LEU F 97 4.60 -54.59 16.49
N GLU F 98 5.67 -55.38 16.44
CA GLU F 98 5.89 -56.46 17.41
C GLU F 98 6.14 -55.89 18.80
N LYS F 99 6.98 -54.87 18.87
CA LYS F 99 7.30 -54.24 20.15
C LYS F 99 6.05 -53.69 20.82
N VAL F 100 5.21 -53.01 20.03
CA VAL F 100 3.99 -52.44 20.57
C VAL F 100 3.03 -53.54 21.00
N ALA F 101 2.90 -54.57 20.17
CA ALA F 101 2.02 -55.68 20.48
C ALA F 101 2.42 -56.29 21.82
N ARG F 102 3.72 -56.48 22.03
CA ARG F 102 4.21 -57.06 23.26
C ARG F 102 4.22 -56.08 24.45
N GLN F 103 4.77 -54.89 24.25
CA GLN F 103 4.88 -53.91 25.31
C GLN F 103 3.68 -53.05 25.63
N ALA F 104 3.03 -52.49 24.60
CA ALA F 104 1.87 -51.63 24.85
C ALA F 104 0.85 -51.80 23.72
N PRO F 105 0.24 -53.00 23.64
CA PRO F 105 -0.77 -53.35 22.64
C PRO F 105 -1.97 -52.43 22.49
N HIS F 106 -2.27 -51.63 23.50
CA HIS F 106 -3.42 -50.74 23.40
C HIS F 106 -3.23 -49.65 22.33
N TRP F 107 -1.99 -49.34 22.00
CA TRP F 107 -1.71 -48.33 20.99
C TRP F 107 -2.09 -48.84 19.59
N LEU F 108 -2.02 -50.16 19.40
CA LEU F 108 -2.35 -50.76 18.10
C LEU F 108 -3.72 -50.32 17.63
N SER F 109 -4.71 -50.40 18.51
CA SER F 109 -6.07 -50.02 18.18
C SER F 109 -6.16 -48.53 17.82
N SER F 110 -5.47 -47.71 18.61
CA SER F 110 -5.49 -46.27 18.41
C SER F 110 -4.86 -45.81 17.10
N VAL F 111 -4.00 -46.63 16.53
CA VAL F 111 -3.37 -46.24 15.28
C VAL F 111 -3.85 -47.10 14.11
N SER F 112 -4.93 -47.84 14.35
CA SER F 112 -5.50 -48.72 13.32
C SER F 112 -6.98 -48.48 13.08
N SER F 113 -7.49 -47.33 13.50
CA SER F 113 -8.90 -47.04 13.31
C SER F 113 -9.23 -46.67 11.87
N ALA F 114 -10.40 -47.10 11.41
CA ALA F 114 -10.85 -46.80 10.06
C ALA F 114 -11.71 -45.53 10.11
N SER F 115 -11.57 -44.77 11.19
CA SER F 115 -12.33 -43.53 11.41
C SER F 115 -12.31 -42.52 10.25
N PRO F 116 -11.27 -42.52 9.40
CA PRO F 116 -11.26 -41.55 8.30
C PRO F 116 -12.45 -41.70 7.36
N TRP F 118 -15.39 -41.44 8.05
CA TRP F 118 -16.37 -40.41 8.34
C TRP F 118 -15.84 -39.07 7.85
N VAL F 119 -15.91 -38.89 6.54
CA VAL F 119 -15.42 -37.68 5.86
C VAL F 119 -16.21 -36.42 6.17
N ALA F 120 -17.30 -36.57 6.91
CA ALA F 120 -18.08 -35.39 7.28
C ALA F 120 -17.17 -34.57 8.18
N ASN F 121 -16.19 -35.23 8.80
CA ASN F 121 -15.25 -34.56 9.69
C ASN F 121 -13.91 -34.25 9.03
N ALA F 122 -13.77 -34.60 7.75
CA ALA F 122 -12.52 -34.36 7.06
C ALA F 122 -12.17 -32.89 6.90
N ALA F 123 -13.17 -32.06 6.63
CA ALA F 123 -12.92 -30.63 6.43
C ALA F 123 -14.21 -29.82 6.37
N THR F 124 -14.05 -28.50 6.21
CA THR F 124 -15.17 -27.58 6.11
C THR F 124 -15.09 -26.99 4.69
N ILE F 125 -16.23 -26.97 4.02
CA ILE F 125 -16.32 -26.51 2.64
C ILE F 125 -16.96 -25.13 2.42
N ALA F 126 -16.38 -24.36 1.50
CA ALA F 126 -16.92 -23.05 1.14
C ALA F 126 -17.06 -23.03 -0.39
N PRO F 127 -18.30 -23.13 -0.90
CA PRO F 127 -18.55 -23.09 -2.35
C PRO F 127 -18.04 -21.77 -2.92
N SER F 128 -17.62 -21.76 -4.18
CA SER F 128 -17.09 -20.53 -4.79
C SER F 128 -18.09 -19.38 -4.79
N ALA F 129 -19.37 -19.70 -4.62
CA ALA F 129 -20.40 -18.68 -4.60
C ALA F 129 -20.38 -17.87 -3.29
N ASP F 130 -19.62 -18.35 -2.31
CA ASP F 130 -19.53 -17.67 -1.02
C ASP F 130 -18.17 -17.09 -0.71
N THR F 131 -17.18 -17.39 -1.54
CA THR F 131 -15.82 -16.92 -1.31
C THR F 131 -15.46 -15.57 -1.91
N LEU F 132 -14.55 -14.87 -1.25
CA LEU F 132 -14.12 -13.56 -1.70
C LEU F 132 -13.23 -13.61 -2.93
N ASP F 133 -12.57 -14.74 -3.16
CA ASP F 133 -11.69 -14.85 -4.32
C ASP F 133 -12.28 -15.76 -5.39
N GLY F 134 -13.57 -16.07 -5.23
CA GLY F 134 -14.27 -16.90 -6.19
C GLY F 134 -13.82 -18.35 -6.39
N LYS F 135 -12.98 -18.88 -5.49
CA LYS F 135 -12.55 -20.27 -5.61
C LYS F 135 -13.22 -21.12 -4.54
N VAL F 136 -13.12 -22.43 -4.70
CA VAL F 136 -13.70 -23.36 -3.72
C VAL F 136 -12.63 -23.57 -2.65
N HIS F 137 -13.01 -23.34 -1.40
CA HIS F 137 -12.09 -23.50 -0.28
C HIS F 137 -12.44 -24.68 0.61
N LEU F 138 -11.41 -25.43 1.01
CA LEU F 138 -11.58 -26.59 1.88
C LEU F 138 -10.49 -26.51 2.96
N THR F 139 -10.93 -26.46 4.22
CA THR F 139 -9.99 -26.41 5.34
C THR F 139 -10.06 -27.72 6.11
N VAL F 140 -8.94 -28.43 6.16
CA VAL F 140 -8.88 -29.72 6.87
C VAL F 140 -9.16 -29.53 8.35
N ALA F 141 -9.95 -30.42 8.94
CA ALA F 141 -10.27 -30.33 10.38
C ALA F 141 -9.17 -31.04 11.19
N ASN F 142 -8.68 -30.40 12.25
CA ASN F 142 -7.64 -31.04 13.06
C ASN F 142 -8.15 -32.24 13.86
N LEU F 143 -9.44 -32.27 14.17
CA LEU F 143 -10.04 -33.37 14.94
C LEU F 143 -9.19 -33.65 16.17
N ASN F 144 -8.78 -32.57 16.84
CA ASN F 144 -7.92 -32.64 18.00
C ASN F 144 -8.43 -33.38 19.23
N ASN F 145 -9.73 -33.36 19.46
CA ASN F 145 -10.29 -34.02 20.64
C ASN F 145 -9.96 -35.50 20.82
N LYS F 146 -10.00 -36.28 19.74
CA LYS F 146 -9.70 -37.70 19.81
C LYS F 146 -8.36 -38.04 19.17
N PHE F 147 -7.46 -38.61 19.96
CA PHE F 147 -6.15 -38.97 19.47
C PHE F 147 -6.18 -39.75 18.14
N HIS F 148 -6.95 -40.83 18.08
CA HIS F 148 -7.00 -41.63 16.85
C HIS F 148 -7.49 -40.86 15.62
N ARG F 149 -8.31 -39.84 15.82
CA ARG F 149 -8.80 -39.06 14.68
C ARG F 149 -7.84 -37.90 14.36
N SER F 150 -7.11 -37.42 15.36
CA SER F 150 -6.18 -36.31 15.14
C SER F 150 -5.07 -36.73 14.18
N LEU F 151 -4.86 -38.03 14.04
CA LEU F 151 -3.82 -38.57 13.16
C LEU F 151 -4.19 -38.39 11.69
N GLU F 152 -5.47 -38.15 11.44
CA GLU F 152 -5.97 -38.02 10.08
C GLU F 152 -5.55 -36.80 9.27
N ALA F 153 -5.64 -35.61 9.86
CA ALA F 153 -5.34 -34.35 9.17
C ALA F 153 -4.25 -34.35 8.08
N PRO F 154 -3.01 -34.72 8.40
CA PRO F 154 -1.94 -34.73 7.39
C PRO F 154 -2.27 -35.53 6.13
N VAL F 155 -2.76 -36.75 6.31
CA VAL F 155 -3.09 -37.61 5.18
C VAL F 155 -4.36 -37.12 4.49
N THR F 156 -5.31 -36.61 5.28
CA THR F 156 -6.54 -36.09 4.71
C THR F 156 -6.20 -34.90 3.81
N GLU F 157 -5.22 -34.10 4.20
CA GLU F 157 -4.83 -32.95 3.39
C GLU F 157 -4.26 -33.43 2.05
N SER F 158 -3.39 -34.44 2.09
CA SER F 158 -2.80 -34.99 0.86
C SER F 158 -3.89 -35.50 -0.09
N LEU F 159 -4.86 -36.23 0.47
CA LEU F 159 -5.96 -36.77 -0.32
C LEU F 159 -6.77 -35.67 -0.99
N LEU F 160 -7.13 -34.64 -0.22
CA LEU F 160 -7.91 -33.55 -0.78
C LEU F 160 -7.17 -32.82 -1.90
N LYS F 161 -5.86 -32.65 -1.72
CA LYS F 161 -5.06 -31.98 -2.73
C LYS F 161 -4.89 -32.83 -3.99
N ALA F 162 -5.02 -34.15 -3.85
CA ALA F 162 -4.90 -35.04 -4.99
C ALA F 162 -6.24 -35.17 -5.72
N ILE F 163 -7.32 -34.88 -5.00
CA ILE F 163 -8.67 -34.96 -5.57
C ILE F 163 -9.07 -33.60 -6.14
N PHE F 164 -8.82 -32.55 -5.37
CA PHE F 164 -9.13 -31.18 -5.81
C PHE F 164 -7.78 -30.58 -6.11
N ASN F 165 -7.14 -31.12 -7.15
CA ASN F 165 -5.80 -30.71 -7.55
C ASN F 165 -5.64 -29.39 -8.31
N ASP F 166 -6.65 -29.00 -9.07
CA ASP F 166 -6.57 -27.76 -9.85
C ASP F 166 -6.60 -26.55 -8.92
N GLU F 167 -5.44 -25.93 -8.70
CA GLU F 167 -5.34 -24.79 -7.81
C GLU F 167 -6.03 -23.49 -8.26
N GLU F 168 -6.43 -23.42 -9.53
CA GLU F 168 -7.13 -22.23 -10.02
C GLU F 168 -8.60 -22.32 -9.63
N LYS F 169 -9.04 -23.54 -9.29
CA LYS F 169 -10.42 -23.76 -8.90
C LYS F 169 -10.57 -24.12 -7.42
N PHE F 170 -9.57 -24.80 -6.85
CA PHE F 170 -9.64 -25.22 -5.46
C PHE F 170 -8.48 -24.75 -4.57
N SER F 171 -8.81 -24.44 -3.32
CA SER F 171 -7.81 -23.99 -2.37
C SER F 171 -7.94 -24.78 -1.06
N VAL F 172 -6.98 -25.67 -0.82
CA VAL F 172 -6.98 -26.50 0.39
C VAL F 172 -6.08 -25.87 1.46
N HIS F 173 -6.66 -25.64 2.64
CA HIS F 173 -5.93 -25.05 3.75
C HIS F 173 -5.62 -26.12 4.81
N SER F 174 -4.44 -26.04 5.41
CA SER F 174 -4.06 -27.01 6.42
C SER F 174 -4.90 -26.83 7.68
N ALA F 175 -4.98 -27.89 8.47
CA ALA F 175 -5.76 -27.89 9.71
C ALA F 175 -5.23 -26.87 10.71
N LEU F 176 -6.14 -26.41 11.57
CA LEU F 176 -5.81 -25.46 12.63
C LEU F 176 -4.87 -26.13 13.63
N PRO F 177 -4.13 -25.33 14.42
CA PRO F 177 -3.21 -25.87 15.42
C PRO F 177 -3.90 -26.92 16.28
N GLN F 178 -3.16 -27.98 16.62
CA GLN F 178 -3.67 -29.08 17.41
C GLN F 178 -3.69 -28.79 18.91
N VAL F 179 -4.71 -28.05 19.36
CA VAL F 179 -4.88 -27.73 20.77
C VAL F 179 -6.36 -27.67 21.07
N ALA F 180 -6.73 -27.99 22.30
CA ALA F 180 -8.12 -28.00 22.72
C ALA F 180 -8.84 -26.68 22.43
N LEU F 181 -8.11 -25.57 22.51
CA LEU F 181 -8.66 -24.24 22.27
C LEU F 181 -9.21 -24.08 20.85
N LEU F 182 -8.64 -24.83 19.91
CA LEU F 182 -9.04 -24.76 18.52
C LEU F 182 -9.59 -26.07 18.00
N GLY F 183 -10.29 -26.81 18.86
CA GLY F 183 -10.86 -28.07 18.44
C GLY F 183 -11.80 -27.86 17.26
N ASP F 184 -11.55 -28.57 16.17
CA ASP F 184 -12.37 -28.44 14.95
C ASP F 184 -12.74 -29.82 14.43
N GLU F 185 -14.04 -30.05 14.23
CA GLU F 185 -14.52 -31.33 13.72
C GLU F 185 -15.11 -31.22 12.29
N GLY F 186 -14.83 -30.09 11.64
CA GLY F 186 -15.26 -29.88 10.26
C GLY F 186 -16.73 -29.75 9.88
N ALA F 187 -17.03 -30.21 8.68
CA ALA F 187 -18.37 -30.14 8.11
C ALA F 187 -19.48 -30.68 9.02
N ALA F 188 -19.17 -31.68 9.84
CA ALA F 188 -20.19 -32.24 10.72
C ALA F 188 -20.87 -31.18 11.57
N ASN F 189 -20.22 -30.02 11.74
CA ASN F 189 -20.80 -28.93 12.51
C ASN F 189 -21.12 -27.73 11.60
N HIS F 190 -21.09 -27.97 10.30
CA HIS F 190 -21.34 -26.93 9.32
C HIS F 190 -22.72 -27.06 8.67
N ASN F 191 -23.22 -25.95 8.13
CA ASN F 191 -24.53 -25.91 7.46
C ASN F 191 -24.53 -24.84 6.39
N ARG F 192 -25.34 -25.01 5.35
CA ARG F 192 -25.41 -24.01 4.30
C ARG F 192 -26.85 -23.89 3.80
N LEU F 193 -27.43 -22.71 3.99
CA LEU F 193 -28.82 -22.46 3.60
C LEU F 193 -28.91 -21.40 2.51
N GLY F 194 -29.91 -21.55 1.64
CA GLY F 194 -30.09 -20.59 0.56
C GLY F 194 -31.00 -21.12 -0.53
N GLY F 195 -31.10 -20.37 -1.63
CA GLY F 195 -31.95 -20.81 -2.73
C GLY F 195 -31.24 -21.93 -3.46
N HIS F 196 -30.83 -21.66 -4.69
CA HIS F 196 -30.12 -22.66 -5.47
C HIS F 196 -28.68 -22.79 -4.96
N TYR F 197 -28.15 -24.01 -5.02
CA TYR F 197 -26.79 -24.28 -4.56
C TYR F 197 -25.76 -23.30 -5.10
N GLY F 198 -25.84 -23.00 -6.39
CA GLY F 198 -24.89 -22.08 -7.01
C GLY F 198 -24.97 -20.61 -6.61
N GLU F 199 -26.04 -20.23 -5.91
CA GLU F 199 -26.18 -18.85 -5.48
C GLU F 199 -25.52 -18.67 -4.13
N PRO F 200 -25.13 -17.43 -3.79
CA PRO F 200 -24.49 -17.18 -2.51
C PRO F 200 -25.39 -17.70 -1.40
N GLY F 201 -24.81 -18.50 -0.49
CA GLY F 201 -25.60 -19.05 0.59
C GLY F 201 -25.25 -18.54 1.96
N GLN F 203 -24.01 -19.48 5.55
CA GLN F 203 -23.28 -20.54 6.24
C GLN F 203 -23.50 -20.45 7.74
N LEU F 204 -23.85 -21.57 8.34
CA LEU F 204 -24.09 -21.64 9.78
C LEU F 204 -23.09 -22.57 10.45
N PHE F 205 -22.23 -22.00 11.29
CA PHE F 205 -21.22 -22.78 12.02
C PHE F 205 -21.73 -23.04 13.44
N VAL F 206 -21.81 -24.31 13.81
CA VAL F 206 -22.27 -24.68 15.14
C VAL F 206 -21.08 -25.14 15.98
N TYR F 207 -20.97 -24.61 17.19
CA TYR F 207 -19.88 -24.97 18.09
C TYR F 207 -20.44 -25.42 19.43
N GLY F 208 -19.62 -26.08 20.23
CA GLY F 208 -20.07 -26.56 21.53
C GLY F 208 -19.58 -25.71 22.70
N ARG F 209 -18.47 -25.00 22.50
CA ARG F 209 -17.92 -24.18 23.55
C ARG F 209 -17.12 -23.00 23.02
N GLU F 210 -16.96 -22.00 23.86
CA GLU F 210 -16.19 -20.81 23.52
C GLU F 210 -15.59 -20.26 24.80
N GLU F 211 -14.42 -19.65 24.69
CA GLU F 211 -13.74 -19.08 25.83
C GLU F 211 -14.55 -17.97 26.49
N GLY F 212 -14.59 -17.97 27.82
CA GLY F 212 -15.32 -16.94 28.54
C GLY F 212 -16.78 -17.29 28.75
N ASN F 213 -17.30 -18.18 27.91
CA ASN F 213 -18.70 -18.60 28.02
C ASN F 213 -18.81 -19.79 28.96
N ASP F 214 -19.40 -19.57 30.14
CA ASP F 214 -19.57 -20.61 31.14
C ASP F 214 -20.55 -21.70 30.71
N THR F 215 -21.29 -21.43 29.64
CA THR F 215 -22.26 -22.38 29.12
C THR F 215 -21.56 -23.37 28.20
N ARG F 216 -21.42 -24.61 28.66
CA ARG F 216 -20.77 -25.64 27.89
C ARG F 216 -21.05 -27.02 28.49
N PRO F 217 -20.90 -28.09 27.70
CA PRO F 217 -21.15 -29.46 28.17
C PRO F 217 -20.41 -29.74 29.47
N SER F 218 -21.00 -30.57 30.33
CA SER F 218 -20.37 -30.90 31.62
C SER F 218 -20.16 -32.40 31.83
N ARG F 219 -20.49 -33.20 30.82
CA ARG F 219 -20.35 -34.64 30.91
C ARG F 219 -19.54 -35.16 29.70
N TYR F 220 -19.76 -34.52 28.55
CA TYR F 220 -19.08 -34.88 27.31
C TYR F 220 -18.43 -33.61 26.75
N PRO F 221 -17.12 -33.44 26.94
CA PRO F 221 -16.43 -32.26 26.44
C PRO F 221 -16.80 -31.89 25.01
N ALA F 222 -16.88 -30.60 24.74
CA ALA F 222 -17.23 -30.11 23.40
C ALA F 222 -16.00 -30.19 22.48
N ARG F 223 -16.14 -30.91 21.38
CA ARG F 223 -15.02 -31.05 20.45
C ARG F 223 -14.83 -29.83 19.55
N GLN F 224 -15.89 -29.04 19.38
CA GLN F 224 -15.82 -27.85 18.53
C GLN F 224 -15.86 -26.57 19.35
N THR F 225 -14.91 -25.67 19.11
CA THR F 225 -14.88 -24.40 19.81
C THR F 225 -15.22 -23.30 18.82
N ARG F 226 -15.79 -22.21 19.32
CA ARG F 226 -16.15 -21.12 18.45
C ARG F 226 -14.89 -20.52 17.83
N GLU F 227 -13.81 -20.47 18.60
CA GLU F 227 -12.56 -19.92 18.09
C GLU F 227 -12.13 -20.67 16.83
N ALA F 228 -12.31 -21.98 16.83
CA ALA F 228 -11.97 -22.80 15.67
C ALA F 228 -12.88 -22.47 14.49
N SER F 229 -14.19 -22.46 14.74
CA SER F 229 -15.17 -22.16 13.70
C SER F 229 -14.88 -20.82 13.02
N GLU F 230 -14.58 -19.81 13.83
CA GLU F 230 -14.29 -18.49 13.30
C GLU F 230 -13.03 -18.46 12.46
N ALA F 231 -12.03 -19.27 12.84
CA ALA F 231 -10.78 -19.31 12.09
C ALA F 231 -10.99 -19.99 10.74
N VAL F 232 -11.81 -21.03 10.73
CA VAL F 232 -12.10 -21.74 9.48
C VAL F 232 -12.86 -20.79 8.56
N ALA F 233 -13.79 -20.02 9.12
CA ALA F 233 -14.58 -19.07 8.34
C ALA F 233 -13.62 -18.13 7.64
N ARG F 234 -12.59 -17.72 8.36
CA ARG F 234 -11.55 -16.82 7.88
C ARG F 234 -10.76 -17.48 6.76
N LEU F 235 -10.24 -18.67 7.04
CA LEU F 235 -9.45 -19.42 6.08
C LEU F 235 -10.21 -19.67 4.78
N ASN F 236 -11.50 -19.95 4.90
CA ASN F 236 -12.32 -20.23 3.72
C ASN F 236 -12.82 -18.98 3.00
N GLN F 237 -12.29 -17.83 3.37
CA GLN F 237 -12.66 -16.54 2.76
C GLN F 237 -14.15 -16.36 2.63
N VAL F 238 -14.87 -16.68 3.70
CA VAL F 238 -16.32 -16.56 3.71
C VAL F 238 -16.76 -15.13 3.92
N ASN F 239 -17.69 -14.67 3.08
CA ASN F 239 -18.24 -13.32 3.19
C ASN F 239 -18.83 -13.17 4.58
N PRO F 240 -18.34 -12.18 5.35
CA PRO F 240 -18.79 -11.91 6.71
C PRO F 240 -20.29 -11.84 6.88
N GLN F 241 -21.00 -11.39 5.86
CA GLN F 241 -22.45 -11.28 5.95
C GLN F 241 -23.17 -12.57 5.60
N GLN F 242 -22.40 -13.57 5.18
CA GLN F 242 -22.98 -14.86 4.83
C GLN F 242 -22.58 -15.95 5.83
N VAL F 243 -22.29 -15.54 7.07
CA VAL F 243 -21.92 -16.49 8.11
C VAL F 243 -22.59 -16.19 9.44
N ILE F 244 -22.98 -17.24 10.14
CA ILE F 244 -23.64 -17.15 11.44
C ILE F 244 -23.04 -18.21 12.34
N PHE F 245 -22.66 -17.82 13.56
CA PHE F 245 -22.14 -18.78 14.50
C PHE F 245 -23.18 -19.00 15.58
N ALA F 246 -23.55 -20.26 15.79
CA ALA F 246 -24.54 -20.60 16.80
C ALA F 246 -23.99 -21.68 17.71
N GLN F 247 -24.32 -21.59 18.99
CA GLN F 247 -23.85 -22.56 19.96
C GLN F 247 -24.84 -23.71 20.08
N GLN F 248 -24.33 -24.93 20.11
CA GLN F 248 -25.18 -26.11 20.25
C GLN F 248 -25.72 -26.10 21.68
N ASN F 249 -26.90 -26.69 21.86
CA ASN F 249 -27.47 -26.76 23.20
C ASN F 249 -26.59 -27.70 24.01
N PRO F 250 -25.99 -27.19 25.11
CA PRO F 250 -25.11 -28.00 25.96
C PRO F 250 -25.74 -29.25 26.56
N ASP F 251 -27.04 -29.19 26.80
CA ASP F 251 -27.75 -30.33 27.38
C ASP F 251 -27.88 -31.48 26.40
N VAL F 252 -27.95 -31.16 25.11
CA VAL F 252 -28.07 -32.20 24.10
C VAL F 252 -26.72 -32.88 23.90
N ILE F 253 -25.65 -32.11 24.05
CA ILE F 253 -24.30 -32.67 23.90
C ILE F 253 -24.05 -33.68 24.99
N ASP F 254 -24.46 -33.36 26.21
CA ASP F 254 -24.26 -34.28 27.33
C ASP F 254 -25.09 -35.54 27.17
N GLN F 255 -25.99 -35.56 26.19
CA GLN F 255 -26.84 -36.72 25.96
C GLN F 255 -26.37 -37.59 24.79
N GLY F 256 -25.28 -37.18 24.14
CA GLY F 256 -24.77 -37.97 23.03
C GLY F 256 -24.61 -37.27 21.71
N VAL F 257 -25.01 -36.00 21.64
CA VAL F 257 -24.89 -35.24 20.41
C VAL F 257 -23.49 -34.59 20.36
N PHE F 258 -22.50 -35.34 19.91
CA PHE F 258 -21.13 -34.82 19.85
C PHE F 258 -20.82 -33.95 18.65
N HIS F 259 -21.74 -33.90 17.70
CA HIS F 259 -21.61 -33.07 16.49
C HIS F 259 -23.01 -32.59 16.11
N ASN F 260 -23.09 -31.45 15.43
CA ASN F 260 -24.38 -30.90 15.02
C ASN F 260 -25.14 -31.85 14.11
N ASP F 261 -24.43 -32.63 13.31
CA ASP F 261 -25.08 -33.54 12.38
C ASP F 261 -25.73 -34.76 13.01
N VAL F 262 -25.97 -34.70 14.31
CA VAL F 262 -26.64 -35.80 15.00
C VAL F 262 -27.94 -35.24 15.60
N ILE F 263 -28.14 -33.93 15.45
CA ILE F 263 -29.33 -33.29 15.98
C ILE F 263 -29.98 -32.33 14.98
N ALA F 264 -29.30 -32.09 13.85
CA ALA F 264 -29.83 -31.19 12.83
C ALA F 264 -29.10 -31.32 11.49
N VAL F 265 -29.82 -31.03 10.41
CA VAL F 265 -29.25 -31.10 9.05
C VAL F 265 -29.94 -30.07 8.16
N SER F 266 -29.17 -29.46 7.27
CA SER F 266 -29.70 -28.44 6.37
C SER F 266 -29.58 -28.84 4.91
N ASN F 267 -30.35 -28.16 4.07
CA ASN F 267 -30.35 -28.39 2.63
C ASN F 267 -31.20 -27.32 1.94
N ARG F 268 -30.57 -26.50 1.12
CA ARG F 268 -31.26 -25.44 0.40
C ARG F 268 -31.90 -24.47 1.40
N GLN F 269 -33.23 -24.36 1.37
CA GLN F 269 -33.91 -23.45 2.30
C GLN F 269 -34.45 -24.13 3.53
N VAL F 270 -34.20 -25.44 3.65
CA VAL F 270 -34.70 -26.20 4.78
C VAL F 270 -33.67 -26.56 5.86
N LEU F 271 -34.09 -26.46 7.12
CA LEU F 271 -33.26 -26.82 8.25
C LEU F 271 -34.08 -27.78 9.11
N PHE F 272 -33.76 -29.06 8.99
CA PHE F 272 -34.44 -30.12 9.73
C PHE F 272 -33.69 -30.30 11.06
N CYS F 273 -34.30 -29.87 12.15
CA CYS F 273 -33.65 -29.98 13.45
C CYS F 273 -34.59 -30.34 14.59
N HIS F 274 -34.00 -30.77 15.70
CA HIS F 274 -34.75 -31.13 16.88
C HIS F 274 -35.00 -29.82 17.64
N GLN F 275 -36.07 -29.77 18.42
CA GLN F 275 -36.38 -28.55 19.16
C GLN F 275 -35.30 -28.20 20.19
N GLN F 276 -34.61 -29.21 20.71
CA GLN F 276 -33.56 -29.00 21.71
C GLN F 276 -32.16 -28.90 21.09
N ALA F 277 -32.11 -28.60 19.80
CA ALA F 277 -30.83 -28.54 19.08
C ALA F 277 -29.90 -27.38 19.42
N PHE F 278 -30.42 -26.15 19.39
CA PHE F 278 -29.60 -24.98 19.64
C PHE F 278 -29.89 -24.22 20.93
N ALA F 279 -28.84 -23.62 21.49
CA ALA F 279 -28.92 -22.85 22.73
C ALA F 279 -30.01 -21.77 22.67
N ARG F 280 -29.93 -20.88 21.68
CA ARG F 280 -30.93 -19.81 21.53
C ARG F 280 -31.69 -20.08 20.25
N GLN F 281 -32.28 -21.27 20.15
CA GLN F 281 -33.01 -21.67 18.96
C GLN F 281 -33.98 -20.65 18.39
N SER F 282 -34.92 -20.19 19.21
CA SER F 282 -35.89 -19.22 18.73
C SER F 282 -35.22 -18.07 18.00
N GLN F 283 -34.21 -17.49 18.63
CA GLN F 283 -33.46 -16.38 18.03
C GLN F 283 -32.79 -16.76 16.73
N LEU F 284 -32.14 -17.93 16.71
CA LEU F 284 -31.44 -18.41 15.52
C LEU F 284 -32.38 -18.55 14.34
N LEU F 285 -33.48 -19.28 14.53
CA LEU F 285 -34.44 -19.50 13.46
C LEU F 285 -35.00 -18.20 12.92
N ALA F 286 -35.36 -17.29 13.81
CA ALA F 286 -35.92 -16.00 13.40
C ALA F 286 -34.91 -15.29 12.52
N ASN F 287 -33.64 -15.35 12.93
CA ASN F 287 -32.56 -14.72 12.17
C ASN F 287 -32.43 -15.33 10.78
N LEU F 288 -32.50 -16.66 10.70
CA LEU F 288 -32.40 -17.32 9.40
C LEU F 288 -33.59 -16.93 8.52
N ARG F 289 -34.77 -16.83 9.13
CA ARG F 289 -35.96 -16.45 8.37
C ARG F 289 -35.76 -15.07 7.75
N ALA F 290 -35.10 -14.19 8.49
CA ALA F 290 -34.86 -12.83 8.01
C ALA F 290 -33.77 -12.75 6.95
N ARG F 291 -32.82 -13.68 7.00
CA ARG F 291 -31.70 -13.67 6.05
C ARG F 291 -31.79 -14.67 4.89
N VAL F 292 -32.59 -15.71 5.05
CA VAL F 292 -32.72 -16.72 4.00
C VAL F 292 -34.11 -16.71 3.36
N ASN F 293 -34.15 -16.33 2.09
CA ASN F 293 -35.40 -16.28 1.33
C ASN F 293 -36.08 -17.64 1.30
N GLY F 294 -37.35 -17.70 1.70
CA GLY F 294 -38.08 -18.95 1.69
C GLY F 294 -37.64 -19.94 2.75
N PHE F 295 -36.75 -19.50 3.64
CA PHE F 295 -36.28 -20.37 4.71
C PHE F 295 -37.43 -21.05 5.44
N ALA F 297 -38.01 -23.88 8.68
CA ALA F 297 -37.44 -24.67 9.76
C ALA F 297 -38.42 -25.77 10.15
N ILE F 298 -37.97 -27.01 10.10
CA ILE F 298 -38.80 -28.14 10.48
C ILE F 298 -38.27 -28.65 11.82
N GLU F 299 -38.90 -28.22 12.91
CA GLU F 299 -38.49 -28.63 14.26
C GLU F 299 -39.25 -29.85 14.74
N VAL F 300 -38.51 -30.85 15.22
CA VAL F 300 -39.14 -32.05 15.74
C VAL F 300 -39.27 -31.86 17.24
N PRO F 301 -40.51 -31.72 17.74
CA PRO F 301 -40.76 -31.55 19.17
C PRO F 301 -40.36 -32.78 19.97
N ALA F 302 -39.85 -32.58 21.19
CA ALA F 302 -39.41 -33.68 22.04
C ALA F 302 -40.54 -34.66 22.33
N THR F 303 -41.76 -34.16 22.39
CA THR F 303 -42.92 -35.00 22.65
C THR F 303 -42.96 -36.15 21.65
N GLN F 304 -42.75 -35.80 20.38
CA GLN F 304 -42.73 -36.75 19.27
C GLN F 304 -41.51 -37.66 19.31
N VAL F 305 -40.34 -37.05 19.36
CA VAL F 305 -39.09 -37.81 19.40
C VAL F 305 -38.14 -37.20 20.42
N SER F 306 -37.74 -38.02 21.39
CA SER F 306 -36.84 -37.56 22.43
C SER F 306 -35.39 -37.50 21.91
N VAL F 307 -34.54 -36.87 22.71
CA VAL F 307 -33.12 -36.75 22.37
C VAL F 307 -32.55 -38.16 22.35
N SER F 308 -32.95 -38.97 23.32
CA SER F 308 -32.49 -40.35 23.41
C SER F 308 -32.78 -41.10 22.12
N ASP F 309 -34.02 -40.98 21.65
CA ASP F 309 -34.46 -41.64 20.42
C ASP F 309 -33.61 -41.13 19.25
N THR F 310 -33.34 -39.82 19.28
CA THR F 310 -32.54 -39.17 18.25
C THR F 310 -31.15 -39.77 18.17
N VAL F 311 -30.51 -39.93 19.33
CA VAL F 311 -29.17 -40.49 19.41
C VAL F 311 -29.09 -41.96 19.03
N SER F 312 -30.10 -42.74 19.39
CA SER F 312 -30.12 -44.17 19.08
C SER F 312 -30.46 -44.50 17.63
N THR F 313 -31.31 -43.68 17.01
CA THR F 313 -31.72 -43.92 15.62
C THR F 313 -30.89 -43.15 14.60
N TYR F 314 -30.29 -42.04 15.03
CA TYR F 314 -29.50 -41.19 14.15
C TYR F 314 -30.42 -40.56 13.11
N LEU F 315 -31.61 -40.19 13.55
CA LEU F 315 -32.61 -39.55 12.73
C LEU F 315 -32.04 -38.32 12.02
N PHE F 316 -31.25 -37.54 12.75
CA PHE F 316 -30.67 -36.33 12.18
C PHE F 316 -29.33 -36.48 11.47
N ASN F 317 -28.78 -37.69 11.46
CA ASN F 317 -27.52 -37.92 10.77
C ASN F 317 -27.89 -38.44 9.39
N SER F 318 -29.03 -37.96 8.90
CA SER F 318 -29.53 -38.36 7.60
C SER F 318 -29.12 -37.33 6.55
N GLN F 319 -29.18 -37.73 5.29
CA GLN F 319 -28.84 -36.83 4.20
C GLN F 319 -30.14 -36.25 3.64
N LEU F 320 -30.21 -34.93 3.54
CA LEU F 320 -31.38 -34.26 3.00
C LEU F 320 -31.01 -33.83 1.57
N LEU F 321 -31.49 -34.58 0.59
CA LEU F 321 -31.18 -34.35 -0.82
C LEU F 321 -32.25 -33.58 -1.62
N SER F 322 -31.83 -32.95 -2.71
CA SER F 322 -32.73 -32.20 -3.58
C SER F 322 -32.84 -32.82 -4.98
N ARG F 323 -34.07 -32.85 -5.50
CA ARG F 323 -34.34 -33.35 -6.85
C ARG F 323 -34.39 -32.10 -7.72
N ASP F 324 -34.46 -32.27 -9.04
CA ASP F 324 -34.51 -31.13 -9.93
C ASP F 324 -35.78 -30.30 -9.80
N ASP F 325 -36.89 -30.96 -9.46
CA ASP F 325 -38.17 -30.27 -9.32
C ASP F 325 -38.28 -29.49 -8.01
N GLY F 326 -37.24 -29.56 -7.18
CA GLY F 326 -37.28 -28.85 -5.91
C GLY F 326 -37.72 -29.72 -4.74
N SER F 327 -38.20 -30.93 -5.03
CA SER F 327 -38.62 -31.84 -3.97
C SER F 327 -37.37 -32.39 -3.29
N LEU F 330 -35.05 -37.90 2.05
CA LEU F 330 -34.32 -38.12 3.29
C LEU F 330 -33.66 -39.50 3.28
N VAL F 331 -32.33 -39.54 3.35
CA VAL F 331 -31.61 -40.81 3.36
C VAL F 331 -31.35 -41.13 4.82
N LEU F 332 -31.91 -42.23 5.30
CA LEU F 332 -31.76 -42.62 6.70
C LEU F 332 -31.17 -44.00 6.94
N PRO F 333 -30.64 -44.23 8.15
CA PRO F 333 -30.05 -45.51 8.50
C PRO F 333 -31.20 -46.44 8.90
N GLN F 334 -30.99 -47.74 8.77
CA GLN F 334 -32.01 -48.73 9.12
C GLN F 334 -32.66 -48.56 10.50
N GLU F 335 -31.89 -48.03 11.46
CA GLU F 335 -32.40 -47.85 12.81
C GLU F 335 -33.63 -46.95 12.87
N CYS F 336 -33.78 -46.05 11.91
CA CYS F 336 -34.92 -45.16 11.88
C CYS F 336 -36.21 -45.88 11.48
N ARG F 337 -36.07 -46.92 10.67
CA ARG F 337 -37.23 -47.69 10.24
C ARG F 337 -37.60 -48.69 11.31
N GLU F 338 -36.62 -49.17 12.06
CA GLU F 338 -36.83 -50.14 13.12
C GLU F 338 -37.39 -49.51 14.38
N HIS F 339 -37.44 -48.19 14.42
CA HIS F 339 -37.96 -47.48 15.59
C HIS F 339 -39.36 -46.97 15.25
N ALA F 340 -40.37 -47.64 15.78
CA ALA F 340 -41.77 -47.29 15.53
C ALA F 340 -42.04 -45.80 15.70
N GLY F 341 -41.57 -45.24 16.80
CA GLY F 341 -41.78 -43.83 17.07
C GLY F 341 -41.21 -42.90 16.02
N VAL F 342 -39.96 -43.13 15.62
CA VAL F 342 -39.32 -42.27 14.63
C VAL F 342 -39.91 -42.51 13.25
N TRP F 343 -40.09 -43.78 12.89
CA TRP F 343 -40.66 -44.13 11.59
C TRP F 343 -42.04 -43.48 11.46
N GLY F 344 -42.80 -43.50 12.56
CA GLY F 344 -44.12 -42.92 12.55
C GLY F 344 -44.04 -41.44 12.23
N TYR F 345 -43.12 -40.75 12.90
CA TYR F 345 -42.93 -39.32 12.71
C TYR F 345 -42.55 -39.01 11.27
N LEU F 346 -41.64 -39.81 10.73
CA LEU F 346 -41.17 -39.62 9.36
C LEU F 346 -42.31 -39.74 8.34
N ASN F 347 -43.19 -40.72 8.53
CA ASN F 347 -44.31 -40.88 7.60
C ASN F 347 -45.24 -39.68 7.69
N GLU F 348 -45.34 -39.10 8.88
CA GLU F 348 -46.17 -37.93 9.11
C GLU F 348 -45.52 -36.74 8.38
N LEU F 349 -44.21 -36.63 8.52
CA LEU F 349 -43.45 -35.56 7.90
C LEU F 349 -43.57 -35.63 6.39
N LEU F 350 -43.59 -36.87 5.89
CA LEU F 350 -43.68 -37.15 4.45
C LEU F 350 -44.98 -36.60 3.86
N ALA F 351 -46.06 -36.69 4.65
CA ALA F 351 -47.37 -36.23 4.20
C ALA F 351 -47.64 -34.77 4.50
N ALA F 352 -46.86 -34.19 5.42
CA ALA F 352 -47.03 -32.80 5.80
C ALA F 352 -46.63 -31.85 4.68
N ASP F 353 -46.94 -30.57 4.88
CA ASP F 353 -46.66 -29.52 3.90
C ASP F 353 -45.20 -29.06 3.91
N ASN F 354 -44.34 -29.79 3.18
CA ASN F 354 -42.92 -29.45 3.10
C ASN F 354 -42.32 -30.16 1.88
N PRO F 355 -41.08 -29.81 1.50
CA PRO F 355 -40.39 -30.39 0.35
C PRO F 355 -40.07 -31.89 0.37
N ILE F 356 -39.98 -32.47 1.57
CA ILE F 356 -39.64 -33.88 1.70
C ILE F 356 -40.72 -34.80 1.13
N SER F 357 -40.42 -35.41 -0.01
CA SER F 357 -41.40 -36.28 -0.67
C SER F 357 -41.01 -37.76 -0.71
N GLU F 358 -39.82 -38.10 -0.22
CA GLU F 358 -39.41 -39.49 -0.23
C GLU F 358 -38.45 -39.84 0.89
N LEU F 359 -38.56 -41.08 1.36
CA LEU F 359 -37.70 -41.58 2.41
C LEU F 359 -36.92 -42.75 1.85
N LYS F 360 -35.62 -42.77 2.08
CA LYS F 360 -34.79 -43.86 1.59
C LYS F 360 -33.94 -44.38 2.74
N VAL F 361 -34.01 -45.69 2.96
CA VAL F 361 -33.27 -46.33 4.04
C VAL F 361 -32.14 -47.24 3.54
N PHE F 362 -31.02 -47.20 4.25
CA PHE F 362 -29.87 -48.05 3.92
C PHE F 362 -29.35 -48.80 5.14
N ASP F 363 -28.85 -50.02 4.90
CA ASP F 363 -28.30 -50.83 5.97
C ASP F 363 -26.83 -50.44 6.11
N LEU F 364 -26.52 -49.77 7.22
CA LEU F 364 -25.15 -49.32 7.50
C LEU F 364 -24.75 -49.75 8.90
N ARG F 365 -25.08 -50.99 9.24
CA ARG F 365 -24.79 -51.53 10.56
C ARG F 365 -23.33 -51.42 10.99
N GLU F 366 -22.40 -51.74 10.09
CA GLU F 366 -20.98 -51.68 10.43
C GLU F 366 -20.56 -50.29 10.89
N SER F 367 -20.87 -49.27 10.09
CA SER F 367 -20.52 -47.90 10.45
C SER F 367 -21.29 -47.43 11.69
N ALA F 369 -22.25 -49.13 14.09
CA ALA F 369 -21.71 -49.81 15.26
C ALA F 369 -20.63 -48.94 15.91
N ASN F 370 -19.95 -48.12 15.10
CA ASN F 370 -18.92 -47.24 15.61
C ASN F 370 -19.38 -45.79 15.73
N GLY F 371 -20.68 -45.56 15.54
CA GLY F 371 -21.21 -44.21 15.66
C GLY F 371 -21.33 -43.36 14.40
N GLY F 372 -21.42 -43.99 13.24
CA GLY F 372 -21.53 -43.25 12.00
C GLY F 372 -22.73 -43.60 11.14
N GLY F 373 -23.52 -42.59 10.80
CA GLY F 373 -24.70 -42.78 9.98
C GLY F 373 -24.43 -42.34 8.54
N PRO F 374 -25.48 -42.25 7.70
CA PRO F 374 -25.35 -41.84 6.30
C PRO F 374 -24.60 -40.52 6.09
N ALA F 375 -24.90 -39.52 6.90
CA ALA F 375 -24.27 -38.21 6.76
C ALA F 375 -22.82 -38.21 7.23
N CYS F 376 -22.52 -38.99 8.27
CA CYS F 376 -21.16 -39.06 8.80
C CYS F 376 -20.21 -39.55 7.73
N LEU F 377 -20.71 -40.42 6.85
CA LEU F 377 -19.92 -41.00 5.78
C LEU F 377 -19.79 -40.12 4.53
N ARG F 378 -20.38 -38.92 4.55
CA ARG F 378 -20.30 -38.08 3.35
C ARG F 378 -19.94 -36.63 3.60
N LEU F 379 -19.26 -36.04 2.62
CA LEU F 379 -18.85 -34.65 2.67
C LEU F 379 -19.48 -33.92 1.48
N ARG F 380 -20.31 -32.92 1.76
CA ARG F 380 -21.00 -32.16 0.72
C ARG F 380 -20.17 -31.04 0.12
N VAL F 381 -20.00 -31.10 -1.20
CA VAL F 381 -19.21 -30.11 -1.92
C VAL F 381 -19.98 -29.53 -3.11
N VAL F 382 -20.47 -28.30 -2.97
CA VAL F 382 -21.20 -27.66 -4.07
C VAL F 382 -20.17 -27.23 -5.12
N LEU F 383 -20.34 -27.71 -6.35
CA LEU F 383 -19.42 -27.39 -7.42
C LEU F 383 -20.12 -26.92 -8.70
N THR F 384 -19.53 -25.92 -9.36
CA THR F 384 -20.10 -25.43 -10.61
C THR F 384 -19.75 -26.47 -11.66
N GLU F 385 -20.33 -26.34 -12.85
CA GLU F 385 -20.08 -27.26 -13.95
C GLU F 385 -18.58 -27.32 -14.29
N GLU F 386 -17.94 -26.15 -14.29
CA GLU F 386 -16.51 -26.09 -14.61
C GLU F 386 -15.66 -26.68 -13.49
N GLU F 387 -16.09 -26.48 -12.25
CA GLU F 387 -15.39 -27.00 -11.09
C GLU F 387 -15.53 -28.52 -11.07
N ARG F 388 -16.71 -29.01 -11.43
CA ARG F 388 -16.97 -30.45 -11.46
C ARG F 388 -16.00 -31.10 -12.43
N ARG F 389 -15.74 -30.42 -13.53
CA ARG F 389 -14.85 -30.91 -14.57
C ARG F 389 -13.39 -30.91 -14.11
N ALA F 390 -13.06 -29.99 -13.21
CA ALA F 390 -11.70 -29.85 -12.68
C ALA F 390 -11.33 -30.90 -11.64
N VAL F 391 -12.33 -31.54 -11.05
CA VAL F 391 -12.09 -32.56 -10.03
C VAL F 391 -11.51 -33.83 -10.64
N ASN F 392 -10.59 -34.48 -9.93
CA ASN F 392 -9.98 -35.71 -10.41
C ASN F 392 -11.10 -36.65 -10.85
N PRO F 393 -11.23 -36.88 -12.16
CA PRO F 393 -12.28 -37.76 -12.68
C PRO F 393 -12.26 -39.20 -12.14
N ALA F 394 -11.10 -39.65 -11.70
CA ALA F 394 -10.97 -41.01 -11.20
C ALA F 394 -11.71 -41.31 -9.90
N VAL F 395 -12.23 -40.27 -9.22
CA VAL F 395 -12.96 -40.49 -7.98
C VAL F 395 -14.46 -40.28 -8.11
N ASN F 398 -19.48 -44.06 -10.84
CA ASN F 398 -20.10 -44.58 -12.05
C ASN F 398 -19.94 -46.09 -12.03
N ASP F 399 -20.56 -46.77 -12.99
CA ASP F 399 -20.48 -48.23 -13.04
C ASP F 399 -19.05 -48.77 -13.01
N THR F 400 -18.16 -48.14 -13.76
CA THR F 400 -16.78 -48.58 -13.83
C THR F 400 -16.06 -48.49 -12.48
N LEU F 401 -16.15 -47.34 -11.83
CA LEU F 401 -15.48 -47.20 -10.54
C LEU F 401 -16.11 -48.13 -9.51
N PHE F 402 -17.45 -48.20 -9.52
CA PHE F 402 -18.19 -49.06 -8.60
C PHE F 402 -17.71 -50.51 -8.70
N ASN F 403 -17.64 -51.04 -9.91
CA ASN F 403 -17.19 -52.42 -10.12
C ASN F 403 -15.73 -52.60 -9.75
N ALA F 404 -14.91 -51.60 -10.05
CA ALA F 404 -13.48 -51.67 -9.73
C ALA F 404 -13.27 -51.70 -8.21
N LEU F 405 -13.97 -50.83 -7.49
CA LEU F 405 -13.85 -50.77 -6.04
C LEU F 405 -14.35 -52.06 -5.41
N ASN F 406 -15.49 -52.58 -5.88
CA ASN F 406 -16.04 -53.81 -5.33
C ASN F 406 -15.05 -54.96 -5.49
N ASP F 407 -14.38 -55.01 -6.63
CA ASP F 407 -13.41 -56.08 -6.87
C ASP F 407 -12.22 -55.91 -5.95
N TRP F 408 -11.76 -54.67 -5.81
CA TRP F 408 -10.63 -54.35 -4.95
C TRP F 408 -10.95 -54.79 -3.52
N VAL F 409 -12.17 -54.50 -3.06
CA VAL F 409 -12.59 -54.89 -1.72
C VAL F 409 -12.60 -56.40 -1.54
N ASP F 410 -13.18 -57.11 -2.51
CA ASP F 410 -13.25 -58.57 -2.43
C ASP F 410 -11.86 -59.19 -2.39
N ARG F 411 -10.89 -58.52 -2.99
CA ARG F 411 -9.52 -59.02 -3.04
C ARG F 411 -8.75 -58.83 -1.74
N TYR F 412 -8.83 -57.64 -1.17
CA TYR F 412 -8.08 -57.32 0.05
C TYR F 412 -8.77 -57.32 1.41
N TYR F 413 -10.09 -57.13 1.45
CA TYR F 413 -10.78 -57.06 2.74
C TYR F 413 -11.16 -58.40 3.36
N ARG F 414 -10.96 -58.49 4.67
CA ARG F 414 -11.29 -59.68 5.44
C ARG F 414 -12.75 -59.60 5.89
N ASP F 415 -13.35 -60.77 6.12
CA ASP F 415 -14.74 -60.85 6.56
C ASP F 415 -14.82 -60.82 8.07
N ARG F 416 -13.70 -61.05 8.73
CA ARG F 416 -13.64 -61.07 10.19
C ARG F 416 -12.37 -60.37 10.67
N LEU F 417 -12.48 -59.59 11.74
CA LEU F 417 -11.34 -58.87 12.28
C LEU F 417 -11.59 -58.53 13.75
N THR F 418 -10.51 -58.55 14.54
CA THR F 418 -10.56 -58.23 15.97
C THR F 418 -9.33 -57.40 16.27
N ALA F 419 -9.33 -56.71 17.40
CA ALA F 419 -8.19 -55.88 17.79
C ALA F 419 -6.90 -56.71 17.82
N ALA F 420 -7.04 -57.99 18.16
CA ALA F 420 -5.90 -58.88 18.25
C ALA F 420 -5.19 -59.10 16.92
N ASP F 421 -5.91 -58.94 15.81
CA ASP F 421 -5.31 -59.15 14.50
C ASP F 421 -4.47 -57.95 14.03
N LEU F 422 -4.58 -56.84 14.74
CA LEU F 422 -3.85 -55.63 14.38
C LEU F 422 -2.33 -55.80 14.53
N ALA F 423 -1.90 -56.81 15.26
CA ALA F 423 -0.47 -57.05 15.47
C ALA F 423 0.13 -57.93 14.37
N ASP F 424 -0.73 -58.48 13.52
CA ASP F 424 -0.33 -59.36 12.43
C ASP F 424 0.39 -58.62 11.30
N PRO F 425 1.68 -58.93 11.09
CA PRO F 425 2.49 -58.31 10.04
C PRO F 425 1.87 -58.52 8.65
N GLN F 426 1.15 -59.63 8.49
CA GLN F 426 0.54 -59.89 7.20
C GLN F 426 -0.62 -58.93 6.92
N LEU F 427 -1.36 -58.53 7.96
CA LEU F 427 -2.46 -57.59 7.77
C LEU F 427 -1.82 -56.27 7.31
N LEU F 428 -0.70 -55.92 7.92
CA LEU F 428 0.02 -54.70 7.57
C LEU F 428 0.40 -54.70 6.09
N ARG F 429 1.02 -55.80 5.65
CA ARG F 429 1.44 -55.96 4.25
C ARG F 429 0.27 -55.93 3.27
N GLU F 430 -0.83 -56.57 3.65
CA GLU F 430 -2.01 -56.59 2.79
C GLU F 430 -2.54 -55.17 2.60
N GLY F 431 -2.60 -54.43 3.71
CA GLY F 431 -3.09 -53.07 3.66
C GLY F 431 -2.22 -52.14 2.83
N ARG F 432 -0.90 -52.34 2.88
CA ARG F 432 0.02 -51.51 2.10
C ARG F 432 -0.17 -51.76 0.60
N GLU F 433 -0.22 -53.02 0.20
CA GLU F 433 -0.42 -53.34 -1.21
C GLU F 433 -1.76 -52.78 -1.66
N ALA F 434 -2.80 -53.05 -0.87
CA ALA F 434 -4.13 -52.57 -1.19
C ALA F 434 -4.14 -51.07 -1.46
N LEU F 435 -3.56 -50.28 -0.55
CA LEU F 435 -3.54 -48.84 -0.73
C LEU F 435 -2.70 -48.40 -1.91
N ASP F 436 -1.63 -49.14 -2.19
CA ASP F 436 -0.80 -48.78 -3.32
C ASP F 436 -1.57 -49.01 -4.63
N VAL F 437 -2.31 -50.11 -4.69
CA VAL F 437 -3.10 -50.42 -5.87
C VAL F 437 -4.25 -49.41 -6.00
N LEU F 438 -4.89 -49.08 -4.88
CA LEU F 438 -6.00 -48.12 -4.90
C LEU F 438 -5.52 -46.74 -5.37
N SER F 439 -4.33 -46.33 -4.94
CA SER F 439 -3.81 -45.03 -5.34
C SER F 439 -3.62 -44.97 -6.85
N GLN F 440 -3.42 -46.13 -7.47
CA GLN F 440 -3.24 -46.19 -8.91
C GLN F 440 -4.63 -46.10 -9.55
N LEU F 441 -5.58 -46.88 -9.02
CA LEU F 441 -6.96 -46.89 -9.51
C LEU F 441 -7.61 -45.51 -9.44
N LEU F 442 -7.40 -44.80 -8.33
CA LEU F 442 -8.00 -43.48 -8.16
C LEU F 442 -7.12 -42.38 -8.71
N ASN F 443 -6.02 -42.76 -9.33
CA ASN F 443 -5.10 -41.82 -9.95
C ASN F 443 -4.70 -40.71 -8.95
N LEU F 444 -4.19 -41.13 -7.79
CA LEU F 444 -3.78 -40.20 -6.75
C LEU F 444 -2.27 -40.10 -6.59
N GLY F 445 -1.54 -41.01 -7.21
CA GLY F 445 -0.09 -40.98 -7.09
C GLY F 445 0.36 -41.44 -5.71
N SER F 446 1.60 -41.11 -5.37
CA SER F 446 2.17 -41.46 -4.07
C SER F 446 1.61 -40.51 -3.03
N VAL F 447 0.36 -40.73 -2.65
CA VAL F 447 -0.31 -39.85 -1.69
C VAL F 447 -0.13 -40.22 -0.22
N TYR F 448 0.24 -41.48 0.06
CA TYR F 448 0.41 -41.93 1.44
C TYR F 448 1.85 -41.89 1.94
N PRO F 449 2.03 -41.66 3.26
CA PRO F 449 3.37 -41.62 3.84
C PRO F 449 4.26 -42.81 3.49
N PHE F 450 3.71 -44.02 3.57
CA PHE F 450 4.52 -45.20 3.28
C PHE F 450 5.02 -45.23 1.83
N GLN F 451 4.35 -44.51 0.95
CA GLN F 451 4.73 -44.45 -0.47
C GLN F 451 5.80 -43.41 -0.71
N ARG F 452 6.11 -42.62 0.32
CA ARG F 452 7.10 -41.56 0.18
C ARG F 452 8.44 -41.89 0.84
#